data_3C2P
#
_entry.id   3C2P
#
_cell.length_a   81.463
_cell.length_b   111.194
_cell.length_c   276.870
_cell.angle_alpha   90.000
_cell.angle_beta   90.000
_cell.angle_gamma   90.000
#
_symmetry.space_group_name_H-M   'P 21 21 21'
#
loop_
_entity.id
_entity.type
_entity.pdbx_description
1 polymer 'P1 Promoter DNA'
2 polymer 'Virion RNA polymerase'
3 water water
#
loop_
_entity_poly.entity_id
_entity_poly.type
_entity_poly.pdbx_seq_one_letter_code
_entity_poly.pdbx_strand_id
1 'polydeoxyribonucleotide'
;(DT)(DG)(DC)(DC)(DT)(DC)(DC)(DC)(DA)(DG)(DG)(DC)(DA)(DG)(DT)(DC)(DA)(DA)(DA)(DA)
(DG)(DT)(DT)(DG)(DC)(DG)(DA)(DA)(DG)(DC)(DA)(DA)(DC)
;
C,D
2 'polypeptide(L)'
;MGGSHHHHHHRSESTVTEELKEGIDAVYPSLVGTADSKAEGIKNYFKLSFTLPEEQKSRTVGSEAPLKDVAQALSSRARY
ELFTEKETANPAFNGEVIKRYKELMEHGEGIADILRSRLAKFLNTKDVGKRFAQGTEANRWVGGKLLNIVEQDGDTFKYN
EQLLQTAVLAGLQWRLTATSNTAIKDAKDVAAITGIDQALLPEGLVEQFDTGMTLTEAVSSLAQKIESYWGLSRNPNAPL
GYTKGIPTAMAAEILAAFVESTDVVENIVDMSEIDPDNKKTIGLYTITELDSFDPINSFPTAIEEAVLVNPTEKMFFGDD
IPPVANTQLRNPAVRNTPEQKAALKAEQATEFYVHTPMVQFYETLGKDRILELMGAGTLNKELLNDNHAKSLEGKNRSVE
DSYNQLFSVIEQVRAQSEDISTVPIHYAYNMTRVGRMQMLGKYNPQSAKLVREAILPTKATLDLSNQNNEDFSAFQLGLA
QALDIKVHTMTREVMSDELTKLLEGNLKPAIDMMVEFNTTGSLPENAVDVLNTALGDRKSFVALMALMEYSRYLVAEDKS
AFVTPLYVEADGVTNGPINAMMLMTGGLFTPDWIRNIAKGGLFIGSPNKTMNEHRSTADNNDLYQASTNALMESLGKLRS
NYASNMPIQSQIDSLLSLMDLFLPDINLGENGALELKRGIAKNPLTITIYGSGARGIAGKLVSSVTDAIYERMSDVLKAR
AKDPNISAAMAMFGKQAASEAHAEELLARFLKDMETLTSTVPVKRKGVLELQSTGTGAKGKINPKTYTIKGEQLKALQEN
MLHFFVEPLRNGITQTVGESLVYSTEQLQKATQIQSVVLEDMFKQRVQEKLAEKAKDPTWKKGDFLTQKELNDIQASLNN
LAPMIETGSQTFYIAGSENAEVANQVLATNLDDRMRVPMSIYAPAQAGVAGIPFMTIGTGDGMMMQTLSTMKGAPKNTLK
IFDGMNIGLNDITDASRKANEAVYTSWQGNPIKNVYESYAKFMKNVDFSKLSPEALEAIGKSALEYDQRENATVDDIANA
ASLIERNLRNIALGVDIRHKVLDKVNLSIDQMAAVGAPYQNNGKIDLSNMTPEQQADELNKLFREELEARKQKVAKA
;
A,B
#
# COMPACT_ATOMS: atom_id res chain seq x y z
N GLY C 23 -15.52 -40.18 23.73
CA GLY C 23 -16.05 -38.83 23.40
C GLY C 23 -15.12 -38.12 22.45
N ILE C 24 -13.97 -37.68 22.94
CA ILE C 24 -13.01 -36.98 22.11
C ILE C 24 -12.38 -37.95 21.11
N ASP C 25 -12.28 -39.22 21.49
CA ASP C 25 -11.73 -40.22 20.62
C ASP C 25 -12.64 -40.40 19.42
N ALA C 26 -13.95 -40.33 19.66
CA ALA C 26 -14.92 -40.47 18.59
C ALA C 26 -14.75 -39.34 17.57
N VAL C 27 -14.23 -38.20 18.02
CA VAL C 27 -14.01 -37.05 17.15
C VAL C 27 -12.69 -37.16 16.40
N TYR C 28 -11.64 -37.63 17.08
CA TYR C 28 -10.33 -37.80 16.44
C TYR C 28 -9.86 -39.25 16.57
N PRO C 29 -10.63 -40.19 16.02
CA PRO C 29 -10.34 -41.63 16.05
C PRO C 29 -9.02 -42.07 15.43
N SER C 30 -8.53 -41.33 14.45
CA SER C 30 -7.30 -41.71 13.74
C SER C 30 -5.96 -41.15 14.21
N LEU C 31 -5.95 -40.35 15.27
CA LEU C 31 -4.68 -39.81 15.74
C LEU C 31 -3.78 -40.97 16.15
N VAL C 32 -2.47 -40.76 16.03
CA VAL C 32 -1.50 -41.80 16.38
C VAL C 32 -1.38 -41.98 17.89
N GLY C 33 -1.37 -43.24 18.34
CA GLY C 33 -1.22 -43.49 19.76
C GLY C 33 -2.43 -43.92 20.54
N THR C 34 -2.21 -44.31 21.79
CA THR C 34 -3.26 -44.77 22.68
C THR C 34 -3.61 -43.69 23.70
N ALA C 35 -4.90 -43.48 23.91
CA ALA C 35 -5.37 -42.48 24.85
C ALA C 35 -5.36 -43.05 26.26
N ASP C 36 -4.17 -43.39 26.74
CA ASP C 36 -3.99 -43.97 28.06
C ASP C 36 -2.54 -43.80 28.50
N SER C 37 -2.34 -42.92 29.48
CA SER C 37 -1.00 -42.64 29.99
C SER C 37 -0.30 -43.88 30.52
N LYS C 38 -1.03 -44.99 30.62
CA LYS C 38 -0.48 -46.25 31.11
C LYS C 38 0.09 -47.09 29.98
N ALA C 39 -0.51 -46.97 28.79
CA ALA C 39 -0.10 -47.72 27.62
C ALA C 39 1.41 -47.74 27.45
N GLU C 40 1.94 -48.85 26.94
CA GLU C 40 3.38 -48.98 26.75
C GLU C 40 3.89 -48.51 25.40
N GLY C 41 3.02 -48.52 24.40
CA GLY C 41 3.42 -48.06 23.08
C GLY C 41 3.30 -46.55 22.99
N ILE C 42 2.98 -46.05 21.79
CA ILE C 42 2.83 -44.61 21.60
C ILE C 42 1.56 -44.14 22.29
N LYS C 43 1.69 -43.08 23.07
CA LYS C 43 0.55 -42.53 23.78
C LYS C 43 0.18 -41.18 23.18
N ASN C 44 -1.08 -41.00 22.83
CA ASN C 44 -1.52 -39.74 22.25
C ASN C 44 -1.93 -38.75 23.34
N TYR C 45 -1.07 -37.76 23.56
CA TYR C 45 -1.34 -36.76 24.59
C TYR C 45 -2.27 -35.62 24.20
N PHE C 46 -2.84 -35.66 22.99
CA PHE C 46 -3.79 -34.62 22.63
C PHE C 46 -5.14 -35.06 23.18
N LYS C 47 -5.44 -36.36 23.05
CA LYS C 47 -6.69 -36.91 23.57
C LYS C 47 -6.65 -37.00 25.08
N LEU C 48 -5.46 -37.17 25.64
CA LEU C 48 -5.32 -37.25 27.10
C LEU C 48 -5.40 -35.87 27.77
N SER C 49 -5.01 -34.84 27.03
CA SER C 49 -4.97 -33.47 27.55
C SER C 49 -6.23 -32.63 27.37
N PHE C 50 -7.01 -32.91 26.34
CA PHE C 50 -8.22 -32.12 26.09
C PHE C 50 -9.51 -32.94 26.08
N THR C 51 -10.64 -32.26 26.24
CA THR C 51 -11.95 -32.89 26.23
C THR C 51 -12.92 -31.93 25.57
N LEU C 52 -14.07 -32.43 25.13
CA LEU C 52 -15.07 -31.56 24.51
C LEU C 52 -15.89 -30.88 25.58
N PRO C 53 -16.23 -29.60 25.36
CA PRO C 53 -17.02 -28.84 26.34
C PRO C 53 -18.47 -29.28 26.39
N GLU C 54 -19.12 -29.04 27.53
CA GLU C 54 -20.53 -29.41 27.69
C GLU C 54 -21.40 -28.47 26.87
N GLU C 55 -20.76 -27.46 26.28
CA GLU C 55 -21.42 -26.47 25.43
C GLU C 55 -20.46 -26.03 24.34
N GLN C 56 -20.89 -26.18 23.08
CA GLN C 56 -20.07 -25.82 21.93
C GLN C 56 -19.43 -24.43 22.05
N LYS C 57 -18.12 -24.36 21.76
CA LYS C 57 -17.39 -23.11 21.83
C LYS C 57 -16.93 -22.70 20.42
N SER C 58 -16.61 -23.68 19.59
CA SER C 58 -16.17 -23.44 18.21
C SER C 58 -17.05 -24.20 17.22
N ARG C 59 -17.47 -23.52 16.16
CA ARG C 59 -18.32 -24.16 15.16
C ARG C 59 -17.57 -25.08 14.20
N THR C 60 -16.26 -25.22 14.38
CA THR C 60 -15.51 -26.10 13.47
C THR C 60 -15.26 -27.49 14.07
N VAL C 61 -15.60 -27.65 15.35
CA VAL C 61 -15.42 -28.95 15.98
C VAL C 61 -16.33 -29.96 15.26
N GLY C 62 -15.72 -30.99 14.69
CA GLY C 62 -16.48 -31.99 13.96
C GLY C 62 -16.36 -31.80 12.46
N SER C 63 -16.02 -30.58 12.05
CA SER C 63 -15.86 -30.25 10.64
C SER C 63 -14.72 -31.05 10.04
N GLU C 64 -14.95 -31.66 8.88
CA GLU C 64 -13.92 -32.46 8.25
C GLU C 64 -12.93 -31.61 7.44
N ALA C 65 -13.38 -30.44 7.03
CA ALA C 65 -12.55 -29.52 6.25
C ALA C 65 -12.91 -28.10 6.65
N PRO C 66 -12.47 -27.67 7.84
CA PRO C 66 -12.73 -26.31 8.35
C PRO C 66 -12.52 -25.16 7.36
N LEU C 67 -11.38 -25.17 6.66
CA LEU C 67 -11.09 -24.11 5.70
C LEU C 67 -12.14 -24.07 4.61
N LYS C 68 -12.49 -25.25 4.11
CA LYS C 68 -13.49 -25.37 3.06
C LYS C 68 -14.82 -24.90 3.62
N ASP C 69 -15.20 -25.41 4.78
CA ASP C 69 -16.47 -25.03 5.39
C ASP C 69 -16.59 -23.54 5.76
N VAL C 70 -15.50 -22.94 6.25
CA VAL C 70 -15.56 -21.54 6.63
C VAL C 70 -15.51 -20.66 5.39
N ALA C 71 -14.73 -21.05 4.39
CA ALA C 71 -14.69 -20.28 3.15
C ALA C 71 -16.11 -20.27 2.59
N GLN C 72 -16.78 -21.41 2.69
CA GLN C 72 -18.14 -21.52 2.19
C GLN C 72 -19.04 -20.53 2.94
N ALA C 73 -18.94 -20.53 4.27
CA ALA C 73 -19.74 -19.63 5.09
C ALA C 73 -19.49 -18.15 4.74
N LEU C 74 -18.25 -17.83 4.41
CA LEU C 74 -17.87 -16.47 4.06
C LEU C 74 -18.17 -16.09 2.61
N SER C 75 -18.68 -17.03 1.82
CA SER C 75 -18.97 -16.79 0.42
C SER C 75 -20.14 -15.85 0.15
N SER C 76 -21.13 -15.81 1.04
CA SER C 76 -22.27 -14.91 0.88
C SER C 76 -22.88 -14.59 2.23
N ARG C 77 -23.62 -13.49 2.30
CA ARG C 77 -24.24 -13.09 3.55
C ARG C 77 -25.22 -14.16 4.00
N ALA C 78 -25.95 -14.71 3.04
CA ALA C 78 -26.94 -15.75 3.32
C ALA C 78 -26.28 -16.98 3.96
N ARG C 79 -25.13 -17.38 3.43
CA ARG C 79 -24.42 -18.54 3.97
C ARG C 79 -23.78 -18.28 5.32
N TYR C 80 -23.36 -17.03 5.54
CA TYR C 80 -22.75 -16.64 6.80
C TYR C 80 -23.81 -16.69 7.90
N GLU C 81 -25.00 -16.22 7.56
CA GLU C 81 -26.11 -16.20 8.52
C GLU C 81 -26.55 -17.62 8.89
N LEU C 82 -26.54 -18.54 7.93
CA LEU C 82 -26.91 -19.92 8.20
C LEU C 82 -25.82 -20.55 9.08
N PHE C 83 -24.58 -20.38 8.66
CA PHE C 83 -23.45 -20.93 9.40
C PHE C 83 -23.48 -20.53 10.88
N THR C 84 -23.64 -19.23 11.13
CA THR C 84 -23.66 -18.71 12.50
C THR C 84 -25.04 -18.76 13.15
N GLU C 85 -25.98 -19.41 12.48
CA GLU C 85 -27.34 -19.53 13.01
C GLU C 85 -27.83 -18.20 13.54
N LYS C 86 -27.76 -17.18 12.69
CA LYS C 86 -28.22 -15.85 13.04
C LYS C 86 -28.96 -15.28 11.85
N GLU C 87 -30.03 -14.55 12.11
CA GLU C 87 -30.84 -13.97 11.05
C GLU C 87 -30.17 -12.78 10.36
N THR C 88 -29.24 -12.12 11.05
CA THR C 88 -28.57 -10.97 10.47
C THR C 88 -27.06 -11.00 10.64
N ALA C 89 -26.36 -10.48 9.65
CA ALA C 89 -24.91 -10.42 9.67
C ALA C 89 -24.50 -8.95 9.66
N ASN C 90 -23.34 -8.65 10.24
CA ASN C 90 -22.81 -7.28 10.28
C ASN C 90 -22.95 -6.69 8.87
N PRO C 91 -23.66 -5.56 8.73
CA PRO C 91 -23.80 -5.00 7.39
C PRO C 91 -22.50 -4.62 6.69
N ALA C 92 -21.40 -4.60 7.43
CA ALA C 92 -20.10 -4.26 6.85
C ALA C 92 -19.61 -5.43 5.98
N PHE C 93 -20.24 -6.59 6.15
CA PHE C 93 -19.88 -7.79 5.39
C PHE C 93 -20.64 -7.70 4.07
N ASN C 94 -20.12 -6.87 3.17
CA ASN C 94 -20.71 -6.62 1.88
C ASN C 94 -19.95 -7.27 0.73
N GLY C 95 -20.17 -6.77 -0.47
CA GLY C 95 -19.55 -7.31 -1.67
C GLY C 95 -18.03 -7.28 -1.71
N GLU C 96 -17.45 -6.09 -1.57
CA GLU C 96 -15.99 -5.96 -1.61
C GLU C 96 -15.32 -6.72 -0.48
N VAL C 97 -15.94 -6.74 0.69
CA VAL C 97 -15.38 -7.45 1.83
C VAL C 97 -15.38 -8.94 1.54
N ILE C 98 -16.52 -9.45 1.09
CA ILE C 98 -16.66 -10.85 0.76
C ILE C 98 -15.60 -11.28 -0.24
N LYS C 99 -15.36 -10.43 -1.25
CA LYS C 99 -14.34 -10.73 -2.25
C LYS C 99 -12.96 -10.87 -1.63
N ARG C 100 -12.64 -10.01 -0.67
CA ARG C 100 -11.35 -10.06 -0.01
C ARG C 100 -11.21 -11.32 0.85
N TYR C 101 -12.27 -11.71 1.53
CA TYR C 101 -12.22 -12.91 2.38
C TYR C 101 -12.09 -14.18 1.56
N LYS C 102 -12.58 -14.14 0.33
CA LYS C 102 -12.47 -15.28 -0.57
C LYS C 102 -10.98 -15.44 -0.91
N GLU C 103 -10.32 -14.32 -1.20
CA GLU C 103 -8.90 -14.33 -1.51
C GLU C 103 -8.08 -14.69 -0.26
N LEU C 104 -8.53 -14.25 0.91
CA LEU C 104 -7.80 -14.57 2.13
C LEU C 104 -7.91 -16.06 2.45
N MET C 105 -9.03 -16.66 2.05
CA MET C 105 -9.22 -18.08 2.29
C MET C 105 -8.26 -18.89 1.43
N GLU C 106 -8.05 -18.44 0.20
CA GLU C 106 -7.12 -19.12 -0.70
C GLU C 106 -5.71 -19.02 -0.11
N HIS C 107 -5.43 -17.93 0.57
CA HIS C 107 -4.13 -17.77 1.20
C HIS C 107 -4.04 -18.75 2.37
N GLY C 108 -5.18 -19.05 2.99
CA GLY C 108 -5.18 -19.99 4.09
C GLY C 108 -4.77 -21.36 3.57
N GLU C 109 -5.12 -21.65 2.31
CA GLU C 109 -4.76 -22.94 1.71
C GLU C 109 -3.24 -22.98 1.50
N GLY C 110 -2.65 -21.81 1.25
CA GLY C 110 -1.21 -21.73 1.06
C GLY C 110 -0.46 -21.96 2.37
N ILE C 111 -0.96 -21.38 3.44
CA ILE C 111 -0.31 -21.56 4.74
C ILE C 111 -0.43 -23.04 5.12
N ALA C 112 -1.60 -23.61 4.84
CA ALA C 112 -1.85 -25.01 5.15
C ALA C 112 -0.87 -25.87 4.37
N ASP C 113 -0.66 -25.52 3.10
CA ASP C 113 0.26 -26.27 2.26
C ASP C 113 1.71 -26.18 2.74
N ILE C 114 2.14 -25.00 3.18
CA ILE C 114 3.48 -24.87 3.70
C ILE C 114 3.63 -25.74 4.95
N LEU C 115 2.61 -25.76 5.81
CA LEU C 115 2.68 -26.56 7.04
C LEU C 115 2.83 -28.04 6.74
N ARG C 116 2.14 -28.50 5.69
CA ARG C 116 2.22 -29.89 5.32
C ARG C 116 3.63 -30.22 4.85
N SER C 117 4.24 -29.39 4.01
CA SER C 117 5.60 -29.67 3.56
C SER C 117 6.61 -29.60 4.71
N ARG C 118 6.42 -28.68 5.65
CA ARG C 118 7.33 -28.58 6.78
C ARG C 118 7.31 -29.89 7.59
N LEU C 119 6.13 -30.47 7.78
CA LEU C 119 6.02 -31.72 8.54
C LEU C 119 6.76 -32.86 7.82
N ALA C 120 6.52 -32.96 6.52
CA ALA C 120 7.15 -34.00 5.72
C ALA C 120 8.67 -33.89 5.80
N LYS C 121 9.18 -32.66 5.76
CA LYS C 121 10.61 -32.42 5.85
C LYS C 121 11.12 -32.86 7.21
N PHE C 122 10.35 -32.53 8.25
CA PHE C 122 10.68 -32.89 9.61
C PHE C 122 10.71 -34.41 9.78
N LEU C 123 9.71 -35.08 9.22
CA LEU C 123 9.63 -36.55 9.34
C LEU C 123 10.74 -37.27 8.59
N ASN C 124 11.22 -36.67 7.50
CA ASN C 124 12.26 -37.25 6.68
C ASN C 124 13.65 -37.05 7.27
N THR C 125 13.85 -35.93 7.96
CA THR C 125 15.15 -35.59 8.56
C THR C 125 15.55 -36.48 9.75
N LYS C 126 16.74 -37.05 9.67
CA LYS C 126 17.27 -37.92 10.70
C LYS C 126 16.31 -39.07 11.04
N ASP C 127 15.47 -39.43 10.08
CA ASP C 127 14.50 -40.52 10.22
C ASP C 127 13.57 -40.47 11.41
N VAL C 128 13.11 -39.28 11.80
CA VAL C 128 12.21 -39.18 12.93
C VAL C 128 10.92 -39.95 12.69
N GLY C 129 10.36 -39.80 11.49
CA GLY C 129 9.13 -40.52 11.17
C GLY C 129 9.30 -42.01 11.34
N LYS C 130 10.40 -42.55 10.83
CA LYS C 130 10.67 -43.98 10.94
C LYS C 130 10.89 -44.42 12.39
N ARG C 131 11.61 -43.62 13.16
CA ARG C 131 11.85 -43.95 14.57
C ARG C 131 10.54 -43.91 15.37
N PHE C 132 9.69 -42.96 15.03
CA PHE C 132 8.40 -42.78 15.69
C PHE C 132 7.45 -43.94 15.37
N ALA C 133 7.50 -44.42 14.14
CA ALA C 133 6.65 -45.53 13.75
C ALA C 133 7.16 -46.80 14.43
N GLN C 134 8.45 -46.83 14.71
CA GLN C 134 9.07 -47.98 15.35
C GLN C 134 8.93 -48.00 16.87
N GLY C 135 8.40 -46.92 17.45
CA GLY C 135 8.22 -46.92 18.88
C GLY C 135 8.81 -45.77 19.67
N THR C 136 9.79 -45.06 19.12
CA THR C 136 10.39 -43.96 19.85
C THR C 136 9.32 -42.92 20.17
N GLU C 137 9.22 -42.53 21.43
CA GLU C 137 8.23 -41.55 21.85
C GLU C 137 8.64 -40.11 21.52
N ALA C 138 8.81 -39.85 20.23
CA ALA C 138 9.20 -38.53 19.76
C ALA C 138 8.08 -37.52 19.95
N ASN C 139 6.86 -38.01 20.17
CA ASN C 139 5.73 -37.11 20.38
C ASN C 139 5.80 -36.48 21.77
N ARG C 140 6.81 -36.87 22.54
CA ARG C 140 6.95 -36.34 23.89
C ARG C 140 8.19 -35.49 23.97
N TRP C 141 8.90 -35.36 22.85
CA TRP C 141 10.07 -34.49 22.80
C TRP C 141 9.49 -33.08 22.79
N VAL C 142 10.21 -32.10 23.32
CA VAL C 142 9.67 -30.74 23.32
C VAL C 142 9.49 -30.27 21.87
N GLY C 143 10.33 -30.80 20.98
CA GLY C 143 10.24 -30.42 19.58
C GLY C 143 9.36 -31.32 18.72
N GLY C 144 8.69 -32.29 19.35
CA GLY C 144 7.86 -33.20 18.57
C GLY C 144 6.45 -33.33 19.08
N LYS C 145 6.00 -32.37 19.89
CA LYS C 145 4.66 -32.42 20.43
C LYS C 145 3.55 -32.39 19.40
N LEU C 146 3.83 -31.85 18.22
CA LEU C 146 2.82 -31.81 17.18
C LEU C 146 2.50 -33.21 16.66
N LEU C 147 3.43 -34.14 16.88
CA LEU C 147 3.22 -35.53 16.46
C LEU C 147 1.96 -36.10 17.11
N ASN C 148 1.46 -35.41 18.12
CA ASN C 148 0.25 -35.85 18.81
C ASN C 148 -1.01 -35.54 18.00
N ILE C 149 -0.88 -34.77 16.94
CA ILE C 149 -2.03 -34.46 16.11
C ILE C 149 -1.85 -34.94 14.67
N VAL C 150 -1.03 -35.98 14.49
CA VAL C 150 -0.84 -36.52 13.15
C VAL C 150 -1.54 -37.88 13.07
N GLU C 151 -1.64 -38.42 11.86
CA GLU C 151 -2.28 -39.71 11.65
C GLU C 151 -1.40 -40.50 10.70
N GLN C 152 -1.46 -41.82 10.81
CA GLN C 152 -0.66 -42.66 9.93
C GLN C 152 -1.20 -42.57 8.50
N ASP C 153 -0.28 -42.46 7.55
CA ASP C 153 -0.63 -42.39 6.14
C ASP C 153 0.41 -43.18 5.39
N GLY C 154 0.08 -44.42 5.07
CA GLY C 154 1.02 -45.27 4.37
C GLY C 154 2.27 -45.46 5.19
N ASP C 155 3.42 -45.19 4.57
CA ASP C 155 4.72 -45.33 5.24
C ASP C 155 5.14 -44.09 6.05
N THR C 156 4.21 -43.16 6.26
CA THR C 156 4.54 -41.97 7.04
C THR C 156 3.37 -41.49 7.89
N PHE C 157 3.36 -40.19 8.18
CA PHE C 157 2.30 -39.60 8.98
C PHE C 157 1.85 -38.31 8.33
N LYS C 158 0.62 -37.90 8.62
CA LYS C 158 0.08 -36.69 8.07
C LYS C 158 -0.76 -35.96 9.11
N TYR C 159 -0.89 -34.66 8.95
CA TYR C 159 -1.66 -33.84 9.86
C TYR C 159 -3.13 -34.24 9.88
N ASN C 160 -3.76 -34.13 11.04
CA ASN C 160 -5.20 -34.37 11.12
C ASN C 160 -5.73 -33.06 10.51
N GLU C 161 -6.43 -33.16 9.40
CA GLU C 161 -6.95 -31.98 8.70
C GLU C 161 -7.85 -31.05 9.50
N GLN C 162 -8.72 -31.61 10.35
CA GLN C 162 -9.60 -30.78 11.15
C GLN C 162 -8.77 -29.88 12.07
N LEU C 163 -7.83 -30.47 12.81
CA LEU C 163 -6.99 -29.70 13.71
C LEU C 163 -6.10 -28.71 12.97
N LEU C 164 -5.43 -29.17 11.92
CA LEU C 164 -4.55 -28.31 11.13
C LEU C 164 -5.27 -27.10 10.51
N GLN C 165 -6.41 -27.35 9.87
CA GLN C 165 -7.15 -26.28 9.22
C GLN C 165 -7.80 -25.29 10.18
N THR C 166 -8.17 -25.75 11.35
CA THR C 166 -8.77 -24.85 12.33
C THR C 166 -7.66 -23.95 12.84
N ALA C 167 -6.49 -24.54 13.04
CA ALA C 167 -5.32 -23.79 13.52
C ALA C 167 -4.96 -22.70 12.52
N VAL C 168 -5.06 -23.03 11.24
CA VAL C 168 -4.74 -22.05 10.20
C VAL C 168 -5.73 -20.88 10.27
N LEU C 169 -7.01 -21.19 10.47
CA LEU C 169 -8.02 -20.14 10.56
C LEU C 169 -7.69 -19.19 11.70
N ALA C 170 -7.12 -19.75 12.76
CA ALA C 170 -6.71 -18.98 13.91
C ALA C 170 -5.54 -18.09 13.51
N GLY C 171 -4.66 -18.64 12.68
CA GLY C 171 -3.50 -17.90 12.22
C GLY C 171 -3.90 -16.73 11.33
N LEU C 172 -4.90 -16.94 10.47
CA LEU C 172 -5.38 -15.88 9.58
C LEU C 172 -5.96 -14.70 10.35
N GLN C 173 -6.75 -14.99 11.37
CA GLN C 173 -7.38 -13.94 12.18
C GLN C 173 -6.31 -13.20 12.97
N TRP C 174 -5.37 -13.96 13.53
CA TRP C 174 -4.26 -13.39 14.29
C TRP C 174 -3.50 -12.43 13.37
N ARG C 175 -3.27 -12.87 12.14
CA ARG C 175 -2.54 -12.05 11.18
C ARG C 175 -3.26 -10.74 10.86
N LEU C 176 -4.59 -10.75 10.93
CA LEU C 176 -5.40 -9.58 10.62
C LEU C 176 -5.53 -8.53 11.74
N THR C 177 -5.53 -8.97 12.99
CA THR C 177 -5.73 -8.04 14.09
C THR C 177 -4.77 -8.10 15.29
N ALA C 178 -3.80 -8.99 15.26
CA ALA C 178 -2.87 -9.10 16.38
C ALA C 178 -2.14 -7.78 16.68
N THR C 179 -1.62 -7.13 15.65
CA THR C 179 -0.88 -5.87 15.83
C THR C 179 -1.71 -4.79 16.51
N SER C 180 -3.02 -4.84 16.35
CA SER C 180 -3.89 -3.84 16.96
C SER C 180 -4.21 -4.17 18.41
N ASN C 181 -3.66 -5.28 18.90
CA ASN C 181 -3.90 -5.69 20.27
C ASN C 181 -2.58 -5.90 21.03
N THR C 182 -1.47 -5.51 20.44
CA THR C 182 -0.18 -5.66 21.11
C THR C 182 -0.03 -4.57 22.15
N ALA C 183 0.70 -4.88 23.21
CA ALA C 183 0.93 -3.92 24.27
C ALA C 183 2.01 -2.95 23.81
N ILE C 184 1.89 -1.70 24.26
CA ILE C 184 2.87 -0.68 23.92
C ILE C 184 4.12 -0.94 24.75
N LYS C 185 5.29 -0.80 24.13
CA LYS C 185 6.54 -1.02 24.84
C LYS C 185 7.26 0.29 25.13
N ASP C 186 7.56 0.52 26.41
CA ASP C 186 8.26 1.73 26.83
C ASP C 186 9.76 1.44 26.94
N ALA C 187 10.53 2.40 27.44
CA ALA C 187 11.96 2.22 27.58
C ALA C 187 12.27 1.03 28.50
N LYS C 188 11.62 1.01 29.65
CA LYS C 188 11.81 -0.05 30.63
C LYS C 188 11.65 -1.44 30.00
N ASP C 189 10.58 -1.62 29.23
CA ASP C 189 10.31 -2.90 28.57
C ASP C 189 11.51 -3.28 27.71
N VAL C 190 11.89 -2.40 26.80
CA VAL C 190 13.03 -2.64 25.92
C VAL C 190 14.28 -2.95 26.74
N ALA C 191 14.41 -2.30 27.89
CA ALA C 191 15.57 -2.52 28.75
C ALA C 191 15.54 -3.95 29.26
N ALA C 192 14.36 -4.43 29.65
CA ALA C 192 14.22 -5.79 30.16
C ALA C 192 14.51 -6.83 29.07
N ILE C 193 13.99 -6.58 27.88
CA ILE C 193 14.18 -7.49 26.73
C ILE C 193 15.64 -7.56 26.28
N THR C 194 16.19 -6.39 25.96
CA THR C 194 17.56 -6.29 25.48
C THR C 194 18.61 -6.52 26.55
N GLY C 195 18.29 -6.16 27.80
CA GLY C 195 19.24 -6.32 28.87
C GLY C 195 20.18 -5.12 28.96
N ILE C 196 19.78 -4.03 28.31
CA ILE C 196 20.57 -2.80 28.30
C ILE C 196 19.99 -1.77 29.27
N ASP C 197 20.85 -1.14 30.05
CA ASP C 197 20.38 -0.15 31.01
C ASP C 197 19.43 0.82 30.35
N GLN C 198 18.23 0.96 30.92
CA GLN C 198 17.20 1.84 30.38
C GLN C 198 17.71 3.22 29.98
N ALA C 199 18.60 3.79 30.77
CA ALA C 199 19.14 5.11 30.51
C ALA C 199 20.15 5.15 29.35
N LEU C 200 20.80 4.04 29.05
CA LEU C 200 21.78 4.02 27.97
C LEU C 200 21.33 3.36 26.66
N LEU C 201 20.02 3.29 26.44
CA LEU C 201 19.51 2.69 25.21
C LEU C 201 19.74 3.61 24.00
N PRO C 202 20.26 3.05 22.89
CA PRO C 202 20.52 3.83 21.68
C PRO C 202 19.23 4.26 20.99
N GLU C 203 19.14 5.55 20.66
CA GLU C 203 17.96 6.12 20.01
C GLU C 203 17.44 5.24 18.87
N GLY C 204 16.13 5.02 18.86
CA GLY C 204 15.54 4.20 17.82
C GLY C 204 15.31 2.76 18.23
N LEU C 205 16.07 2.29 19.21
CA LEU C 205 15.93 0.91 19.69
C LEU C 205 14.52 0.67 20.22
N VAL C 206 14.06 1.54 21.10
CA VAL C 206 12.71 1.40 21.67
C VAL C 206 11.68 1.37 20.55
N GLU C 207 11.88 2.22 19.55
CA GLU C 207 10.99 2.32 18.40
C GLU C 207 10.98 1.00 17.64
N GLN C 208 12.17 0.50 17.31
CA GLN C 208 12.31 -0.76 16.59
C GLN C 208 11.60 -1.91 17.32
N PHE C 209 11.77 -1.96 18.64
CA PHE C 209 11.16 -3.01 19.46
C PHE C 209 9.68 -2.82 19.74
N ASP C 210 9.20 -1.59 19.69
CA ASP C 210 7.79 -1.34 19.97
C ASP C 210 6.91 -1.66 18.78
N THR C 211 7.50 -1.69 17.59
CA THR C 211 6.74 -2.00 16.39
C THR C 211 6.66 -3.52 16.18
N GLY C 212 7.71 -4.23 16.56
CA GLY C 212 7.71 -5.67 16.39
C GLY C 212 7.32 -6.44 17.63
N MET C 213 7.19 -7.76 17.49
CA MET C 213 6.83 -8.64 18.58
C MET C 213 7.99 -9.59 18.91
N THR C 214 8.20 -9.85 20.19
CA THR C 214 9.26 -10.77 20.60
C THR C 214 8.73 -12.18 20.31
N LEU C 215 9.59 -13.19 20.35
CA LEU C 215 9.14 -14.55 20.08
C LEU C 215 7.98 -14.91 21.00
N THR C 216 8.18 -14.71 22.29
CA THR C 216 7.17 -15.02 23.30
C THR C 216 5.85 -14.33 23.03
N GLU C 217 5.92 -13.04 22.74
CA GLU C 217 4.75 -12.23 22.43
C GLU C 217 3.95 -12.84 21.28
N ALA C 218 4.63 -13.12 20.18
CA ALA C 218 3.99 -13.68 19.00
C ALA C 218 3.36 -15.06 19.20
N VAL C 219 4.18 -16.03 19.61
CA VAL C 219 3.67 -17.39 19.79
C VAL C 219 2.56 -17.45 20.82
N SER C 220 2.75 -16.75 21.93
CA SER C 220 1.78 -16.73 23.00
C SER C 220 0.39 -16.31 22.51
N SER C 221 0.32 -15.16 21.83
CA SER C 221 -0.96 -14.68 21.32
C SER C 221 -1.54 -15.63 20.27
N LEU C 222 -0.67 -16.17 19.42
CA LEU C 222 -1.08 -17.11 18.37
C LEU C 222 -1.64 -18.39 18.99
N ALA C 223 -0.91 -18.94 19.96
CA ALA C 223 -1.31 -20.17 20.65
C ALA C 223 -2.63 -20.02 21.39
N GLN C 224 -2.82 -18.88 22.04
CA GLN C 224 -4.05 -18.63 22.78
C GLN C 224 -5.23 -18.71 21.83
N LYS C 225 -5.04 -18.11 20.65
CA LYS C 225 -6.03 -18.06 19.61
C LYS C 225 -6.31 -19.44 18.99
N ILE C 226 -5.25 -20.19 18.72
CA ILE C 226 -5.42 -21.53 18.15
C ILE C 226 -6.25 -22.38 19.11
N GLU C 227 -5.87 -22.38 20.39
CA GLU C 227 -6.58 -23.17 21.38
C GLU C 227 -8.05 -22.83 21.52
N SER C 228 -8.38 -21.54 21.46
CA SER C 228 -9.77 -21.14 21.56
C SER C 228 -10.52 -21.63 20.33
N TYR C 229 -9.88 -21.57 19.16
CA TYR C 229 -10.53 -22.03 17.95
C TYR C 229 -10.70 -23.56 17.93
N TRP C 230 -9.78 -24.30 18.54
CA TRP C 230 -9.96 -25.75 18.59
C TRP C 230 -11.21 -26.06 19.40
N GLY C 231 -11.63 -25.08 20.20
CA GLY C 231 -12.83 -25.20 21.00
C GLY C 231 -12.96 -26.36 21.96
N LEU C 232 -11.85 -26.80 22.55
CA LEU C 232 -11.90 -27.90 23.51
C LEU C 232 -11.59 -27.36 24.89
N SER C 233 -11.54 -28.23 25.88
CA SER C 233 -11.24 -27.82 27.26
C SER C 233 -10.06 -28.62 27.78
N ARG C 234 -9.22 -27.97 28.57
CA ARG C 234 -8.05 -28.65 29.12
C ARG C 234 -8.42 -29.62 30.22
N ASN C 235 -7.73 -30.77 30.24
CA ASN C 235 -7.97 -31.77 31.26
C ASN C 235 -7.20 -31.26 32.48
N PRO C 236 -7.90 -31.02 33.60
CA PRO C 236 -7.22 -30.53 34.80
C PRO C 236 -6.12 -31.45 35.34
N ASN C 237 -6.19 -32.73 34.95
CA ASN C 237 -5.20 -33.70 35.39
C ASN C 237 -4.20 -34.09 34.30
N ALA C 238 -4.03 -33.22 33.31
CA ALA C 238 -3.07 -33.47 32.23
C ALA C 238 -1.90 -32.51 32.40
N PRO C 239 -0.66 -32.98 32.14
CA PRO C 239 0.53 -32.15 32.27
C PRO C 239 0.49 -30.89 31.40
N LEU C 240 0.95 -29.77 31.94
CA LEU C 240 0.98 -28.51 31.20
C LEU C 240 1.86 -28.64 29.96
N GLY C 241 2.84 -29.54 30.02
CA GLY C 241 3.72 -29.74 28.88
C GLY C 241 2.97 -30.05 27.60
N TYR C 242 1.72 -30.51 27.72
CA TYR C 242 0.89 -30.83 26.56
C TYR C 242 -0.32 -29.93 26.40
N THR C 243 -1.10 -29.73 27.47
CA THR C 243 -2.29 -28.88 27.39
C THR C 243 -1.93 -27.49 26.89
N LYS C 244 -0.73 -27.04 27.23
CA LYS C 244 -0.23 -25.72 26.84
C LYS C 244 0.80 -25.87 25.74
N GLY C 245 1.55 -26.97 25.78
CA GLY C 245 2.60 -27.21 24.81
C GLY C 245 2.19 -27.56 23.38
N ILE C 246 1.08 -28.29 23.24
CA ILE C 246 0.63 -28.67 21.90
C ILE C 246 0.13 -27.46 21.10
N PRO C 247 -0.69 -26.59 21.73
CA PRO C 247 -1.16 -25.40 21.00
C PRO C 247 0.01 -24.46 20.70
N THR C 248 0.97 -24.43 21.62
CA THR C 248 2.14 -23.58 21.43
C THR C 248 3.02 -24.14 20.31
N ALA C 249 3.11 -25.47 20.25
CA ALA C 249 3.88 -26.14 19.21
C ALA C 249 3.26 -25.81 17.85
N MET C 250 1.93 -25.80 17.79
CA MET C 250 1.21 -25.50 16.55
C MET C 250 1.42 -24.04 16.15
N ALA C 251 1.43 -23.14 17.14
CA ALA C 251 1.62 -21.72 16.89
C ALA C 251 3.02 -21.45 16.37
N ALA C 252 4.00 -22.13 16.94
CA ALA C 252 5.39 -21.96 16.52
C ALA C 252 5.50 -22.29 15.04
N GLU C 253 4.87 -23.38 14.61
CA GLU C 253 4.91 -23.80 13.22
C GLU C 253 4.20 -22.80 12.31
N ILE C 254 3.05 -22.30 12.75
CA ILE C 254 2.31 -21.32 11.96
C ILE C 254 3.09 -20.02 11.80
N LEU C 255 3.83 -19.61 12.83
CA LEU C 255 4.63 -18.38 12.73
C LEU C 255 5.75 -18.63 11.73
N ALA C 256 6.29 -19.84 11.76
CA ALA C 256 7.35 -20.23 10.85
C ALA C 256 6.78 -20.23 9.44
N ALA C 257 5.53 -20.67 9.29
CA ALA C 257 4.90 -20.70 7.98
C ALA C 257 4.71 -19.27 7.46
N PHE C 258 4.34 -18.37 8.36
CA PHE C 258 4.13 -16.96 8.00
C PHE C 258 5.44 -16.29 7.60
N VAL C 259 6.55 -16.75 8.18
CA VAL C 259 7.85 -16.19 7.82
C VAL C 259 8.18 -16.62 6.39
N GLU C 260 7.90 -17.87 6.02
CA GLU C 260 8.15 -18.35 4.66
C GLU C 260 7.24 -17.66 3.66
N SER C 261 6.03 -17.32 4.10
CA SER C 261 5.05 -16.67 3.23
C SER C 261 5.24 -15.16 3.17
N THR C 262 6.05 -14.62 4.09
CA THR C 262 6.33 -13.19 4.15
C THR C 262 5.16 -12.38 4.73
N ASP C 263 4.26 -13.04 5.45
CA ASP C 263 3.15 -12.36 6.09
C ASP C 263 3.71 -11.77 7.38
N VAL C 264 4.85 -12.33 7.79
CA VAL C 264 5.59 -11.92 8.99
C VAL C 264 7.07 -11.88 8.66
N VAL C 265 7.75 -10.82 9.10
CA VAL C 265 9.19 -10.67 8.85
C VAL C 265 9.93 -10.89 10.16
N GLU C 266 10.89 -11.81 10.15
CA GLU C 266 11.69 -12.12 11.33
C GLU C 266 13.00 -11.38 11.24
N ASN C 267 13.41 -10.75 12.33
CA ASN C 267 14.66 -10.01 12.39
C ASN C 267 15.34 -10.35 13.71
N ILE C 268 16.53 -10.94 13.62
CA ILE C 268 17.31 -11.31 14.81
C ILE C 268 18.29 -10.18 15.11
N VAL C 269 18.00 -9.39 16.15
CA VAL C 269 18.84 -8.26 16.52
C VAL C 269 19.98 -8.66 17.46
N ASP C 270 21.21 -8.49 16.99
CA ASP C 270 22.39 -8.82 17.77
C ASP C 270 22.75 -7.69 18.72
N MET C 271 22.61 -7.95 20.02
CA MET C 271 22.90 -6.94 21.02
C MET C 271 24.37 -6.59 21.13
N SER C 272 25.25 -7.54 20.84
CA SER C 272 26.68 -7.26 20.91
C SER C 272 27.05 -6.09 20.01
N GLU C 273 26.29 -5.92 18.93
CA GLU C 273 26.54 -4.83 17.98
C GLU C 273 26.50 -3.49 18.70
N ILE C 274 25.70 -3.40 19.76
CA ILE C 274 25.57 -2.17 20.53
C ILE C 274 26.55 -2.06 21.69
N ASP C 275 27.01 -3.19 22.22
CA ASP C 275 27.96 -3.19 23.33
C ASP C 275 28.47 -4.62 23.62
N PRO C 276 29.54 -5.02 22.93
CA PRO C 276 30.22 -6.32 22.99
C PRO C 276 30.07 -7.26 24.20
N ASP C 277 29.65 -6.74 25.34
CA ASP C 277 29.46 -7.60 26.51
C ASP C 277 28.16 -8.39 26.41
N ASN C 278 27.13 -7.75 25.88
CA ASN C 278 25.82 -8.38 25.74
C ASN C 278 25.83 -9.46 24.65
N LYS C 279 25.61 -10.70 25.08
CA LYS C 279 25.61 -11.86 24.18
C LYS C 279 24.24 -12.26 23.62
N LYS C 280 23.20 -11.50 23.98
CA LYS C 280 21.87 -11.84 23.52
C LYS C 280 21.55 -11.43 22.08
N THR C 281 20.92 -12.35 21.36
CA THR C 281 20.48 -12.15 19.99
C THR C 281 18.97 -12.27 20.11
N ILE C 282 18.26 -11.19 19.84
CA ILE C 282 16.80 -11.16 20.01
C ILE C 282 15.97 -11.15 18.72
N GLY C 283 15.05 -12.11 18.62
CA GLY C 283 14.20 -12.18 17.45
C GLY C 283 13.03 -11.21 17.56
N LEU C 284 12.74 -10.55 16.44
CA LEU C 284 11.64 -9.61 16.41
C LEU C 284 10.75 -10.04 15.25
N TYR C 285 9.43 -9.99 15.45
CA TYR C 285 8.48 -10.39 14.42
C TYR C 285 7.52 -9.26 14.11
N THR C 286 7.51 -8.83 12.87
CA THR C 286 6.62 -7.76 12.45
C THR C 286 5.68 -8.28 11.37
N ILE C 287 4.39 -8.05 11.59
CA ILE C 287 3.38 -8.50 10.65
C ILE C 287 3.26 -7.49 9.51
N THR C 288 3.34 -7.97 8.29
CA THR C 288 3.23 -7.12 7.12
C THR C 288 1.85 -6.45 7.14
N GLU C 289 1.84 -5.12 7.07
CA GLU C 289 0.59 -4.39 7.08
C GLU C 289 -0.15 -4.47 5.75
N LEU C 290 -1.48 -4.55 5.82
CA LEU C 290 -2.31 -4.58 4.63
C LEU C 290 -2.49 -3.12 4.22
N ASP C 291 -2.79 -2.86 2.95
CA ASP C 291 -2.99 -1.50 2.49
C ASP C 291 -4.00 -0.85 3.44
N SER C 292 -3.82 0.44 3.70
CA SER C 292 -4.75 1.14 4.59
C SER C 292 -6.16 1.14 4.01
N PHE C 293 -6.25 1.05 2.69
CA PHE C 293 -7.52 1.05 1.99
C PHE C 293 -8.09 -0.34 1.69
N ASP C 294 -7.46 -1.38 2.22
CA ASP C 294 -7.92 -2.74 2.01
C ASP C 294 -9.34 -2.91 2.59
N PRO C 295 -10.29 -3.44 1.80
CA PRO C 295 -11.67 -3.63 2.26
C PRO C 295 -11.78 -4.45 3.55
N ILE C 296 -10.83 -5.37 3.72
CA ILE C 296 -10.80 -6.22 4.90
C ILE C 296 -10.75 -5.43 6.21
N ASN C 297 -10.16 -4.23 6.16
CA ASN C 297 -10.05 -3.39 7.34
C ASN C 297 -11.42 -2.94 7.87
N SER C 298 -12.41 -2.83 6.98
CA SER C 298 -13.73 -2.40 7.42
C SER C 298 -14.43 -3.50 8.22
N PHE C 299 -13.94 -4.73 8.11
CA PHE C 299 -14.51 -5.85 8.85
C PHE C 299 -13.47 -6.97 8.94
N PRO C 300 -12.44 -6.76 9.77
CA PRO C 300 -11.33 -7.69 9.99
C PRO C 300 -11.61 -8.86 10.93
N THR C 301 -12.85 -9.02 11.38
CA THR C 301 -13.17 -10.08 12.32
C THR C 301 -14.25 -11.08 11.89
N ALA C 302 -14.48 -11.21 10.58
CA ALA C 302 -15.49 -12.12 10.07
C ALA C 302 -15.19 -13.56 10.45
N ILE C 303 -13.93 -13.95 10.36
CA ILE C 303 -13.52 -15.30 10.69
C ILE C 303 -13.79 -15.59 12.17
N GLU C 304 -13.35 -14.70 13.03
CA GLU C 304 -13.56 -14.87 14.47
C GLU C 304 -15.04 -14.99 14.83
N GLU C 305 -15.87 -14.15 14.23
CA GLU C 305 -17.29 -14.15 14.53
C GLU C 305 -18.00 -15.35 13.90
N ALA C 306 -17.34 -16.00 12.95
CA ALA C 306 -17.94 -17.17 12.30
C ALA C 306 -17.58 -18.45 13.07
N VAL C 307 -16.34 -18.53 13.52
CA VAL C 307 -15.83 -19.70 14.25
C VAL C 307 -16.25 -19.80 15.72
N LEU C 308 -16.11 -18.71 16.45
CA LEU C 308 -16.45 -18.72 17.87
C LEU C 308 -17.92 -18.44 18.18
N VAL C 309 -18.49 -19.24 19.07
CA VAL C 309 -19.88 -19.06 19.49
C VAL C 309 -19.99 -17.77 20.28
N ASN C 310 -18.89 -17.37 20.92
CA ASN C 310 -18.82 -16.15 21.73
C ASN C 310 -17.53 -15.43 21.34
N PRO C 311 -17.55 -14.70 20.22
CA PRO C 311 -16.41 -13.96 19.69
C PRO C 311 -15.72 -13.02 20.66
N THR C 312 -14.40 -12.95 20.55
CA THR C 312 -13.61 -12.07 21.39
C THR C 312 -13.44 -10.75 20.64
N GLU C 313 -12.88 -10.84 19.44
CA GLU C 313 -12.67 -9.67 18.62
C GLU C 313 -13.89 -9.28 17.81
N LYS C 314 -14.34 -8.04 18.00
CA LYS C 314 -15.50 -7.52 17.30
C LYS C 314 -15.78 -6.14 17.85
N MET C 315 -16.54 -5.36 17.09
CA MET C 315 -16.92 -4.03 17.54
C MET C 315 -18.32 -4.22 18.12
N PHE C 316 -18.68 -3.36 19.06
CA PHE C 316 -19.98 -3.41 19.71
C PHE C 316 -20.76 -2.17 19.26
N PHE C 317 -21.86 -2.40 18.53
CA PHE C 317 -22.69 -1.30 18.04
C PHE C 317 -24.07 -1.33 18.66
N GLY C 318 -24.75 -0.18 18.63
CA GLY C 318 -26.09 -0.10 19.17
C GLY C 318 -26.15 -0.62 20.59
N ASP C 319 -27.00 -1.60 20.84
CA ASP C 319 -27.10 -2.15 22.18
C ASP C 319 -26.40 -3.50 22.31
N ASP C 320 -25.40 -3.74 21.47
CA ASP C 320 -24.61 -4.98 21.56
C ASP C 320 -23.55 -4.56 22.61
N ILE C 321 -23.67 -5.08 23.82
CA ILE C 321 -22.74 -4.66 24.87
C ILE C 321 -21.69 -5.70 25.24
N PRO C 322 -20.44 -5.23 25.49
CA PRO C 322 -19.35 -6.14 25.85
C PRO C 322 -19.66 -6.86 27.16
N PRO C 323 -19.20 -8.11 27.31
CA PRO C 323 -19.46 -8.82 28.56
C PRO C 323 -18.49 -8.30 29.64
N VAL C 324 -18.77 -8.59 30.90
CA VAL C 324 -17.89 -8.12 31.98
C VAL C 324 -16.87 -9.18 32.39
N ALA C 325 -15.60 -8.78 32.42
CA ALA C 325 -14.52 -9.69 32.78
C ALA C 325 -14.64 -10.16 34.22
N ASN C 326 -14.46 -11.46 34.44
CA ASN C 326 -14.55 -12.05 35.77
C ASN C 326 -13.24 -11.87 36.53
N THR C 327 -12.13 -11.85 35.82
CA THR C 327 -10.85 -11.70 36.50
C THR C 327 -9.98 -10.55 36.02
N GLN C 328 -9.20 -10.05 36.96
CA GLN C 328 -8.27 -8.95 36.77
C GLN C 328 -7.36 -9.30 35.59
N LEU C 329 -7.02 -8.30 34.79
CA LEU C 329 -6.17 -8.51 33.63
C LEU C 329 -4.83 -9.18 33.98
N ARG C 330 -4.56 -10.31 33.34
CA ARG C 330 -3.33 -11.08 33.54
C ARG C 330 -3.08 -11.47 34.99
N ASN C 331 -4.16 -11.63 35.75
CA ASN C 331 -4.06 -12.04 37.15
C ASN C 331 -5.21 -12.99 37.40
N PRO C 332 -5.19 -14.16 36.74
CA PRO C 332 -6.19 -15.23 36.82
C PRO C 332 -6.66 -15.56 38.22
N ALA C 333 -5.76 -15.45 39.19
CA ALA C 333 -6.09 -15.76 40.58
C ALA C 333 -6.86 -14.63 41.27
N VAL C 334 -7.07 -13.51 40.57
CA VAL C 334 -7.79 -12.40 41.18
C VAL C 334 -9.10 -12.08 40.47
N ARG C 335 -10.21 -12.35 41.16
CA ARG C 335 -11.52 -12.06 40.59
C ARG C 335 -11.84 -10.58 40.82
N ASN C 336 -12.47 -9.98 39.82
CA ASN C 336 -12.86 -8.58 39.95
C ASN C 336 -13.96 -8.57 41.02
N THR C 337 -13.83 -7.69 42.01
CA THR C 337 -14.83 -7.63 43.06
C THR C 337 -16.17 -7.19 42.49
N PRO C 338 -17.24 -7.34 43.27
CA PRO C 338 -18.56 -6.94 42.80
C PRO C 338 -18.57 -5.47 42.42
N GLU C 339 -17.93 -4.63 43.24
CA GLU C 339 -17.91 -3.20 42.93
C GLU C 339 -17.10 -2.90 41.67
N GLN C 340 -16.02 -3.65 41.45
CA GLN C 340 -15.22 -3.41 40.24
C GLN C 340 -15.99 -3.86 39.01
N LYS C 341 -16.74 -4.97 39.12
CA LYS C 341 -17.52 -5.44 37.99
C LYS C 341 -18.65 -4.45 37.67
N ALA C 342 -19.21 -3.83 38.71
CA ALA C 342 -20.27 -2.85 38.52
C ALA C 342 -19.67 -1.64 37.79
N ALA C 343 -18.43 -1.30 38.14
CA ALA C 343 -17.75 -0.18 37.50
C ALA C 343 -17.50 -0.48 36.02
N LEU C 344 -17.06 -1.69 35.73
CA LEU C 344 -16.77 -2.09 34.36
C LEU C 344 -18.06 -2.09 33.56
N LYS C 345 -19.14 -2.57 34.15
CA LYS C 345 -20.44 -2.61 33.47
C LYS C 345 -20.91 -1.19 33.17
N ALA C 346 -20.68 -0.28 34.12
CA ALA C 346 -21.09 1.11 33.94
C ALA C 346 -20.35 1.77 32.77
N GLU C 347 -19.05 1.55 32.69
CA GLU C 347 -18.25 2.14 31.62
C GLU C 347 -18.50 1.51 30.25
N GLN C 348 -18.75 0.19 30.22
CA GLN C 348 -19.02 -0.45 28.95
C GLN C 348 -20.40 -0.06 28.45
N ALA C 349 -21.25 0.43 29.34
CA ALA C 349 -22.60 0.83 28.97
C ALA C 349 -22.62 2.15 28.18
N THR C 350 -21.64 3.01 28.47
CA THR C 350 -21.52 4.32 27.83
C THR C 350 -21.46 4.24 26.30
N GLU C 351 -22.25 5.06 25.62
CA GLU C 351 -22.24 5.06 24.16
C GLU C 351 -21.32 6.12 23.56
N PHE C 352 -20.49 5.73 22.60
CA PHE C 352 -19.60 6.69 21.95
C PHE C 352 -20.15 6.94 20.57
N TYR C 353 -19.96 8.15 20.05
CA TYR C 353 -20.46 8.49 18.73
C TYR C 353 -19.40 9.20 17.91
N VAL C 354 -19.40 8.92 16.61
CA VAL C 354 -18.46 9.56 15.68
C VAL C 354 -18.84 11.05 15.50
N HIS C 355 -17.85 11.93 15.56
CA HIS C 355 -18.10 13.35 15.35
C HIS C 355 -17.70 13.58 13.90
N THR C 356 -18.69 13.54 13.03
CA THR C 356 -18.49 13.69 11.60
C THR C 356 -17.63 14.87 11.14
N PRO C 357 -17.86 16.07 11.71
CA PRO C 357 -17.05 17.23 11.30
C PRO C 357 -15.53 16.98 11.42
N MET C 358 -15.12 16.39 12.55
CA MET C 358 -13.71 16.09 12.77
C MET C 358 -13.19 15.02 11.80
N VAL C 359 -14.00 14.00 11.56
CA VAL C 359 -13.58 12.96 10.63
C VAL C 359 -13.41 13.59 9.25
N GLN C 360 -14.36 14.41 8.84
CA GLN C 360 -14.30 15.08 7.55
C GLN C 360 -13.05 15.96 7.46
N PHE C 361 -12.70 16.58 8.59
CA PHE C 361 -11.53 17.46 8.64
C PHE C 361 -10.25 16.63 8.45
N TYR C 362 -10.15 15.52 9.16
CA TYR C 362 -9.00 14.63 9.05
C TYR C 362 -8.85 14.12 7.63
N GLU C 363 -9.97 13.73 7.04
CA GLU C 363 -10.05 13.21 5.70
C GLU C 363 -9.59 14.24 4.67
N THR C 364 -10.08 15.46 4.82
CA THR C 364 -9.75 16.55 3.91
C THR C 364 -8.27 16.88 4.01
N LEU C 365 -7.77 17.05 5.24
CA LEU C 365 -6.36 17.33 5.45
C LEU C 365 -5.55 16.24 4.78
N GLY C 366 -5.91 14.99 5.05
CA GLY C 366 -5.20 13.87 4.48
C GLY C 366 -4.14 13.33 5.41
N LYS C 367 -3.76 12.07 5.24
CA LYS C 367 -2.75 11.47 6.09
C LYS C 367 -1.40 12.20 6.00
N ASP C 368 -1.02 12.59 4.79
CA ASP C 368 0.24 13.28 4.60
C ASP C 368 0.32 14.60 5.36
N ARG C 369 -0.76 15.38 5.31
CA ARG C 369 -0.77 16.67 6.02
C ARG C 369 -0.98 16.54 7.52
N ILE C 370 -1.59 15.46 7.97
CA ILE C 370 -1.76 15.29 9.41
C ILE C 370 -0.39 14.96 10.00
N LEU C 371 0.39 14.15 9.27
CA LEU C 371 1.73 13.80 9.73
C LEU C 371 2.60 15.05 9.73
N GLU C 372 2.42 15.89 8.72
CA GLU C 372 3.19 17.13 8.63
C GLU C 372 2.79 18.10 9.73
N LEU C 373 1.50 18.11 10.04
CA LEU C 373 0.97 19.00 11.07
C LEU C 373 1.18 18.47 12.49
N MET C 374 0.86 17.20 12.73
CA MET C 374 0.99 16.59 14.06
C MET C 374 2.14 15.59 14.21
N GLY C 375 2.88 15.36 13.13
CA GLY C 375 4.01 14.45 13.19
C GLY C 375 5.28 15.15 12.77
N ALA C 376 6.16 14.44 12.09
CA ALA C 376 7.43 14.99 11.64
C ALA C 376 7.42 15.37 10.15
N GLY C 377 6.26 15.23 9.52
CA GLY C 377 6.14 15.56 8.11
C GLY C 377 7.04 14.67 7.27
N THR C 378 7.43 15.15 6.09
CA THR C 378 8.29 14.38 5.20
C THR C 378 9.75 14.50 5.66
N LEU C 379 10.43 13.37 5.79
CA LEU C 379 11.81 13.36 6.25
C LEU C 379 12.84 13.37 5.13
N ASN C 380 13.77 14.32 5.22
CA ASN C 380 14.85 14.44 4.24
C ASN C 380 16.05 13.92 5.02
N LYS C 381 16.08 12.62 5.25
CA LYS C 381 17.14 11.96 6.01
C LYS C 381 18.59 12.36 5.71
N GLU C 382 18.84 13.67 5.69
CA GLU C 382 20.16 14.22 5.46
C GLU C 382 20.16 15.72 5.76
N LEU C 383 18.99 16.21 6.16
CA LEU C 383 18.84 17.60 6.54
C LEU C 383 18.42 17.58 8.01
N LEU C 384 18.84 16.51 8.69
CA LEU C 384 18.53 16.33 10.11
C LEU C 384 19.38 15.20 10.69
N ASN C 385 19.84 15.40 11.93
CA ASN C 385 20.68 14.45 12.65
C ASN C 385 20.15 13.02 12.58
N ASP C 386 21.06 12.05 12.51
CA ASP C 386 20.67 10.64 12.45
C ASP C 386 19.78 10.17 13.59
N ASN C 387 20.16 10.48 14.83
CA ASN C 387 19.37 10.06 15.98
C ASN C 387 18.08 10.86 16.06
N HIS C 388 18.10 12.09 15.57
CA HIS C 388 16.91 12.92 15.58
C HIS C 388 15.90 12.25 14.64
N ALA C 389 16.36 11.98 13.42
CA ALA C 389 15.52 11.34 12.41
C ALA C 389 14.88 10.07 12.96
N LYS C 390 15.65 9.28 13.70
CA LYS C 390 15.12 8.05 14.27
C LYS C 390 13.95 8.40 15.20
N SER C 391 14.09 9.48 15.95
CA SER C 391 13.03 9.92 16.85
C SER C 391 11.80 10.37 16.07
N LEU C 392 12.01 11.30 15.14
CA LEU C 392 10.91 11.81 14.32
C LEU C 392 10.14 10.67 13.68
N GLU C 393 10.85 9.74 13.08
CA GLU C 393 10.25 8.59 12.42
C GLU C 393 9.38 7.81 13.41
N GLY C 394 9.78 7.80 14.68
CA GLY C 394 9.00 7.09 15.68
C GLY C 394 7.69 7.82 15.89
N LYS C 395 7.74 9.14 15.88
CA LYS C 395 6.56 9.97 16.08
C LYS C 395 5.55 9.80 14.96
N ASN C 396 6.02 9.89 13.72
CA ASN C 396 5.13 9.74 12.56
C ASN C 396 4.36 8.42 12.62
N ARG C 397 5.08 7.36 12.99
CA ARG C 397 4.49 6.03 13.09
C ARG C 397 3.30 6.01 14.04
N SER C 398 3.49 6.51 15.25
CA SER C 398 2.41 6.55 16.24
C SER C 398 1.19 7.27 15.68
N VAL C 399 1.42 8.39 15.00
CA VAL C 399 0.33 9.18 14.42
C VAL C 399 -0.30 8.46 13.22
N GLU C 400 0.53 7.96 12.30
CA GLU C 400 0.03 7.26 11.12
C GLU C 400 -0.80 6.03 11.48
N ASP C 401 -0.34 5.27 12.47
CA ASP C 401 -1.06 4.08 12.90
C ASP C 401 -2.41 4.47 13.51
N SER C 402 -2.44 5.56 14.26
CA SER C 402 -3.67 6.04 14.90
C SER C 402 -4.67 6.47 13.84
N TYR C 403 -4.16 7.11 12.79
CA TYR C 403 -4.98 7.59 11.70
C TYR C 403 -5.61 6.41 10.92
N ASN C 404 -4.80 5.39 10.59
CA ASN C 404 -5.31 4.24 9.86
C ASN C 404 -6.33 3.48 10.68
N GLN C 405 -6.06 3.36 11.98
CA GLN C 405 -6.94 2.66 12.89
C GLN C 405 -8.31 3.34 13.00
N LEU C 406 -8.31 4.67 13.09
CA LEU C 406 -9.57 5.41 13.19
C LEU C 406 -10.43 5.20 11.95
N PHE C 407 -9.82 5.34 10.78
CA PHE C 407 -10.57 5.18 9.56
C PHE C 407 -11.00 3.74 9.27
N SER C 408 -10.33 2.77 9.87
CA SER C 408 -10.74 1.37 9.69
C SER C 408 -12.08 1.27 10.44
N VAL C 409 -12.12 1.86 11.63
CA VAL C 409 -13.31 1.86 12.46
C VAL C 409 -14.45 2.63 11.77
N ILE C 410 -14.13 3.81 11.24
CA ILE C 410 -15.12 4.62 10.55
C ILE C 410 -15.72 3.83 9.38
N GLU C 411 -14.88 3.09 8.68
CA GLU C 411 -15.34 2.30 7.55
C GLU C 411 -16.36 1.23 7.95
N GLN C 412 -16.25 0.69 9.16
CA GLN C 412 -17.20 -0.32 9.62
C GLN C 412 -18.46 0.39 10.16
N VAL C 413 -18.27 1.55 10.79
CA VAL C 413 -19.40 2.30 11.32
C VAL C 413 -20.31 2.78 10.18
N ARG C 414 -19.70 3.28 9.11
CA ARG C 414 -20.45 3.79 7.97
C ARG C 414 -21.40 2.74 7.39
N ALA C 415 -21.02 1.47 7.51
CA ALA C 415 -21.86 0.38 7.01
C ALA C 415 -23.09 0.18 7.89
N GLN C 416 -23.00 0.58 9.15
CA GLN C 416 -24.09 0.40 10.09
C GLN C 416 -25.30 1.29 9.81
N SER C 417 -25.12 2.35 9.03
CA SER C 417 -26.24 3.23 8.70
C SER C 417 -25.89 4.43 7.83
N GLU C 418 -26.94 5.13 7.42
CA GLU C 418 -26.86 6.33 6.59
C GLU C 418 -26.10 7.43 7.32
N ASP C 419 -26.45 7.66 8.58
CA ASP C 419 -25.80 8.71 9.36
C ASP C 419 -24.84 8.11 10.39
N ILE C 420 -23.55 8.17 10.11
CA ILE C 420 -22.54 7.60 11.00
C ILE C 420 -22.48 8.22 12.38
N SER C 421 -22.92 9.46 12.52
CA SER C 421 -22.88 10.12 13.82
C SER C 421 -23.98 9.63 14.76
N THR C 422 -24.84 8.74 14.28
CA THR C 422 -25.92 8.23 15.12
C THR C 422 -25.72 6.76 15.49
N VAL C 423 -24.61 6.17 15.06
CA VAL C 423 -24.33 4.78 15.40
C VAL C 423 -23.64 4.70 16.75
N PRO C 424 -24.32 4.14 17.77
CA PRO C 424 -23.70 4.03 19.10
C PRO C 424 -22.58 3.00 19.11
N ILE C 425 -21.48 3.32 19.78
CA ILE C 425 -20.35 2.40 19.88
C ILE C 425 -19.99 2.12 21.34
N HIS C 426 -19.76 0.87 21.68
CA HIS C 426 -19.36 0.52 23.05
C HIS C 426 -17.93 -0.01 23.01
N TYR C 427 -17.23 0.14 24.12
CA TYR C 427 -15.86 -0.33 24.25
C TYR C 427 -15.74 -1.24 25.46
N ALA C 428 -14.97 -2.31 25.32
CA ALA C 428 -14.77 -3.23 26.41
C ALA C 428 -13.67 -2.67 27.32
N TYR C 429 -13.78 -2.94 28.61
CA TYR C 429 -12.76 -2.52 29.58
C TYR C 429 -12.41 -3.70 30.48
N ASN C 430 -11.32 -3.55 31.23
CA ASN C 430 -10.97 -4.54 32.22
C ASN C 430 -10.13 -3.85 33.28
N MET C 431 -10.12 -4.43 34.46
CA MET C 431 -9.39 -3.89 35.58
C MET C 431 -7.95 -4.41 35.48
N THR C 432 -6.99 -3.49 35.55
CA THR C 432 -5.58 -3.85 35.50
C THR C 432 -5.10 -4.24 36.89
N ARG C 433 -3.86 -4.71 36.96
CA ARG C 433 -3.20 -5.10 38.22
C ARG C 433 -3.23 -3.99 39.25
N VAL C 434 -3.30 -2.74 38.78
CA VAL C 434 -3.28 -1.64 39.73
C VAL C 434 -4.60 -0.93 39.92
N GLY C 435 -5.69 -1.62 39.59
CA GLY C 435 -7.02 -1.07 39.78
C GLY C 435 -7.52 -0.05 38.77
N ARG C 436 -6.90 0.04 37.62
CA ARG C 436 -7.33 1.01 36.61
C ARG C 436 -8.23 0.38 35.55
N MET C 437 -9.25 1.11 35.12
CA MET C 437 -10.16 0.61 34.11
C MET C 437 -9.61 0.98 32.75
N GLN C 438 -9.01 -0.01 32.11
CA GLN C 438 -8.38 0.19 30.82
C GLN C 438 -9.23 -0.27 29.66
N MET C 439 -9.42 0.64 28.71
CA MET C 439 -10.18 0.33 27.50
C MET C 439 -9.30 -0.68 26.78
N LEU C 440 -9.88 -1.75 26.26
CA LEU C 440 -9.06 -2.74 25.58
C LEU C 440 -8.74 -2.30 24.16
N GLY C 441 -7.51 -2.54 23.72
CA GLY C 441 -7.11 -2.16 22.37
C GLY C 441 -6.02 -1.12 22.34
N LYS C 442 -5.17 -1.17 21.32
CA LYS C 442 -4.06 -0.22 21.22
C LYS C 442 -4.47 1.24 21.03
N TYR C 443 -5.22 1.53 19.97
CA TYR C 443 -5.64 2.89 19.69
C TYR C 443 -7.15 3.07 19.83
N ASN C 444 -7.57 3.69 20.93
CA ASN C 444 -8.97 3.92 21.20
C ASN C 444 -9.14 5.32 21.80
N PRO C 445 -10.38 5.74 22.10
CA PRO C 445 -10.53 7.08 22.67
C PRO C 445 -9.74 7.32 23.96
N GLN C 446 -9.62 6.29 24.79
CA GLN C 446 -8.89 6.48 26.04
C GLN C 446 -7.38 6.55 25.85
N SER C 447 -6.85 5.84 24.86
CA SER C 447 -5.40 5.83 24.67
C SER C 447 -4.82 6.69 23.54
N ALA C 448 -5.61 7.00 22.52
CA ALA C 448 -5.12 7.76 21.36
C ALA C 448 -5.74 9.15 21.21
N LYS C 449 -4.93 10.21 21.31
CA LYS C 449 -5.44 11.58 21.21
C LYS C 449 -6.19 11.86 19.90
N LEU C 450 -5.67 11.38 18.77
CA LEU C 450 -6.31 11.59 17.47
C LEU C 450 -7.71 10.97 17.44
N VAL C 451 -7.81 9.74 17.95
CA VAL C 451 -9.09 9.04 17.98
C VAL C 451 -10.04 9.68 18.98
N ARG C 452 -9.48 10.20 20.07
CA ARG C 452 -10.27 10.81 21.13
C ARG C 452 -11.10 12.01 20.67
N GLU C 453 -10.64 12.68 19.61
CA GLU C 453 -11.38 13.85 19.12
C GLU C 453 -12.32 13.52 17.96
N ALA C 454 -12.50 12.24 17.67
CA ALA C 454 -13.39 11.83 16.58
C ALA C 454 -14.49 10.88 17.07
N ILE C 455 -14.22 10.17 18.15
CA ILE C 455 -15.20 9.23 18.71
C ILE C 455 -15.34 9.59 20.17
N LEU C 456 -16.46 10.23 20.51
CA LEU C 456 -16.73 10.75 21.86
C LEU C 456 -18.04 10.31 22.49
N PRO C 457 -18.11 10.30 23.83
CA PRO C 457 -19.33 9.90 24.55
C PRO C 457 -20.01 11.17 25.06
N THR C 458 -19.31 12.28 24.92
CA THR C 458 -19.81 13.55 25.39
C THR C 458 -20.67 14.17 24.32
N LYS C 459 -21.67 14.92 24.73
CA LYS C 459 -22.55 15.53 23.75
C LYS C 459 -23.56 16.34 24.50
N ALA C 460 -23.93 17.46 23.93
CA ALA C 460 -24.89 18.30 24.58
C ALA C 460 -25.45 19.24 23.54
N THR C 461 -26.64 19.74 23.81
CA THR C 461 -27.28 20.69 22.93
C THR C 461 -27.25 21.94 23.79
N LEU C 462 -26.58 22.97 23.31
CA LEU C 462 -26.43 24.20 24.07
C LEU C 462 -27.11 25.41 23.46
N ASP C 463 -27.47 26.36 24.32
CA ASP C 463 -28.08 27.60 23.87
C ASP C 463 -26.96 28.62 23.87
N LEU C 464 -26.38 28.85 22.70
CA LEU C 464 -25.28 29.80 22.59
C LEU C 464 -25.74 31.06 21.86
N SER C 465 -27.04 31.32 21.89
CA SER C 465 -27.61 32.49 21.22
C SER C 465 -27.22 33.76 21.96
N ASN C 466 -26.95 33.63 23.25
CA ASN C 466 -26.56 34.76 24.10
C ASN C 466 -25.28 34.43 24.86
N GLN C 467 -24.23 35.22 24.63
CA GLN C 467 -22.95 34.98 25.27
C GLN C 467 -22.92 35.19 26.78
N ASN C 468 -24.05 35.55 27.37
CA ASN C 468 -24.10 35.73 28.81
C ASN C 468 -24.77 34.52 29.46
N ASN C 469 -25.08 33.51 28.63
CA ASN C 469 -25.72 32.27 29.10
C ASN C 469 -24.72 31.40 29.84
N GLU C 470 -25.22 30.56 30.74
CA GLU C 470 -24.34 29.64 31.46
C GLU C 470 -23.81 28.64 30.44
N ASP C 471 -24.62 28.37 29.42
CA ASP C 471 -24.23 27.45 28.36
C ASP C 471 -23.01 27.95 27.62
N PHE C 472 -22.98 29.26 27.34
CA PHE C 472 -21.86 29.84 26.61
C PHE C 472 -20.58 29.83 27.46
N SER C 473 -20.74 30.03 28.76
CA SER C 473 -19.61 30.00 29.68
C SER C 473 -18.97 28.61 29.64
N ALA C 474 -19.81 27.58 29.62
CA ALA C 474 -19.32 26.21 29.57
C ALA C 474 -18.56 25.99 28.27
N PHE C 475 -19.15 26.46 27.17
CA PHE C 475 -18.55 26.35 25.84
C PHE C 475 -17.16 27.00 25.87
N GLN C 476 -17.07 28.16 26.52
CA GLN C 476 -15.81 28.87 26.60
C GLN C 476 -14.79 28.06 27.39
N LEU C 477 -15.22 27.51 28.51
CA LEU C 477 -14.34 26.70 29.34
C LEU C 477 -13.76 25.53 28.53
N GLY C 478 -14.60 24.86 27.74
CA GLY C 478 -14.13 23.76 26.92
C GLY C 478 -13.13 24.21 25.86
N LEU C 479 -13.41 25.36 25.24
CA LEU C 479 -12.53 25.88 24.20
C LEU C 479 -11.21 26.34 24.79
N ALA C 480 -11.27 27.01 25.94
CA ALA C 480 -10.09 27.52 26.60
C ALA C 480 -9.16 26.36 26.98
N GLN C 481 -9.70 25.41 27.74
CA GLN C 481 -8.91 24.27 28.18
C GLN C 481 -8.26 23.57 26.99
N ALA C 482 -9.03 23.38 25.92
CA ALA C 482 -8.53 22.74 24.71
C ALA C 482 -7.41 23.55 24.06
N LEU C 483 -7.45 24.87 24.22
CA LEU C 483 -6.46 25.74 23.62
C LEU C 483 -5.23 25.96 24.48
N ASP C 484 -5.09 25.17 25.53
CA ASP C 484 -3.94 25.26 26.42
C ASP C 484 -3.95 26.44 27.39
N ILE C 485 -5.13 26.93 27.73
CA ILE C 485 -5.23 28.00 28.72
C ILE C 485 -5.38 27.21 30.02
N LYS C 486 -4.62 27.57 31.05
CA LYS C 486 -4.66 26.88 32.35
C LYS C 486 -5.95 27.22 33.09
N VAL C 487 -7.07 26.62 32.69
CA VAL C 487 -8.38 26.93 33.27
C VAL C 487 -8.59 26.72 34.77
N HIS C 488 -7.81 25.83 35.39
CA HIS C 488 -7.99 25.62 36.83
C HIS C 488 -7.21 26.64 37.69
N THR C 489 -6.41 27.48 37.04
CA THR C 489 -5.60 28.47 37.75
C THR C 489 -6.22 29.87 37.79
N MET C 490 -7.40 30.03 37.19
CA MET C 490 -8.08 31.31 37.15
C MET C 490 -9.59 31.08 37.18
N THR C 491 -10.36 32.10 37.57
CA THR C 491 -11.81 31.96 37.61
C THR C 491 -12.39 31.93 36.20
N ARG C 492 -13.66 31.53 36.11
CA ARG C 492 -14.38 31.43 34.84
C ARG C 492 -14.41 32.78 34.11
N GLU C 493 -14.64 33.84 34.87
CA GLU C 493 -14.71 35.17 34.30
C GLU C 493 -13.37 35.58 33.69
N VAL C 494 -12.28 35.33 34.43
CA VAL C 494 -10.94 35.67 33.95
C VAL C 494 -10.53 34.86 32.71
N MET C 495 -10.86 33.57 32.67
CA MET C 495 -10.47 32.77 31.51
C MET C 495 -11.27 33.15 30.27
N SER C 496 -12.50 33.60 30.48
CA SER C 496 -13.35 34.04 29.39
C SER C 496 -12.64 35.15 28.62
N ASP C 497 -12.05 36.10 29.37
CA ASP C 497 -11.32 37.22 28.79
C ASP C 497 -10.04 36.76 28.08
N GLU C 498 -9.33 35.81 28.68
CA GLU C 498 -8.13 35.26 28.07
C GLU C 498 -8.49 34.57 26.76
N LEU C 499 -9.57 33.78 26.79
CA LEU C 499 -10.02 33.07 25.59
C LEU C 499 -10.37 34.05 24.49
N THR C 500 -11.19 35.04 24.81
CA THR C 500 -11.61 36.05 23.86
C THR C 500 -10.42 36.70 23.16
N LYS C 501 -9.39 37.01 23.93
CA LYS C 501 -8.19 37.63 23.39
C LYS C 501 -7.52 36.76 22.34
N LEU C 502 -7.46 35.46 22.61
CA LEU C 502 -6.83 34.50 21.71
C LEU C 502 -7.65 34.33 20.42
N LEU C 503 -8.96 34.18 20.59
CA LEU C 503 -9.87 34.00 19.46
C LEU C 503 -9.87 35.18 18.50
N GLU C 504 -9.85 36.39 19.08
CA GLU C 504 -9.86 37.60 18.28
C GLU C 504 -8.46 38.03 17.87
N GLY C 505 -7.45 37.26 18.28
CA GLY C 505 -6.08 37.60 17.96
C GLY C 505 -5.32 36.62 17.09
N ASN C 506 -4.38 35.90 17.71
CA ASN C 506 -3.53 34.94 17.01
C ASN C 506 -4.29 33.86 16.25
N LEU C 507 -5.33 33.30 16.87
CA LEU C 507 -6.10 32.23 16.25
C LEU C 507 -7.05 32.67 15.14
N LYS C 508 -7.37 33.96 15.12
CA LYS C 508 -8.31 34.52 14.14
C LYS C 508 -8.16 34.02 12.70
N PRO C 509 -6.93 33.92 12.19
CA PRO C 509 -6.75 33.44 10.81
C PRO C 509 -7.12 31.96 10.66
N ALA C 510 -6.81 31.17 11.67
CA ALA C 510 -7.14 29.76 11.60
C ALA C 510 -8.66 29.61 11.71
N ILE C 511 -9.28 30.42 12.57
CA ILE C 511 -10.73 30.39 12.73
C ILE C 511 -11.42 30.68 11.41
N ASP C 512 -10.91 31.64 10.65
CA ASP C 512 -11.51 32.00 9.37
C ASP C 512 -11.39 30.84 8.40
N MET C 513 -10.25 30.17 8.41
CA MET C 513 -10.07 29.04 7.52
C MET C 513 -11.08 27.95 7.85
N MET C 514 -11.33 27.74 9.15
CA MET C 514 -12.26 26.70 9.57
C MET C 514 -13.72 27.07 9.32
N VAL C 515 -14.00 28.37 9.30
CA VAL C 515 -15.35 28.84 9.01
C VAL C 515 -15.62 28.50 7.54
N GLU C 516 -14.63 28.75 6.70
CA GLU C 516 -14.73 28.46 5.28
C GLU C 516 -14.85 26.95 5.08
N PHE C 517 -14.11 26.16 5.86
CA PHE C 517 -14.19 24.72 5.74
C PHE C 517 -15.58 24.21 6.12
N ASN C 518 -16.18 24.81 7.15
CA ASN C 518 -17.50 24.40 7.59
C ASN C 518 -18.60 24.99 6.74
N THR C 519 -18.20 25.71 5.68
CA THR C 519 -19.13 26.32 4.75
C THR C 519 -19.07 25.61 3.40
N THR C 520 -17.87 25.28 2.96
CA THR C 520 -17.67 24.62 1.67
C THR C 520 -17.06 23.22 1.73
N GLY C 521 -16.53 22.85 2.88
CA GLY C 521 -15.92 21.53 3.00
C GLY C 521 -14.55 21.45 2.32
N SER C 522 -13.97 22.61 2.03
CA SER C 522 -12.66 22.65 1.38
C SER C 522 -11.63 23.38 2.24
N LEU C 523 -10.37 23.01 2.07
CA LEU C 523 -9.28 23.65 2.82
C LEU C 523 -8.27 24.23 1.85
N PRO C 524 -7.51 25.25 2.28
CA PRO C 524 -6.50 25.88 1.43
C PRO C 524 -5.30 24.95 1.23
N GLU C 525 -4.47 25.24 0.25
CA GLU C 525 -3.28 24.44 -0.03
C GLU C 525 -2.28 24.61 1.10
N ASN C 526 -2.41 25.69 1.87
CA ASN C 526 -1.51 25.98 2.98
C ASN C 526 -2.17 25.80 4.34
N ALA C 527 -3.17 24.93 4.42
CA ALA C 527 -3.87 24.67 5.67
C ALA C 527 -2.88 24.37 6.80
N VAL C 528 -1.90 23.52 6.54
CA VAL C 528 -0.93 23.17 7.58
C VAL C 528 -0.20 24.42 8.12
N ASP C 529 0.21 25.30 7.23
CA ASP C 529 0.92 26.50 7.64
C ASP C 529 0.05 27.45 8.48
N VAL C 530 -1.21 27.63 8.06
CA VAL C 530 -2.12 28.50 8.82
C VAL C 530 -2.35 27.94 10.22
N LEU C 531 -2.53 26.62 10.31
CA LEU C 531 -2.76 25.99 11.61
C LEU C 531 -1.53 26.10 12.48
N ASN C 532 -0.38 25.78 11.91
CA ASN C 532 0.86 25.85 12.65
C ASN C 532 1.15 27.22 13.24
N THR C 533 1.08 28.24 12.39
CA THR C 533 1.36 29.60 12.84
C THR C 533 0.35 30.09 13.88
N ALA C 534 -0.93 29.84 13.64
CA ALA C 534 -1.96 30.28 14.56
C ALA C 534 -1.84 29.63 15.95
N LEU C 535 -1.63 28.33 15.97
CA LEU C 535 -1.53 27.57 17.22
C LEU C 535 -0.23 27.66 18.01
N GLY C 536 0.89 27.72 17.32
CA GLY C 536 2.15 27.77 18.04
C GLY C 536 2.32 26.53 18.89
N ASP C 537 2.64 26.70 20.16
CA ASP C 537 2.83 25.54 21.04
C ASP C 537 1.52 25.05 21.64
N ARG C 538 0.42 25.67 21.23
CA ARG C 538 -0.90 25.27 21.71
C ARG C 538 -1.41 24.11 20.84
N LYS C 539 -0.64 23.77 19.81
CA LYS C 539 -1.03 22.72 18.88
C LYS C 539 -1.20 21.33 19.49
N SER C 540 -2.38 20.75 19.28
CA SER C 540 -2.72 19.42 19.78
C SER C 540 -4.00 19.02 19.05
N PHE C 541 -4.39 17.76 19.15
CA PHE C 541 -5.60 17.31 18.48
C PHE C 541 -6.82 17.97 19.09
N VAL C 542 -6.86 18.09 20.41
CA VAL C 542 -8.01 18.70 21.05
C VAL C 542 -8.10 20.18 20.68
N ALA C 543 -6.95 20.78 20.40
CA ALA C 543 -6.93 22.19 20.00
C ALA C 543 -7.58 22.30 18.61
N LEU C 544 -7.43 21.26 17.80
CA LEU C 544 -8.03 21.28 16.47
C LEU C 544 -9.54 21.15 16.65
N MET C 545 -9.95 20.39 17.66
CA MET C 545 -11.36 20.20 17.95
C MET C 545 -11.98 21.54 18.37
N ALA C 546 -11.21 22.35 19.10
CA ALA C 546 -11.71 23.64 19.56
C ALA C 546 -11.88 24.60 18.38
N LEU C 547 -10.90 24.61 17.48
CA LEU C 547 -11.00 25.48 16.32
C LEU C 547 -12.17 25.02 15.46
N MET C 548 -12.31 23.70 15.32
CA MET C 548 -13.40 23.12 14.56
C MET C 548 -14.75 23.51 15.16
N GLU C 549 -14.91 23.30 16.47
CA GLU C 549 -16.16 23.61 17.13
C GLU C 549 -16.51 25.08 17.23
N TYR C 550 -15.51 25.93 17.41
CA TYR C 550 -15.80 27.35 17.49
C TYR C 550 -16.29 27.83 16.14
N SER C 551 -15.62 27.42 15.07
CA SER C 551 -16.02 27.84 13.73
C SER C 551 -17.43 27.33 13.39
N ARG C 552 -17.75 26.10 13.79
CA ARG C 552 -19.07 25.53 13.53
C ARG C 552 -20.16 26.39 14.20
N TYR C 553 -19.88 26.86 15.42
CA TYR C 553 -20.83 27.70 16.11
C TYR C 553 -21.01 29.03 15.37
N LEU C 554 -19.91 29.54 14.83
CA LEU C 554 -19.97 30.80 14.09
C LEU C 554 -20.90 30.71 12.87
N VAL C 555 -20.79 29.65 12.09
CA VAL C 555 -21.65 29.52 10.92
C VAL C 555 -22.96 28.80 11.24
N ALA C 556 -23.15 28.44 12.51
CA ALA C 556 -24.36 27.73 12.93
C ALA C 556 -25.68 28.47 12.64
N GLU C 557 -26.63 27.73 12.08
CA GLU C 557 -27.95 28.23 11.75
C GLU C 557 -28.71 28.55 13.04
N ASP C 558 -28.94 27.50 13.82
CA ASP C 558 -29.67 27.60 15.09
C ASP C 558 -28.70 27.56 16.29
N LYS C 559 -28.26 28.74 16.73
CA LYS C 559 -27.34 28.84 17.85
C LYS C 559 -28.04 28.53 19.17
N SER C 560 -29.37 28.50 19.14
CA SER C 560 -30.15 28.22 20.34
C SER C 560 -30.09 26.74 20.70
N ALA C 561 -29.73 25.91 19.72
CA ALA C 561 -29.62 24.48 19.92
C ALA C 561 -28.40 23.94 19.18
N PHE C 562 -27.22 24.32 19.65
CA PHE C 562 -25.96 23.89 19.04
C PHE C 562 -25.54 22.57 19.65
N VAL C 563 -25.44 21.54 18.82
CA VAL C 563 -25.03 20.22 19.30
C VAL C 563 -23.52 20.04 19.10
N THR C 564 -22.81 19.77 20.19
CA THR C 564 -21.36 19.59 20.13
C THR C 564 -20.85 18.57 21.14
N PRO C 565 -19.78 17.84 20.77
CA PRO C 565 -19.22 16.85 21.69
C PRO C 565 -18.04 17.47 22.44
N LEU C 566 -17.84 18.78 22.28
CA LEU C 566 -16.75 19.47 22.96
C LEU C 566 -16.88 19.17 24.44
N TYR C 567 -15.75 18.96 25.11
CA TYR C 567 -15.83 18.64 26.52
C TYR C 567 -14.93 19.45 27.41
N VAL C 568 -15.10 19.25 28.71
CA VAL C 568 -14.25 19.86 29.71
C VAL C 568 -13.74 18.68 30.52
N GLU C 569 -12.43 18.61 30.74
CA GLU C 569 -11.89 17.54 31.55
C GLU C 569 -11.72 17.97 32.99
N ALA C 570 -12.43 17.33 33.91
CA ALA C 570 -12.24 17.64 35.32
C ALA C 570 -10.93 16.87 35.53
N ASP C 571 -9.84 17.60 35.68
CA ASP C 571 -8.52 16.99 35.79
C ASP C 571 -7.82 17.13 37.15
N GLY C 572 -7.36 15.98 37.67
CA GLY C 572 -6.68 15.96 38.94
C GLY C 572 -5.44 16.82 38.93
N VAL C 573 -5.23 17.57 40.02
CA VAL C 573 -4.07 18.46 40.17
C VAL C 573 -2.99 17.71 40.97
N THR C 574 -1.92 17.30 40.29
CA THR C 574 -0.83 16.54 40.92
C THR C 574 -1.48 15.39 41.69
N ASN C 575 -2.32 14.66 40.96
CA ASN C 575 -3.11 13.54 41.48
C ASN C 575 -2.39 12.46 42.28
N GLY C 576 -1.40 11.82 41.67
CA GLY C 576 -0.68 10.77 42.38
C GLY C 576 -0.05 11.24 43.68
N PRO C 577 0.78 12.29 43.63
CA PRO C 577 1.45 12.85 44.82
C PRO C 577 0.46 13.26 45.91
N ILE C 578 -0.59 13.97 45.53
CA ILE C 578 -1.61 14.40 46.50
C ILE C 578 -2.31 13.18 47.09
N ASN C 579 -2.69 12.21 46.24
CA ASN C 579 -3.35 11.01 46.76
C ASN C 579 -2.47 10.34 47.82
N ALA C 580 -1.19 10.14 47.50
CA ALA C 580 -0.27 9.52 48.43
C ALA C 580 -0.19 10.30 49.74
N MET C 581 -0.14 11.62 49.66
CA MET C 581 -0.07 12.47 50.85
C MET C 581 -1.29 12.25 51.74
N MET C 582 -2.48 12.26 51.15
CA MET C 582 -3.70 12.06 51.94
C MET C 582 -3.83 10.64 52.47
N LEU C 583 -3.49 9.67 51.62
CA LEU C 583 -3.60 8.26 51.96
C LEU C 583 -2.55 7.65 52.87
N MET C 584 -1.31 8.12 52.80
CA MET C 584 -0.26 7.52 53.62
C MET C 584 0.56 8.37 54.58
N THR C 585 0.06 9.54 54.96
CA THR C 585 0.75 10.36 55.94
C THR C 585 0.11 9.90 57.25
N GLY C 586 0.91 9.40 58.17
CA GLY C 586 0.34 8.91 59.41
C GLY C 586 0.68 9.59 60.73
N GLY C 587 1.38 10.71 60.72
CA GLY C 587 1.70 11.34 61.99
C GLY C 587 0.71 12.42 62.35
N LEU C 588 1.09 13.29 63.29
CA LEU C 588 0.25 14.40 63.69
C LEU C 588 0.19 15.37 62.51
N PHE C 589 -0.82 16.25 62.51
CA PHE C 589 -0.95 17.23 61.44
C PHE C 589 0.08 18.35 61.61
N THR C 590 0.70 18.75 60.51
CA THR C 590 1.70 19.83 60.54
C THR C 590 1.24 20.97 59.61
N PRO C 591 1.67 22.22 59.86
CA PRO C 591 1.24 23.32 58.99
C PRO C 591 1.77 23.28 57.55
N ASP C 592 2.91 22.64 57.35
CA ASP C 592 3.49 22.54 56.02
C ASP C 592 2.60 21.64 55.16
N TRP C 593 2.16 20.55 55.77
CA TRP C 593 1.29 19.59 55.10
C TRP C 593 -0.04 20.27 54.73
N ILE C 594 -0.56 21.08 55.65
CA ILE C 594 -1.83 21.78 55.40
C ILE C 594 -1.70 22.73 54.21
N ARG C 595 -0.57 23.43 54.12
CA ARG C 595 -0.33 24.35 53.02
C ARG C 595 -0.10 23.61 51.71
N ASN C 596 0.70 22.54 51.76
CA ASN C 596 0.99 21.75 50.56
C ASN C 596 -0.18 20.93 50.05
N ILE C 597 -0.99 20.39 50.95
CA ILE C 597 -2.14 19.59 50.53
C ILE C 597 -3.20 20.49 49.91
N ALA C 598 -3.17 21.78 50.26
CA ALA C 598 -4.13 22.73 49.68
C ALA C 598 -3.81 22.97 48.21
N LYS C 599 -2.56 22.72 47.82
CA LYS C 599 -2.14 22.91 46.44
C LYS C 599 -2.75 21.79 45.58
N GLY C 600 -3.31 20.78 46.25
CA GLY C 600 -3.93 19.68 45.57
C GLY C 600 -5.44 19.72 45.68
N GLY C 601 -5.99 20.81 46.18
CA GLY C 601 -7.44 20.91 46.27
C GLY C 601 -8.16 20.59 47.58
N LEU C 602 -7.43 20.27 48.64
CA LEU C 602 -8.07 19.98 49.93
C LEU C 602 -8.00 21.26 50.74
N PHE C 603 -9.11 21.98 50.82
CA PHE C 603 -9.14 23.24 51.54
C PHE C 603 -9.84 23.10 52.89
N ILE C 604 -9.15 23.52 53.93
CA ILE C 604 -9.66 23.44 55.29
C ILE C 604 -10.14 24.81 55.78
N GLY C 605 -11.37 24.86 56.28
CA GLY C 605 -11.91 26.11 56.80
C GLY C 605 -12.22 27.18 55.77
N SER C 606 -12.53 26.76 54.54
CA SER C 606 -12.82 27.70 53.46
C SER C 606 -14.00 27.19 52.65
N PRO C 607 -15.21 27.24 53.22
CA PRO C 607 -16.41 26.76 52.53
C PRO C 607 -16.59 27.22 51.08
N ASN C 608 -16.77 26.25 50.18
CA ASN C 608 -17.00 26.50 48.77
C ASN C 608 -15.80 27.05 48.00
N LYS C 609 -14.62 26.97 48.61
CA LYS C 609 -13.41 27.45 47.94
C LYS C 609 -13.07 26.53 46.77
N THR C 610 -12.65 27.11 45.65
CA THR C 610 -12.28 26.31 44.47
C THR C 610 -10.79 26.45 44.18
N MET C 611 -10.28 25.54 43.35
CA MET C 611 -8.88 25.57 42.97
C MET C 611 -8.62 26.86 42.21
N ASN C 612 -9.61 27.28 41.42
CA ASN C 612 -9.49 28.51 40.63
C ASN C 612 -9.18 29.68 41.56
N GLU C 613 -9.93 29.78 42.66
CA GLU C 613 -9.73 30.85 43.61
C GLU C 613 -8.42 30.65 44.37
N HIS C 614 -8.11 29.40 44.70
CA HIS C 614 -6.88 29.13 45.43
C HIS C 614 -5.65 29.64 44.69
N ARG C 615 -5.52 29.24 43.43
CA ARG C 615 -4.38 29.63 42.59
C ARG C 615 -4.30 31.11 42.29
N SER C 616 -5.45 31.78 42.19
CA SER C 616 -5.42 33.19 41.88
C SER C 616 -5.37 34.13 43.09
N THR C 617 -5.77 33.66 44.26
CA THR C 617 -5.81 34.50 45.46
C THR C 617 -4.95 34.09 46.65
N ALA C 618 -4.66 32.80 46.78
CA ALA C 618 -3.90 32.33 47.94
C ALA C 618 -2.49 31.80 47.72
N ASP C 619 -2.29 31.00 46.67
CA ASP C 619 -1.02 30.37 46.40
C ASP C 619 -0.91 30.00 44.91
N ASN C 620 -0.03 30.66 44.17
CA ASN C 620 0.09 30.37 42.75
C ASN C 620 1.05 29.23 42.40
N ASN C 621 1.65 28.61 43.41
CA ASN C 621 2.57 27.50 43.16
C ASN C 621 1.92 26.16 43.48
N ASP C 622 1.84 25.29 42.47
CA ASP C 622 1.28 23.96 42.73
C ASP C 622 2.40 23.11 43.30
N LEU C 623 2.13 21.82 43.47
CA LEU C 623 3.11 20.91 44.06
C LEU C 623 4.43 20.81 43.28
N TYR C 624 4.35 20.95 41.96
CA TYR C 624 5.53 20.86 41.11
C TYR C 624 6.46 22.04 41.36
N GLN C 625 5.87 23.23 41.43
CA GLN C 625 6.62 24.46 41.70
C GLN C 625 7.25 24.45 43.08
N ALA C 626 6.48 24.00 44.07
CA ALA C 626 6.98 23.95 45.44
C ALA C 626 8.16 23.00 45.50
N SER C 627 8.09 21.91 44.74
CA SER C 627 9.17 20.93 44.70
C SER C 627 10.40 21.57 44.04
N THR C 628 10.15 22.29 42.97
CA THR C 628 11.21 22.96 42.24
C THR C 628 11.86 24.01 43.15
N ASN C 629 11.04 24.77 43.88
CA ASN C 629 11.58 25.79 44.78
C ASN C 629 12.39 25.16 45.91
N ALA C 630 12.05 23.92 46.27
CA ALA C 630 12.78 23.22 47.33
C ALA C 630 14.10 22.75 46.74
N LEU C 631 14.06 22.36 45.47
CA LEU C 631 15.25 21.91 44.76
C LEU C 631 16.26 23.05 44.76
N MET C 632 15.81 24.22 44.34
CA MET C 632 16.64 25.41 44.27
C MET C 632 17.34 25.67 45.60
N GLU C 633 16.60 25.56 46.70
CA GLU C 633 17.19 25.78 48.00
C GLU C 633 18.18 24.69 48.38
N SER C 634 17.84 23.46 48.01
CA SER C 634 18.70 22.32 48.30
C SER C 634 19.95 22.41 47.43
N LEU C 635 19.82 23.06 46.28
CA LEU C 635 20.96 23.20 45.39
C LEU C 635 21.92 24.22 45.98
N GLY C 636 21.37 25.31 46.52
CA GLY C 636 22.20 26.33 47.13
C GLY C 636 22.96 25.72 48.30
N LYS C 637 22.26 24.91 49.07
CA LYS C 637 22.86 24.26 50.21
C LYS C 637 24.05 23.41 49.77
N LEU C 638 23.89 22.71 48.65
CA LEU C 638 24.95 21.87 48.11
C LEU C 638 26.15 22.72 47.67
N ARG C 639 25.87 23.87 47.08
CA ARG C 639 26.92 24.76 46.64
C ARG C 639 27.77 25.27 47.81
N SER C 640 27.13 25.54 48.94
CA SER C 640 27.83 26.03 50.12
C SER C 640 28.76 24.98 50.70
N ASN C 641 28.25 23.76 50.83
CA ASN C 641 29.04 22.66 51.37
C ASN C 641 30.33 22.47 50.58
N TYR C 642 30.44 23.13 49.43
CA TYR C 642 31.63 23.04 48.59
C TYR C 642 31.98 24.42 48.05
N ALA C 643 31.66 25.44 48.84
CA ALA C 643 31.91 26.83 48.44
C ALA C 643 33.34 27.13 47.99
N SER C 644 34.32 26.45 48.59
CA SER C 644 35.71 26.71 48.22
C SER C 644 36.19 25.83 47.06
N ASN C 645 35.52 24.71 46.83
CA ASN C 645 35.92 23.80 45.77
C ASN C 645 35.52 24.35 44.40
N MET C 646 36.46 25.03 43.74
CA MET C 646 36.22 25.63 42.43
C MET C 646 35.78 24.59 41.41
N PRO C 647 36.44 23.41 41.39
CA PRO C 647 36.08 22.35 40.43
C PRO C 647 34.63 21.90 40.59
N ILE C 648 34.17 21.76 41.83
CA ILE C 648 32.81 21.34 42.11
C ILE C 648 31.85 22.43 41.63
N GLN C 649 32.11 23.68 41.99
CA GLN C 649 31.27 24.81 41.58
C GLN C 649 31.21 24.89 40.06
N SER C 650 32.35 24.79 39.41
CA SER C 650 32.41 24.85 37.96
C SER C 650 31.64 23.70 37.30
N GLN C 651 31.63 22.53 37.92
CA GLN C 651 30.90 21.40 37.34
C GLN C 651 29.40 21.63 37.44
N ILE C 652 28.97 22.21 38.56
CA ILE C 652 27.56 22.51 38.77
C ILE C 652 27.15 23.58 37.77
N ASP C 653 28.00 24.58 37.56
CA ASP C 653 27.74 25.65 36.60
C ASP C 653 27.55 25.10 35.20
N SER C 654 28.39 24.15 34.82
CA SER C 654 28.31 23.56 33.49
C SER C 654 27.00 22.83 33.23
N LEU C 655 26.58 22.03 34.19
CA LEU C 655 25.34 21.27 34.08
C LEU C 655 24.17 22.23 33.91
N LEU C 656 24.09 23.27 34.74
CA LEU C 656 23.01 24.24 34.63
C LEU C 656 23.07 24.99 33.31
N SER C 657 24.29 25.30 32.89
CA SER C 657 24.52 26.01 31.63
C SER C 657 24.03 25.17 30.45
N LEU C 658 24.35 23.89 30.47
CA LEU C 658 23.95 22.99 29.41
C LEU C 658 22.43 22.81 29.35
N MET C 659 21.81 22.74 30.53
CA MET C 659 20.36 22.57 30.59
C MET C 659 19.67 23.86 30.16
N ASP C 660 20.18 25.00 30.61
CA ASP C 660 19.61 26.28 30.25
C ASP C 660 19.69 26.50 28.75
N LEU C 661 20.63 25.84 28.13
CA LEU C 661 20.87 25.94 26.70
C LEU C 661 19.81 25.22 25.86
N PHE C 662 19.31 24.09 26.36
CA PHE C 662 18.33 23.30 25.62
C PHE C 662 16.94 23.05 26.24
N LEU C 663 16.82 23.20 27.55
CA LEU C 663 15.53 22.99 28.20
C LEU C 663 14.87 24.33 28.54
N PRO C 664 13.55 24.44 28.33
CA PRO C 664 12.81 25.67 28.63
C PRO C 664 12.51 25.91 30.10
N ASP C 665 12.59 24.86 30.90
CA ASP C 665 12.28 24.97 32.32
C ASP C 665 13.45 25.45 33.16
N ILE C 666 14.62 25.58 32.54
CA ILE C 666 15.82 26.05 33.23
C ILE C 666 16.24 27.38 32.58
N ASN C 667 16.31 28.43 33.39
CA ASN C 667 16.69 29.75 32.89
C ASN C 667 17.79 30.38 33.74
N LEU C 668 18.72 31.04 33.06
CA LEU C 668 19.84 31.73 33.71
C LEU C 668 19.86 33.18 33.22
N GLY C 669 19.76 34.11 34.15
CA GLY C 669 19.75 35.52 33.77
C GLY C 669 21.12 36.05 33.42
N GLU C 670 21.16 37.30 32.95
CA GLU C 670 22.43 37.94 32.57
C GLU C 670 23.39 37.97 33.76
N ASN C 671 22.91 38.34 34.94
CA ASN C 671 23.77 38.40 36.11
C ASN C 671 23.88 37.05 36.87
N GLY C 672 23.42 35.98 36.25
CA GLY C 672 23.53 34.66 36.88
C GLY C 672 22.33 34.11 37.64
N ALA C 673 21.29 34.92 37.81
CA ALA C 673 20.10 34.49 38.55
C ALA C 673 19.50 33.21 37.93
N LEU C 674 19.21 32.24 38.78
CA LEU C 674 18.65 30.96 38.32
C LEU C 674 17.13 30.89 38.48
N GLU C 675 16.44 30.58 37.39
CA GLU C 675 14.98 30.46 37.41
C GLU C 675 14.62 29.04 36.97
N LEU C 676 13.82 28.35 37.77
CA LEU C 676 13.41 26.99 37.43
C LEU C 676 11.88 26.93 37.39
N LYS C 677 11.34 26.48 36.27
CA LYS C 677 9.90 26.37 36.11
C LYS C 677 9.41 25.01 36.56
N ARG C 678 8.17 24.95 37.03
CA ARG C 678 7.55 23.72 37.52
C ARG C 678 7.70 22.53 36.59
N GLY C 679 7.85 22.82 35.30
CA GLY C 679 7.99 21.73 34.33
C GLY C 679 9.06 20.69 34.64
N ILE C 680 10.25 21.11 35.05
CA ILE C 680 11.32 20.15 35.34
C ILE C 680 11.03 19.18 36.48
N ALA C 681 10.09 19.50 37.36
CA ALA C 681 9.79 18.60 38.48
C ALA C 681 8.60 17.68 38.19
N LYS C 682 7.87 17.97 37.12
CA LYS C 682 6.69 17.19 36.74
C LYS C 682 6.93 15.69 36.71
N ASN C 683 7.65 15.22 35.70
CA ASN C 683 7.94 13.80 35.55
C ASN C 683 8.62 13.24 36.81
N PRO C 684 9.68 13.92 37.30
CA PRO C 684 10.40 13.46 38.50
C PRO C 684 9.54 13.29 39.77
N LEU C 685 8.65 14.23 40.05
CA LEU C 685 7.79 14.08 41.21
C LEU C 685 6.85 12.90 40.96
N THR C 686 6.28 12.85 39.76
CA THR C 686 5.35 11.79 39.38
C THR C 686 5.91 10.38 39.56
N ILE C 687 7.05 10.09 38.93
CA ILE C 687 7.62 8.76 39.05
C ILE C 687 8.23 8.50 40.42
N THR C 688 8.55 9.54 41.17
CA THR C 688 9.09 9.34 42.51
C THR C 688 7.96 8.75 43.37
N ILE C 689 6.72 9.11 43.04
CA ILE C 689 5.56 8.59 43.78
C ILE C 689 5.26 7.16 43.31
N TYR C 690 5.82 6.79 42.16
CA TYR C 690 5.63 5.45 41.63
C TYR C 690 6.83 4.56 41.97
N GLY C 691 7.59 4.96 42.99
CA GLY C 691 8.74 4.20 43.44
C GLY C 691 10.07 4.32 42.68
N SER C 692 10.12 5.16 41.65
CA SER C 692 11.33 5.32 40.86
C SER C 692 12.58 5.67 41.66
N GLY C 693 13.73 5.20 41.18
CA GLY C 693 14.98 5.49 41.85
C GLY C 693 15.54 6.81 41.33
N ALA C 694 16.62 7.27 41.95
CA ALA C 694 17.25 8.52 41.56
C ALA C 694 17.98 8.41 40.22
N ARG C 695 18.58 7.25 39.96
CA ARG C 695 19.32 7.06 38.73
C ARG C 695 18.42 7.10 37.51
N GLY C 696 17.22 6.55 37.64
CA GLY C 696 16.28 6.56 36.53
C GLY C 696 15.84 7.97 36.19
N ILE C 697 15.64 8.80 37.20
CA ILE C 697 15.23 10.18 36.99
C ILE C 697 16.35 10.93 36.28
N ALA C 698 17.58 10.64 36.66
CA ALA C 698 18.74 11.30 36.06
C ALA C 698 18.84 10.95 34.59
N GLY C 699 18.64 9.66 34.29
CA GLY C 699 18.69 9.21 32.91
C GLY C 699 17.66 9.91 32.05
N LYS C 700 16.44 10.04 32.55
CA LYS C 700 15.38 10.68 31.79
C LYS C 700 15.68 12.16 31.57
N LEU C 701 16.25 12.81 32.59
CA LEU C 701 16.60 14.23 32.46
C LEU C 701 17.68 14.40 31.40
N VAL C 702 18.64 13.48 31.38
CA VAL C 702 19.71 13.56 30.40
C VAL C 702 19.10 13.34 29.02
N SER C 703 18.19 12.37 28.94
CA SER C 703 17.52 12.04 27.70
C SER C 703 16.83 13.26 27.07
N SER C 704 16.12 14.06 27.87
CA SER C 704 15.45 15.23 27.29
C SER C 704 16.48 16.25 26.80
N VAL C 705 17.64 16.31 27.45
CA VAL C 705 18.69 17.24 27.06
C VAL C 705 19.25 16.82 25.70
N THR C 706 19.64 15.56 25.61
CA THR C 706 20.20 15.01 24.39
C THR C 706 19.23 15.11 23.21
N ASP C 707 17.94 14.88 23.44
CA ASP C 707 16.98 14.99 22.35
C ASP C 707 17.03 16.39 21.77
N ALA C 708 17.11 17.38 22.65
CA ALA C 708 17.16 18.78 22.21
C ALA C 708 18.44 19.04 21.43
N ILE C 709 19.54 18.42 21.83
CA ILE C 709 20.81 18.62 21.15
C ILE C 709 20.75 18.03 19.75
N TYR C 710 20.36 16.76 19.66
CA TYR C 710 20.23 16.09 18.38
C TYR C 710 19.35 16.92 17.46
N GLU C 711 18.30 17.49 18.02
CA GLU C 711 17.37 18.33 17.26
C GLU C 711 18.08 19.61 16.79
N ARG C 712 18.94 20.17 17.65
CA ARG C 712 19.67 21.38 17.30
C ARG C 712 20.62 21.12 16.15
N MET C 713 21.18 19.92 16.12
CA MET C 713 22.10 19.53 15.06
C MET C 713 21.39 19.61 13.72
N SER C 714 20.16 19.11 13.69
CA SER C 714 19.37 19.13 12.47
C SER C 714 19.16 20.55 11.99
N ASP C 715 18.90 21.46 12.92
CA ASP C 715 18.69 22.86 12.57
C ASP C 715 19.90 23.41 11.85
N VAL C 716 21.09 23.00 12.28
CA VAL C 716 22.32 23.45 11.67
C VAL C 716 22.35 23.02 10.21
N LEU C 717 22.14 21.72 9.98
CA LEU C 717 22.14 21.14 8.64
C LEU C 717 21.35 21.95 7.62
N LYS C 718 20.16 22.39 8.01
CA LYS C 718 19.33 23.18 7.11
C LYS C 718 19.79 24.64 7.12
N ALA C 719 20.32 25.07 8.27
CA ALA C 719 20.81 26.43 8.40
C ALA C 719 21.94 26.64 7.42
N ARG C 720 22.71 25.60 7.18
CA ARG C 720 23.83 25.69 6.25
C ARG C 720 23.40 25.41 4.83
N ALA C 721 22.29 24.70 4.66
CA ALA C 721 21.80 24.41 3.32
C ALA C 721 21.24 25.70 2.75
N LYS C 722 20.80 26.58 3.64
CA LYS C 722 20.25 27.86 3.25
C LYS C 722 21.36 28.89 3.00
N ASP C 723 22.50 28.68 3.65
CA ASP C 723 23.65 29.57 3.52
C ASP C 723 24.91 28.79 3.85
N PRO C 724 25.61 28.32 2.82
CA PRO C 724 26.85 27.55 3.00
C PRO C 724 27.95 28.36 3.68
N ASN C 725 27.64 29.61 4.02
CA ASN C 725 28.59 30.50 4.67
C ASN C 725 28.20 30.82 6.11
N ILE C 726 27.03 30.35 6.52
CA ILE C 726 26.53 30.57 7.88
C ILE C 726 27.55 30.00 8.87
N SER C 727 27.90 30.76 9.90
CA SER C 727 28.86 30.32 10.91
C SER C 727 28.28 29.23 11.80
N ALA C 728 29.15 28.37 12.33
CA ALA C 728 28.71 27.29 13.19
C ALA C 728 27.96 27.83 14.41
N ALA C 729 28.49 28.91 14.98
CA ALA C 729 27.89 29.53 16.15
C ALA C 729 26.47 30.01 15.83
N MET C 730 26.32 30.68 14.70
CA MET C 730 25.03 31.21 14.29
C MET C 730 24.14 30.13 13.66
N ALA C 731 24.77 29.06 13.17
CA ALA C 731 24.05 27.96 12.57
C ALA C 731 23.47 27.04 13.64
N MET C 732 23.98 27.16 14.86
CA MET C 732 23.52 26.32 15.96
C MET C 732 22.80 27.11 17.05
N PHE C 733 23.07 28.40 17.14
CA PHE C 733 22.42 29.25 18.14
C PHE C 733 21.94 30.56 17.53
N GLY C 734 21.81 30.58 16.21
CA GLY C 734 21.37 31.78 15.51
C GLY C 734 20.07 32.39 15.98
N LYS C 735 19.16 31.57 16.50
CA LYS C 735 17.88 32.07 16.97
C LYS C 735 17.93 32.40 18.46
N GLN C 736 18.44 31.46 19.24
CA GLN C 736 18.53 31.59 20.69
C GLN C 736 19.42 32.74 21.18
N ALA C 737 20.09 33.44 20.26
CA ALA C 737 20.96 34.55 20.65
C ALA C 737 20.52 35.90 20.07
N ALA C 738 21.16 36.97 20.55
CA ALA C 738 20.86 38.33 20.10
C ALA C 738 21.68 38.69 18.86
N SER C 739 23.00 38.58 18.98
CA SER C 739 23.92 38.91 17.88
C SER C 739 24.88 37.76 17.59
N GLU C 740 25.81 37.99 16.66
CA GLU C 740 26.79 36.98 16.28
C GLU C 740 27.80 36.70 17.38
N ALA C 741 28.41 37.74 17.93
CA ALA C 741 29.38 37.53 19.01
C ALA C 741 28.65 36.86 20.17
N HIS C 742 27.32 37.05 20.22
CA HIS C 742 26.49 36.49 21.27
C HIS C 742 26.20 35.00 21.07
N ALA C 743 26.04 34.59 19.81
CA ALA C 743 25.79 33.20 19.48
C ALA C 743 27.11 32.47 19.60
N GLU C 744 28.18 33.18 19.30
CA GLU C 744 29.53 32.64 19.36
C GLU C 744 29.88 32.25 20.78
N GLU C 745 29.38 33.01 21.76
CA GLU C 745 29.66 32.69 23.16
C GLU C 745 28.72 31.62 23.68
N LEU C 746 27.63 31.37 22.95
CA LEU C 746 26.69 30.33 23.34
C LEU C 746 27.35 29.02 22.93
N LEU C 747 27.97 29.03 21.76
CA LEU C 747 28.65 27.86 21.22
C LEU C 747 29.83 27.52 22.12
N ALA C 748 30.42 28.55 22.73
CA ALA C 748 31.55 28.35 23.63
C ALA C 748 31.04 27.62 24.85
N ARG C 749 29.87 28.02 25.34
CA ARG C 749 29.29 27.36 26.50
C ARG C 749 28.99 25.89 26.20
N PHE C 750 28.41 25.64 25.03
CA PHE C 750 28.06 24.28 24.62
C PHE C 750 29.25 23.34 24.63
N LEU C 751 30.24 23.64 23.79
CA LEU C 751 31.43 22.80 23.69
C LEU C 751 32.12 22.58 25.03
N LYS C 752 32.32 23.65 25.78
CA LYS C 752 32.97 23.53 27.08
C LYS C 752 32.13 22.63 28.01
N ASP C 753 30.84 22.95 28.13
CA ASP C 753 29.96 22.16 29.00
C ASP C 753 30.04 20.67 28.69
N MET C 754 29.86 20.32 27.41
CA MET C 754 29.90 18.93 26.99
C MET C 754 31.24 18.30 27.35
N GLU C 755 32.31 19.09 27.21
CA GLU C 755 33.63 18.59 27.52
C GLU C 755 33.82 18.28 29.01
N THR C 756 33.49 19.23 29.87
CA THR C 756 33.66 19.00 31.31
C THR C 756 32.70 17.96 31.88
N LEU C 757 31.50 17.88 31.31
CA LEU C 757 30.47 16.93 31.78
C LEU C 757 30.67 15.48 31.32
N THR C 758 31.50 15.26 30.30
CA THR C 758 31.76 13.91 29.82
C THR C 758 33.13 13.40 30.27
N SER C 759 34.06 14.32 30.53
CA SER C 759 35.40 13.92 30.95
C SER C 759 35.60 13.89 32.45
N THR C 760 34.71 14.56 33.17
CA THR C 760 34.78 14.62 34.63
C THR C 760 33.41 14.27 35.23
N VAL C 761 33.42 13.34 36.18
CA VAL C 761 32.16 12.93 36.82
C VAL C 761 32.29 12.92 38.34
N PRO C 762 31.19 13.21 39.04
CA PRO C 762 31.23 13.21 40.51
C PRO C 762 31.10 11.80 41.02
N VAL C 763 31.75 11.52 42.15
CA VAL C 763 31.70 10.21 42.76
C VAL C 763 31.59 10.35 44.27
N LYS C 764 30.78 9.48 44.86
CA LYS C 764 30.54 9.48 46.29
C LYS C 764 31.61 8.64 46.97
N ARG C 765 32.62 9.31 47.55
CA ARG C 765 33.70 8.62 48.24
C ARG C 765 33.78 9.13 49.66
N LYS C 766 33.60 8.22 50.62
CA LYS C 766 33.66 8.57 52.04
C LYS C 766 32.49 9.48 52.43
N GLY C 767 31.40 9.43 51.66
CA GLY C 767 30.26 10.27 51.97
C GLY C 767 30.48 11.72 51.58
N VAL C 768 31.36 11.92 50.61
CA VAL C 768 31.68 13.26 50.12
C VAL C 768 31.77 13.22 48.60
N LEU C 769 31.48 14.34 47.96
CA LEU C 769 31.56 14.37 46.50
C LEU C 769 32.96 14.75 46.03
N GLU C 770 33.54 13.91 45.18
CA GLU C 770 34.87 14.11 44.62
C GLU C 770 34.80 13.92 43.11
N LEU C 771 35.46 14.78 42.35
CA LEU C 771 35.46 14.65 40.90
C LEU C 771 36.53 13.65 40.42
N GLN C 772 36.18 12.87 39.41
CA GLN C 772 37.09 11.87 38.82
C GLN C 772 37.15 12.03 37.30
N SER C 773 38.32 11.81 36.72
CA SER C 773 38.46 11.88 35.26
C SER C 773 37.92 10.57 34.71
N THR C 774 37.19 10.64 33.60
CA THR C 774 36.63 9.44 32.99
C THR C 774 37.57 8.89 31.93
N GLY C 775 38.37 9.78 31.35
CA GLY C 775 39.27 9.38 30.30
C GLY C 775 38.52 9.32 28.97
N THR C 776 37.20 9.22 29.06
CA THR C 776 36.37 9.16 27.87
C THR C 776 35.75 10.53 27.55
N GLY C 777 36.57 11.57 27.64
CA GLY C 777 36.09 12.92 27.37
C GLY C 777 35.60 13.04 25.96
N ALA C 778 34.78 14.06 25.69
CA ALA C 778 34.24 14.24 24.35
C ALA C 778 34.62 15.56 23.71
N LYS C 779 35.29 15.48 22.55
CA LYS C 779 35.69 16.67 21.81
C LYS C 779 36.17 16.33 20.40
N GLY C 780 36.00 17.28 19.49
CA GLY C 780 36.38 17.11 18.11
C GLY C 780 35.47 18.02 17.32
N LYS C 781 35.72 18.17 16.03
CA LYS C 781 34.86 19.02 15.22
C LYS C 781 33.56 18.26 15.03
N ILE C 782 32.48 18.80 15.60
CA ILE C 782 31.17 18.17 15.52
C ILE C 782 30.66 18.09 14.08
N ASN C 783 30.02 16.97 13.78
CA ASN C 783 29.42 16.70 12.49
C ASN C 783 27.93 16.55 12.73
N PRO C 784 27.16 17.64 12.55
CA PRO C 784 25.70 17.68 12.74
C PRO C 784 24.88 16.72 11.87
N LYS C 785 25.52 15.63 11.44
CA LYS C 785 24.86 14.63 10.62
C LYS C 785 24.98 13.29 11.33
N THR C 786 26.12 13.07 11.96
CA THR C 786 26.41 11.82 12.66
C THR C 786 26.61 12.02 14.17
N TYR C 787 26.63 13.28 14.62
CA TYR C 787 26.83 13.57 16.04
C TYR C 787 26.01 12.63 16.91
N THR C 788 26.70 11.93 17.81
CA THR C 788 26.06 10.97 18.69
C THR C 788 26.79 10.85 20.03
N ILE C 789 26.09 11.12 21.13
CA ILE C 789 26.69 11.01 22.45
C ILE C 789 26.78 9.52 22.77
N LYS C 790 28.01 8.99 22.76
CA LYS C 790 28.27 7.58 23.02
C LYS C 790 27.86 7.10 24.42
N GLY C 791 27.95 5.79 24.64
CA GLY C 791 27.58 5.21 25.92
C GLY C 791 28.30 5.75 27.14
N GLU C 792 29.63 5.67 27.17
CA GLU C 792 30.41 6.16 28.30
C GLU C 792 30.13 7.63 28.58
N GLN C 793 29.83 8.38 27.53
CA GLN C 793 29.55 9.80 27.64
C GLN C 793 28.17 10.07 28.20
N LEU C 794 27.17 9.29 27.79
CA LEU C 794 25.82 9.46 28.32
C LEU C 794 25.83 9.08 29.79
N LYS C 795 26.71 8.16 30.13
CA LYS C 795 26.83 7.70 31.51
C LYS C 795 27.51 8.79 32.37
N ALA C 796 28.48 9.49 31.79
CA ALA C 796 29.17 10.55 32.51
C ALA C 796 28.16 11.67 32.76
N LEU C 797 27.41 12.01 31.72
CA LEU C 797 26.40 13.05 31.80
C LEU C 797 25.38 12.68 32.87
N GLN C 798 25.04 11.40 32.94
CA GLN C 798 24.08 10.92 33.91
C GLN C 798 24.56 11.03 35.35
N GLU C 799 25.85 10.78 35.57
CA GLU C 799 26.42 10.85 36.91
C GLU C 799 26.42 12.29 37.41
N ASN C 800 26.75 13.23 36.52
CA ASN C 800 26.75 14.64 36.86
C ASN C 800 25.33 15.08 37.18
N MET C 801 24.39 14.63 36.35
CA MET C 801 22.98 14.97 36.54
C MET C 801 22.46 14.42 37.85
N LEU C 802 22.87 13.20 38.17
CA LEU C 802 22.42 12.55 39.40
C LEU C 802 22.84 13.29 40.66
N HIS C 803 24.14 13.53 40.81
CA HIS C 803 24.67 14.18 41.99
C HIS C 803 24.50 15.69 42.11
N PHE C 804 24.43 16.38 40.98
CA PHE C 804 24.32 17.82 41.04
C PHE C 804 22.93 18.39 40.78
N PHE C 805 21.99 17.54 40.40
CA PHE C 805 20.64 18.03 40.15
C PHE C 805 19.55 17.13 40.71
N VAL C 806 19.60 15.84 40.41
CA VAL C 806 18.57 14.92 40.91
C VAL C 806 18.60 14.74 42.43
N GLU C 807 19.79 14.59 43.01
CA GLU C 807 19.93 14.42 44.46
C GLU C 807 19.20 15.56 45.17
N PRO C 808 19.57 16.82 44.88
CA PRO C 808 18.86 17.90 45.58
C PRO C 808 17.36 17.94 45.26
N LEU C 809 16.97 17.51 44.05
CA LEU C 809 15.55 17.50 43.68
C LEU C 809 14.80 16.52 44.58
N ARG C 810 15.43 15.37 44.84
CA ARG C 810 14.85 14.35 45.69
C ARG C 810 14.68 14.89 47.11
N ASN C 811 15.64 15.70 47.56
CA ASN C 811 15.55 16.28 48.89
C ASN C 811 14.37 17.27 48.92
N GLY C 812 14.25 18.07 47.86
CA GLY C 812 13.17 19.02 47.79
C GLY C 812 11.81 18.35 47.75
N ILE C 813 11.72 17.27 46.99
CA ILE C 813 10.48 16.53 46.87
C ILE C 813 10.09 15.99 48.24
N THR C 814 11.04 15.37 48.94
CA THR C 814 10.79 14.81 50.26
C THR C 814 10.31 15.90 51.21
N GLN C 815 10.94 17.06 51.08
CA GLN C 815 10.60 18.22 51.90
C GLN C 815 9.17 18.69 51.59
N THR C 816 8.74 18.52 50.35
CA THR C 816 7.42 18.95 49.91
C THR C 816 6.27 17.99 50.22
N VAL C 817 6.47 16.70 49.96
CA VAL C 817 5.42 15.73 50.23
C VAL C 817 5.41 15.31 51.69
N GLY C 818 6.53 15.53 52.38
CA GLY C 818 6.60 15.18 53.79
C GLY C 818 7.35 13.91 54.14
N GLU C 819 8.26 14.00 55.10
CA GLU C 819 9.02 12.82 55.50
C GLU C 819 8.11 11.72 56.08
N SER C 820 6.94 12.10 56.57
CA SER C 820 6.02 11.10 57.12
C SER C 820 5.58 10.18 55.98
N LEU C 821 5.25 10.76 54.84
CA LEU C 821 4.84 9.98 53.68
C LEU C 821 5.97 9.08 53.21
N VAL C 822 7.19 9.62 53.17
CA VAL C 822 8.32 8.82 52.72
C VAL C 822 8.54 7.64 53.64
N TYR C 823 8.36 7.85 54.95
CA TYR C 823 8.53 6.76 55.89
C TYR C 823 7.50 5.67 55.58
N SER C 824 6.25 6.06 55.40
CA SER C 824 5.18 5.09 55.09
C SER C 824 5.46 4.29 53.84
N THR C 825 5.90 4.97 52.78
CA THR C 825 6.16 4.25 51.54
C THR C 825 7.32 3.24 51.67
N GLU C 826 8.31 3.56 52.52
CA GLU C 826 9.42 2.63 52.72
C GLU C 826 8.94 1.39 53.47
N GLN C 827 8.09 1.59 54.48
CA GLN C 827 7.58 0.46 55.28
C GLN C 827 6.67 -0.40 54.42
N LEU C 828 5.96 0.24 53.51
CA LEU C 828 5.06 -0.45 52.60
C LEU C 828 5.89 -1.30 51.64
N GLN C 829 6.95 -0.70 51.13
CA GLN C 829 7.82 -1.37 50.18
C GLN C 829 8.48 -2.58 50.81
N LYS C 830 8.93 -2.42 52.05
CA LYS C 830 9.62 -3.48 52.76
C LYS C 830 8.72 -4.67 53.05
N ALA C 831 7.55 -4.39 53.60
CA ALA C 831 6.59 -5.43 53.93
C ALA C 831 6.20 -6.24 52.70
N THR C 832 5.84 -5.55 51.61
CA THR C 832 5.42 -6.23 50.40
C THR C 832 6.55 -6.97 49.70
N GLN C 833 7.78 -6.45 49.82
CA GLN C 833 8.92 -7.12 49.21
C GLN C 833 9.17 -8.40 50.01
N ILE C 834 9.26 -8.25 51.33
CA ILE C 834 9.48 -9.38 52.21
C ILE C 834 8.48 -10.50 51.91
N GLN C 835 7.21 -10.13 51.81
CA GLN C 835 6.18 -11.11 51.55
C GLN C 835 6.32 -11.72 50.16
N SER C 836 6.68 -10.91 49.18
CA SER C 836 6.85 -11.41 47.82
C SER C 836 8.03 -12.38 47.73
N VAL C 837 9.09 -12.10 48.48
CA VAL C 837 10.27 -12.97 48.44
C VAL C 837 9.90 -14.36 48.96
N VAL C 838 9.15 -14.40 50.06
CA VAL C 838 8.72 -15.66 50.65
C VAL C 838 7.83 -16.41 49.67
N LEU C 839 6.74 -15.78 49.25
CA LEU C 839 5.83 -16.42 48.31
C LEU C 839 6.56 -16.98 47.10
N GLU C 840 7.48 -16.20 46.54
CA GLU C 840 8.24 -16.64 45.37
C GLU C 840 9.06 -17.88 45.65
N ASP C 841 9.78 -17.87 46.77
CA ASP C 841 10.62 -18.99 47.15
C ASP C 841 9.82 -20.23 47.51
N MET C 842 8.77 -20.07 48.32
CA MET C 842 7.94 -21.20 48.72
C MET C 842 7.28 -21.88 47.52
N PHE C 843 6.83 -21.08 46.56
CA PHE C 843 6.19 -21.64 45.38
C PHE C 843 7.23 -22.46 44.63
N LYS C 844 8.40 -21.88 44.39
CA LYS C 844 9.46 -22.57 43.68
C LYS C 844 9.79 -23.90 44.35
N GLN C 845 9.86 -23.88 45.68
CA GLN C 845 10.16 -25.08 46.45
C GLN C 845 9.11 -26.18 46.32
N ARG C 846 7.83 -25.83 46.47
CA ARG C 846 6.76 -26.82 46.36
C ARG C 846 6.78 -27.45 44.97
N VAL C 847 7.20 -26.68 43.97
CA VAL C 847 7.26 -27.19 42.62
C VAL C 847 8.37 -28.24 42.51
N GLN C 848 9.56 -27.90 43.00
CA GLN C 848 10.70 -28.82 42.97
C GLN C 848 10.37 -30.09 43.72
N GLU C 849 9.65 -29.96 44.84
CA GLU C 849 9.26 -31.10 45.64
C GLU C 849 8.31 -31.99 44.85
N LYS C 850 7.35 -31.37 44.18
CA LYS C 850 6.38 -32.13 43.39
C LYS C 850 7.03 -32.83 42.20
N LEU C 851 7.86 -32.11 41.47
CA LEU C 851 8.55 -32.70 40.32
C LEU C 851 9.39 -33.90 40.78
N ALA C 852 10.10 -33.75 41.89
CA ALA C 852 10.91 -34.83 42.44
C ALA C 852 10.01 -36.04 42.66
N GLU C 853 8.77 -35.77 43.07
CA GLU C 853 7.78 -36.81 43.32
C GLU C 853 7.27 -37.45 42.03
N LYS C 854 7.18 -36.65 40.96
CA LYS C 854 6.71 -37.15 39.67
C LYS C 854 7.79 -38.04 39.04
N ALA C 855 9.05 -37.73 39.34
CA ALA C 855 10.18 -38.49 38.80
C ALA C 855 10.16 -39.94 39.26
N LYS C 856 9.19 -40.27 40.11
CA LYS C 856 9.05 -41.62 40.62
C LYS C 856 7.85 -42.29 39.97
N ASP C 857 7.18 -41.53 39.10
CA ASP C 857 6.02 -42.04 38.38
C ASP C 857 6.51 -42.42 36.98
N PRO C 858 6.31 -43.69 36.60
CA PRO C 858 6.73 -44.21 35.29
C PRO C 858 5.98 -43.66 34.07
N THR C 859 4.74 -43.20 34.26
CA THR C 859 3.97 -42.66 33.14
C THR C 859 4.33 -41.20 32.87
N TRP C 860 5.09 -40.61 33.80
CA TRP C 860 5.51 -39.22 33.72
C TRP C 860 6.92 -39.14 33.16
N LYS C 861 7.21 -38.06 32.45
CA LYS C 861 8.54 -37.86 31.86
C LYS C 861 8.99 -36.40 31.99
N LYS C 862 10.29 -36.18 32.16
CA LYS C 862 10.82 -34.83 32.27
C LYS C 862 10.51 -34.13 30.96
N GLY C 863 10.02 -32.90 31.06
CA GLY C 863 9.63 -32.14 29.88
C GLY C 863 8.17 -31.85 30.14
N ASP C 864 7.48 -32.87 30.64
CA ASP C 864 6.09 -32.76 31.02
C ASP C 864 6.29 -31.89 32.26
N PHE C 865 5.23 -31.29 32.77
CA PHE C 865 5.40 -30.48 33.97
C PHE C 865 4.40 -31.01 34.97
N LEU C 866 3.82 -30.10 35.74
CA LEU C 866 2.80 -30.46 36.72
C LEU C 866 1.47 -30.25 36.01
N THR C 867 0.41 -30.82 36.55
CA THR C 867 -0.92 -30.65 35.96
C THR C 867 -1.43 -29.29 36.44
N GLN C 868 -2.55 -28.83 35.89
CA GLN C 868 -3.08 -27.55 36.32
C GLN C 868 -3.56 -27.69 37.76
N LYS C 869 -4.07 -28.87 38.10
CA LYS C 869 -4.58 -29.11 39.44
C LYS C 869 -3.45 -29.11 40.45
N GLU C 870 -2.29 -29.59 40.05
CA GLU C 870 -1.15 -29.61 40.96
C GLU C 870 -0.66 -28.19 41.19
N LEU C 871 -0.68 -27.37 40.14
CA LEU C 871 -0.26 -26.00 40.28
C LEU C 871 -1.26 -25.28 41.18
N ASN C 872 -2.54 -25.59 41.01
CA ASN C 872 -3.58 -24.98 41.83
C ASN C 872 -3.40 -25.33 43.30
N ASP C 873 -3.05 -26.58 43.56
CA ASP C 873 -2.85 -27.01 44.93
C ASP C 873 -1.69 -26.25 45.58
N ILE C 874 -0.63 -26.02 44.80
CA ILE C 874 0.52 -25.30 45.31
C ILE C 874 0.19 -23.84 45.63
N GLN C 875 -0.65 -23.22 44.78
CA GLN C 875 -1.04 -21.84 45.02
C GLN C 875 -1.86 -21.79 46.32
N ALA C 876 -2.84 -22.68 46.43
CA ALA C 876 -3.70 -22.74 47.61
C ALA C 876 -2.94 -22.93 48.93
N SER C 877 -1.85 -23.69 48.88
CA SER C 877 -1.07 -23.92 50.10
C SER C 877 -0.39 -22.66 50.61
N LEU C 878 -0.49 -21.57 49.85
CA LEU C 878 0.13 -20.30 50.24
C LEU C 878 -0.88 -19.29 50.79
N ASN C 879 -2.16 -19.60 50.71
CA ASN C 879 -3.20 -18.69 51.18
C ASN C 879 -3.01 -18.25 52.63
N ASN C 880 -2.41 -19.10 53.46
CA ASN C 880 -2.20 -18.76 54.86
C ASN C 880 -1.16 -17.65 54.99
N LEU C 881 -0.46 -17.36 53.89
CA LEU C 881 0.56 -16.33 53.90
C LEU C 881 -0.03 -15.04 53.36
N ALA C 882 -1.36 -15.05 53.21
CA ALA C 882 -2.12 -13.91 52.73
C ALA C 882 -1.54 -13.20 51.51
N PRO C 883 -1.43 -13.91 50.38
CA PRO C 883 -0.90 -13.30 49.16
C PRO C 883 -1.70 -12.11 48.62
N MET C 884 -2.99 -12.05 48.92
CA MET C 884 -3.84 -10.96 48.44
C MET C 884 -4.08 -9.87 49.48
N ILE C 885 -4.16 -8.63 49.01
CA ILE C 885 -4.46 -7.49 49.88
C ILE C 885 -5.90 -7.13 49.50
N GLU C 886 -6.77 -7.07 50.49
CA GLU C 886 -8.17 -6.75 50.23
C GLU C 886 -8.51 -5.40 50.89
N THR C 887 -9.28 -4.58 50.18
CA THR C 887 -9.68 -3.28 50.71
C THR C 887 -11.17 -3.29 51.03
N GLY C 888 -11.86 -4.32 50.55
CA GLY C 888 -13.29 -4.41 50.74
C GLY C 888 -14.02 -4.12 49.43
N SER C 889 -13.34 -3.49 48.48
CA SER C 889 -13.92 -3.17 47.18
C SER C 889 -12.94 -3.37 46.03
N GLN C 890 -11.71 -3.70 46.38
CA GLN C 890 -10.63 -3.96 45.41
C GLN C 890 -9.73 -5.06 45.96
N THR C 891 -9.07 -5.78 45.06
CA THR C 891 -8.15 -6.84 45.44
C THR C 891 -6.82 -6.66 44.69
N PHE C 892 -5.72 -6.70 45.44
CA PHE C 892 -4.39 -6.54 44.87
C PHE C 892 -3.51 -7.75 45.17
N TYR C 893 -2.78 -8.21 44.15
CA TYR C 893 -1.89 -9.35 44.27
C TYR C 893 -0.55 -8.86 43.74
N ILE C 894 0.21 -8.19 44.60
CA ILE C 894 1.48 -7.61 44.22
C ILE C 894 2.50 -8.56 43.60
N ALA C 895 2.68 -9.76 44.17
CA ALA C 895 3.65 -10.71 43.65
C ALA C 895 3.22 -11.44 42.38
N GLY C 896 1.92 -11.45 42.12
CA GLY C 896 1.41 -12.15 40.95
C GLY C 896 2.12 -11.81 39.65
N SER C 897 2.48 -12.83 38.90
CA SER C 897 3.12 -12.63 37.61
C SER C 897 3.25 -13.95 36.87
N GLU C 898 3.88 -13.90 35.71
CA GLU C 898 4.10 -15.08 34.89
C GLU C 898 5.55 -14.99 34.42
N ASN C 899 6.37 -15.95 34.82
CA ASN C 899 7.78 -15.94 34.44
C ASN C 899 8.23 -17.34 34.02
N ALA C 900 9.36 -17.38 33.31
CA ALA C 900 9.91 -18.64 32.83
C ALA C 900 10.84 -19.29 33.86
N GLU C 901 11.14 -18.58 34.94
CA GLU C 901 12.05 -19.12 35.95
C GLU C 901 11.51 -20.27 36.80
N VAL C 902 10.21 -20.44 36.89
CA VAL C 902 9.66 -21.52 37.70
C VAL C 902 9.88 -22.88 37.06
N ALA C 903 9.51 -23.02 35.80
CA ALA C 903 9.67 -24.28 35.08
C ALA C 903 11.09 -24.46 34.57
N ASN C 904 11.70 -23.35 34.16
CA ASN C 904 13.05 -23.35 33.64
C ASN C 904 13.27 -24.45 32.59
N GLN C 905 12.46 -24.43 31.54
CA GLN C 905 12.54 -25.41 30.45
C GLN C 905 11.79 -24.91 29.22
N VAL C 906 12.08 -25.50 28.07
CA VAL C 906 11.42 -25.13 26.82
C VAL C 906 10.05 -25.79 26.80
N LEU C 907 9.06 -25.08 26.28
CA LEU C 907 7.71 -25.61 26.22
C LEU C 907 7.44 -26.25 24.85
N ALA C 908 7.98 -25.62 23.81
CA ALA C 908 7.83 -26.12 22.45
C ALA C 908 8.75 -25.37 21.52
N THR C 909 8.99 -25.93 20.33
CA THR C 909 9.85 -25.30 19.32
C THR C 909 9.12 -25.52 18.00
N ASN C 910 9.65 -25.00 16.90
CA ASN C 910 9.01 -25.25 15.62
C ASN C 910 9.69 -26.50 15.06
N LEU C 911 9.21 -27.01 13.92
CA LEU C 911 9.79 -28.23 13.36
C LEU C 911 11.20 -28.09 12.79
N ASP C 912 11.77 -26.90 12.88
CA ASP C 912 13.14 -26.67 12.39
C ASP C 912 14.08 -26.59 13.58
N ASP C 913 13.55 -26.88 14.77
CA ASP C 913 14.29 -26.84 16.03
C ASP C 913 14.58 -25.41 16.53
N ARG C 914 13.85 -24.43 16.00
CA ARG C 914 14.02 -23.04 16.41
C ARG C 914 12.73 -22.49 17.00
N MET C 915 12.74 -21.20 17.35
CA MET C 915 11.55 -20.61 17.95
C MET C 915 11.21 -21.39 19.20
N ARG C 916 12.22 -21.53 20.07
CA ARG C 916 12.06 -22.28 21.30
C ARG C 916 11.40 -21.44 22.37
N VAL C 917 10.11 -21.66 22.56
CA VAL C 917 9.35 -20.89 23.52
C VAL C 917 9.49 -21.44 24.93
N PRO C 918 10.04 -20.63 25.84
CA PRO C 918 10.22 -21.04 27.24
C PRO C 918 8.87 -21.25 27.91
N MET C 919 8.83 -22.17 28.86
CA MET C 919 7.59 -22.48 29.56
C MET C 919 7.32 -21.41 30.63
N SER C 920 6.31 -20.58 30.39
CA SER C 920 5.96 -19.52 31.35
C SER C 920 4.84 -19.99 32.26
N ILE C 921 4.94 -19.64 33.53
CA ILE C 921 3.93 -20.06 34.49
C ILE C 921 3.49 -18.95 35.41
N TYR C 922 2.20 -18.92 35.69
CA TYR C 922 1.61 -17.93 36.59
C TYR C 922 2.03 -18.29 38.00
N ALA C 923 2.79 -17.41 38.63
CA ALA C 923 3.25 -17.68 39.99
C ALA C 923 3.77 -16.41 40.62
N PRO C 924 3.93 -16.40 41.95
CA PRO C 924 4.45 -15.20 42.61
C PRO C 924 5.92 -14.97 42.28
N ALA C 925 6.30 -13.70 42.23
CA ALA C 925 7.67 -13.31 41.94
C ALA C 925 7.99 -12.11 42.84
N GLN C 926 9.28 -11.82 43.05
CA GLN C 926 9.67 -10.68 43.88
C GLN C 926 9.03 -9.39 43.39
N ALA C 927 8.55 -8.57 44.33
CA ALA C 927 7.87 -7.32 43.99
C ALA C 927 8.75 -6.09 43.78
N GLY C 928 9.94 -6.09 44.36
CA GLY C 928 10.79 -4.92 44.21
C GLY C 928 10.11 -3.75 44.90
N VAL C 929 9.89 -2.65 44.17
CA VAL C 929 9.22 -1.48 44.73
C VAL C 929 7.76 -1.37 44.29
N ALA C 930 7.32 -2.33 43.47
CA ALA C 930 5.96 -2.35 42.93
C ALA C 930 4.84 -2.14 43.95
N GLY C 931 5.09 -2.52 45.21
CA GLY C 931 4.06 -2.32 46.22
C GLY C 931 3.60 -0.88 46.34
N ILE C 932 4.52 0.07 46.16
CA ILE C 932 4.18 1.49 46.27
C ILE C 932 3.20 1.91 45.16
N PRO C 933 3.54 1.67 43.89
CA PRO C 933 2.65 2.04 42.78
C PRO C 933 1.31 1.33 42.88
N PHE C 934 1.36 0.02 43.14
CA PHE C 934 0.14 -0.77 43.26
C PHE C 934 -0.86 -0.13 44.22
N MET C 935 -0.41 0.11 45.44
CA MET C 935 -1.28 0.70 46.45
C MET C 935 -1.66 2.18 46.24
N THR C 936 -0.71 2.98 45.76
CA THR C 936 -0.94 4.40 45.53
C THR C 936 -1.92 4.61 44.38
N ILE C 937 -1.62 3.96 43.26
CA ILE C 937 -2.47 4.06 42.08
C ILE C 937 -3.80 3.39 42.36
N GLY C 938 -3.74 2.19 42.94
CA GLY C 938 -4.94 1.42 43.24
C GLY C 938 -5.94 2.05 44.20
N THR C 939 -5.49 2.45 45.38
CA THR C 939 -6.40 3.02 46.35
C THR C 939 -6.59 4.52 46.13
N GLY C 940 -5.85 5.06 45.16
CA GLY C 940 -5.95 6.47 44.84
C GLY C 940 -6.85 6.72 43.63
N ASP C 941 -6.27 6.95 42.46
CA ASP C 941 -7.10 7.21 41.28
C ASP C 941 -7.99 6.02 40.94
N GLY C 942 -7.46 4.81 41.03
CA GLY C 942 -8.25 3.62 40.73
C GLY C 942 -9.54 3.55 41.55
N MET C 943 -9.42 3.69 42.86
CA MET C 943 -10.60 3.64 43.73
C MET C 943 -11.52 4.82 43.43
N MET C 944 -10.93 5.98 43.18
CA MET C 944 -11.75 7.14 42.87
C MET C 944 -12.58 6.95 41.62
N MET C 945 -11.96 6.48 40.53
CA MET C 945 -12.73 6.28 39.29
C MET C 945 -13.79 5.19 39.49
N GLN C 946 -13.43 4.13 40.20
CA GLN C 946 -14.36 3.05 40.47
C GLN C 946 -15.62 3.59 41.15
N THR C 947 -15.41 4.43 42.16
CA THR C 947 -16.50 5.04 42.92
C THR C 947 -17.33 5.98 42.03
N LEU C 948 -16.65 6.77 41.22
CA LEU C 948 -17.32 7.71 40.32
C LEU C 948 -18.22 6.99 39.32
N SER C 949 -17.88 5.75 38.96
CA SER C 949 -18.68 4.96 38.03
C SER C 949 -19.89 4.30 38.69
N THR C 950 -19.83 4.08 39.99
CA THR C 950 -20.88 3.35 40.69
C THR C 950 -21.65 4.10 41.78
N MET C 951 -21.16 5.27 42.17
CA MET C 951 -21.78 6.05 43.23
C MET C 951 -23.21 6.48 42.88
N LYS C 952 -23.95 6.88 43.90
CA LYS C 952 -25.31 7.36 43.67
C LYS C 952 -25.20 8.57 42.73
N GLY C 953 -26.06 8.62 41.71
CA GLY C 953 -26.03 9.72 40.76
C GLY C 953 -24.71 9.82 40.00
N ALA C 954 -24.08 8.69 39.75
CA ALA C 954 -22.80 8.64 39.02
C ALA C 954 -22.91 9.35 37.66
N PRO C 955 -21.92 10.19 37.31
CA PRO C 955 -21.99 10.88 36.01
C PRO C 955 -22.08 9.93 34.82
N LYS C 956 -22.95 10.28 33.88
CA LYS C 956 -23.20 9.50 32.67
C LYS C 956 -22.48 10.16 31.50
N ASN C 957 -22.26 9.39 30.44
CA ASN C 957 -21.66 9.91 29.22
C ASN C 957 -20.32 10.61 29.35
N THR C 958 -19.39 9.98 30.05
CA THR C 958 -18.07 10.58 30.22
C THR C 958 -17.02 9.62 29.70
N LEU C 959 -15.78 10.10 29.65
CA LEU C 959 -14.65 9.27 29.24
C LEU C 959 -13.67 9.45 30.39
N LYS C 960 -13.39 8.37 31.11
CA LYS C 960 -12.48 8.43 32.23
C LYS C 960 -11.08 8.01 31.78
N ILE C 961 -10.10 8.83 32.11
CA ILE C 961 -8.73 8.54 31.75
C ILE C 961 -7.82 8.52 32.98
N PHE C 962 -8.18 7.65 33.91
CA PHE C 962 -7.42 7.42 35.15
C PHE C 962 -7.38 8.53 36.19
N ASP C 963 -6.89 9.70 35.81
CA ASP C 963 -6.80 10.81 36.75
C ASP C 963 -7.45 12.08 36.20
N GLY C 964 -8.36 11.87 35.27
CA GLY C 964 -9.09 12.97 34.66
C GLY C 964 -10.34 12.38 34.00
N MET C 965 -11.39 13.19 33.89
CA MET C 965 -12.62 12.71 33.28
C MET C 965 -13.23 13.75 32.34
N ASN C 966 -13.43 13.38 31.08
CA ASN C 966 -14.03 14.27 30.09
C ASN C 966 -15.54 14.28 30.28
N ILE C 967 -16.11 15.48 30.47
CA ILE C 967 -17.54 15.64 30.69
C ILE C 967 -18.20 16.50 29.60
N GLY C 968 -19.43 16.16 29.23
CA GLY C 968 -20.17 16.91 28.23
C GLY C 968 -20.46 18.30 28.79
N LEU C 969 -20.49 19.30 27.92
CA LEU C 969 -20.71 20.68 28.37
C LEU C 969 -21.97 20.96 29.20
N ASN C 970 -22.99 20.14 29.06
CA ASN C 970 -24.24 20.30 29.80
C ASN C 970 -24.18 19.83 31.27
N ASP C 971 -23.22 18.98 31.60
CA ASP C 971 -23.13 18.44 32.96
C ASP C 971 -21.80 18.70 33.68
N ILE C 972 -21.06 19.71 33.25
CA ILE C 972 -19.77 19.94 33.89
C ILE C 972 -19.82 20.22 35.39
N THR C 973 -20.86 20.94 35.84
CA THR C 973 -20.97 21.27 37.26
C THR C 973 -21.20 20.09 38.17
N ASP C 974 -22.27 19.34 37.90
CA ASP C 974 -22.58 18.20 38.74
C ASP C 974 -21.59 17.05 38.61
N ALA C 975 -21.13 16.78 37.40
CA ALA C 975 -20.17 15.71 37.20
C ALA C 975 -18.87 16.06 37.95
N SER C 976 -18.44 17.32 37.88
CA SER C 976 -17.21 17.71 38.58
C SER C 976 -17.39 17.57 40.09
N ARG C 977 -18.54 17.98 40.59
CA ARG C 977 -18.80 17.86 42.02
C ARG C 977 -18.78 16.39 42.44
N LYS C 978 -19.36 15.52 41.61
CA LYS C 978 -19.39 14.09 41.90
C LYS C 978 -17.95 13.54 41.90
N ALA C 979 -17.14 14.03 40.97
CA ALA C 979 -15.74 13.59 40.88
C ALA C 979 -15.03 13.96 42.18
N ASN C 980 -15.27 15.17 42.68
CA ASN C 980 -14.63 15.61 43.91
C ASN C 980 -15.16 14.84 45.11
N GLU C 981 -16.41 14.43 45.03
CA GLU C 981 -16.99 13.65 46.12
C GLU C 981 -16.37 12.25 46.05
N ALA C 982 -16.06 11.79 44.84
CA ALA C 982 -15.46 10.48 44.66
C ALA C 982 -14.03 10.51 45.21
N VAL C 983 -13.36 11.64 45.02
CA VAL C 983 -12.02 11.84 45.51
C VAL C 983 -12.05 11.73 47.04
N TYR C 984 -12.99 12.44 47.65
CA TYR C 984 -13.13 12.42 49.10
C TYR C 984 -13.40 11.01 49.61
N THR C 985 -14.16 10.25 48.84
CA THR C 985 -14.47 8.87 49.21
C THR C 985 -13.22 8.00 49.22
N SER C 986 -12.37 8.15 48.21
CA SER C 986 -11.15 7.35 48.16
C SER C 986 -10.19 7.80 49.24
N TRP C 987 -10.31 9.05 49.67
CA TRP C 987 -9.44 9.56 50.72
C TRP C 987 -9.83 8.98 52.07
N GLN C 988 -10.88 8.16 52.09
CA GLN C 988 -11.29 7.53 53.34
C GLN C 988 -10.62 6.17 53.39
N GLY C 989 -9.85 5.85 52.36
CA GLY C 989 -9.15 4.57 52.33
C GLY C 989 -7.96 4.54 53.28
N ASN C 990 -7.35 3.37 53.46
CA ASN C 990 -6.20 3.21 54.35
C ASN C 990 -5.39 2.03 53.80
N PRO C 991 -4.67 2.24 52.69
CA PRO C 991 -3.86 1.18 52.08
C PRO C 991 -2.84 0.53 53.00
N ILE C 992 -2.31 1.29 53.96
CA ILE C 992 -1.32 0.73 54.87
C ILE C 992 -1.99 -0.26 55.82
N LYS C 993 -3.22 0.04 56.19
CA LYS C 993 -3.97 -0.87 57.06
C LYS C 993 -4.21 -2.15 56.27
N ASN C 994 -4.60 -1.99 55.02
CA ASN C 994 -4.88 -3.15 54.18
C ASN C 994 -3.64 -4.03 54.08
N VAL C 995 -2.47 -3.41 53.92
CA VAL C 995 -1.23 -4.18 53.84
C VAL C 995 -0.97 -4.83 55.19
N TYR C 996 -1.13 -4.06 56.26
CA TYR C 996 -0.92 -4.57 57.61
C TYR C 996 -1.70 -5.86 57.88
N GLU C 997 -3.00 -5.85 57.59
CA GLU C 997 -3.82 -7.03 57.82
C GLU C 997 -3.30 -8.23 57.03
N SER C 998 -2.71 -7.99 55.87
CA SER C 998 -2.18 -9.07 55.04
C SER C 998 -0.84 -9.55 55.63
N TYR C 999 0.02 -8.60 55.94
CA TYR C 999 1.34 -8.89 56.50
C TYR C 999 1.22 -9.58 57.88
N ALA C 1000 0.20 -9.22 58.64
CA ALA C 1000 -0.04 -9.78 59.96
C ALA C 1000 -0.34 -11.29 59.91
N LYS C 1001 -1.15 -11.71 58.94
CA LYS C 1001 -1.47 -13.13 58.80
C LYS C 1001 -0.23 -13.84 58.28
N PHE C 1002 0.47 -13.20 57.36
CA PHE C 1002 1.69 -13.74 56.79
C PHE C 1002 2.71 -13.99 57.92
N MET C 1003 2.90 -12.98 58.78
CA MET C 1003 3.85 -13.09 59.87
C MET C 1003 3.58 -14.22 60.85
N LYS C 1004 2.32 -14.59 61.05
CA LYS C 1004 2.08 -15.67 62.00
C LYS C 1004 2.17 -17.07 61.39
N ASN C 1005 2.23 -17.15 60.07
CA ASN C 1005 2.33 -18.46 59.41
C ASN C 1005 3.66 -18.71 58.72
N VAL C 1006 4.42 -17.66 58.47
CA VAL C 1006 5.69 -17.82 57.80
C VAL C 1006 6.75 -18.49 58.68
N ASP C 1007 7.71 -19.13 58.03
CA ASP C 1007 8.82 -19.79 58.70
C ASP C 1007 10.05 -19.50 57.85
N PHE C 1008 10.79 -18.45 58.22
CA PHE C 1008 11.95 -18.04 57.45
C PHE C 1008 13.06 -19.09 57.31
N SER C 1009 13.05 -20.09 58.19
CA SER C 1009 14.06 -21.15 58.13
C SER C 1009 13.91 -21.96 56.84
N LYS C 1010 12.68 -22.07 56.35
CA LYS C 1010 12.46 -22.85 55.14
C LYS C 1010 12.77 -22.09 53.86
N LEU C 1011 13.55 -21.02 53.99
CA LEU C 1011 13.91 -20.21 52.82
C LEU C 1011 15.31 -20.48 52.30
N SER C 1012 15.49 -20.38 51.00
CA SER C 1012 16.79 -20.59 50.39
C SER C 1012 17.68 -19.47 50.91
N PRO C 1013 19.00 -19.70 50.94
CA PRO C 1013 19.86 -18.63 51.44
C PRO C 1013 19.72 -17.40 50.54
N GLU C 1014 19.44 -17.64 49.27
CA GLU C 1014 19.27 -16.55 48.31
C GLU C 1014 18.10 -15.65 48.69
N ALA C 1015 17.01 -16.26 49.15
CA ALA C 1015 15.82 -15.52 49.55
C ALA C 1015 16.01 -14.82 50.90
N LEU C 1016 16.56 -15.56 51.87
CA LEU C 1016 16.80 -15.04 53.22
C LEU C 1016 17.63 -13.77 53.13
N GLU C 1017 18.59 -13.76 52.22
CA GLU C 1017 19.46 -12.60 52.01
C GLU C 1017 18.65 -11.40 51.52
N ALA C 1018 17.73 -11.64 50.58
CA ALA C 1018 16.91 -10.57 50.05
C ALA C 1018 16.05 -9.99 51.17
N ILE C 1019 15.54 -10.85 52.04
CA ILE C 1019 14.71 -10.38 53.13
C ILE C 1019 15.52 -9.53 54.11
N GLY C 1020 16.75 -9.95 54.39
CA GLY C 1020 17.60 -9.20 55.31
C GLY C 1020 17.86 -7.79 54.80
N LYS C 1021 17.96 -7.65 53.49
CA LYS C 1021 18.20 -6.35 52.87
C LYS C 1021 17.02 -5.41 53.14
N SER C 1022 15.82 -5.96 53.27
CA SER C 1022 14.64 -5.16 53.53
C SER C 1022 14.39 -4.92 55.02
N ALA C 1023 14.66 -5.93 55.85
CA ALA C 1023 14.40 -5.84 57.28
C ALA C 1023 15.54 -5.45 58.22
N LEU C 1024 16.79 -5.50 57.74
CA LEU C 1024 17.94 -5.16 58.59
C LEU C 1024 18.75 -4.02 57.97
N GLU C 1025 19.60 -3.37 58.77
CA GLU C 1025 20.42 -2.28 58.25
C GLU C 1025 21.75 -2.88 57.79
N TYR C 1026 22.09 -2.64 56.52
CA TYR C 1026 23.29 -3.17 55.86
C TYR C 1026 24.39 -3.88 56.66
N ASP C 1027 24.72 -3.39 57.85
CA ASP C 1027 25.77 -4.02 58.63
C ASP C 1027 25.34 -5.28 59.38
N GLN C 1028 24.03 -5.48 59.54
CA GLN C 1028 23.54 -6.64 60.27
C GLN C 1028 23.18 -7.83 59.37
N ARG C 1029 23.36 -7.67 58.06
CA ARG C 1029 23.04 -8.76 57.13
C ARG C 1029 23.99 -9.95 57.20
N GLU C 1030 25.28 -9.69 57.02
CA GLU C 1030 26.32 -10.74 57.02
C GLU C 1030 26.26 -11.79 58.11
N ASN C 1031 25.96 -11.39 59.34
CA ASN C 1031 25.89 -12.34 60.46
C ASN C 1031 24.46 -12.77 60.79
N ALA C 1032 23.49 -12.12 60.15
CA ALA C 1032 22.08 -12.39 60.38
C ALA C 1032 21.64 -13.85 60.34
N THR C 1033 21.06 -14.31 61.44
CA THR C 1033 20.56 -15.67 61.56
C THR C 1033 19.09 -15.61 61.22
N VAL C 1034 18.48 -16.77 60.99
CA VAL C 1034 17.06 -16.82 60.65
C VAL C 1034 16.30 -16.05 61.73
N ASP C 1035 16.63 -16.31 62.99
CA ASP C 1035 15.96 -15.67 64.10
C ASP C 1035 16.12 -14.15 64.05
N ASP C 1036 17.26 -13.67 63.57
CA ASP C 1036 17.50 -12.23 63.47
C ASP C 1036 16.51 -11.59 62.49
N ILE C 1037 16.53 -12.04 61.25
CA ILE C 1037 15.64 -11.47 60.24
C ILE C 1037 14.18 -11.65 60.62
N ALA C 1038 13.85 -12.80 61.20
CA ALA C 1038 12.47 -13.07 61.61
C ALA C 1038 12.03 -12.00 62.61
N ASN C 1039 12.94 -11.63 63.49
CA ASN C 1039 12.63 -10.61 64.50
C ASN C 1039 12.47 -9.25 63.85
N ALA C 1040 13.31 -8.96 62.86
CA ALA C 1040 13.24 -7.68 62.15
C ALA C 1040 11.96 -7.58 61.33
N ALA C 1041 11.56 -8.71 60.75
CA ALA C 1041 10.35 -8.76 59.93
C ALA C 1041 9.13 -8.45 60.77
N SER C 1042 9.11 -8.94 62.01
CA SER C 1042 7.96 -8.69 62.90
C SER C 1042 7.98 -7.23 63.32
N LEU C 1043 9.16 -6.62 63.33
CA LEU C 1043 9.26 -5.22 63.70
C LEU C 1043 8.49 -4.38 62.67
N ILE C 1044 8.69 -4.69 61.39
CA ILE C 1044 8.02 -3.98 60.31
C ILE C 1044 6.50 -4.06 60.49
N GLU C 1045 6.01 -5.20 60.94
CA GLU C 1045 4.59 -5.38 61.20
C GLU C 1045 4.08 -4.35 62.20
N ARG C 1046 4.82 -4.13 63.28
CA ARG C 1046 4.40 -3.16 64.28
C ARG C 1046 4.40 -1.76 63.68
N ASN C 1047 5.39 -1.48 62.84
CA ASN C 1047 5.50 -0.18 62.20
C ASN C 1047 4.25 0.08 61.37
N LEU C 1048 3.84 -0.93 60.60
CA LEU C 1048 2.66 -0.80 59.77
C LEU C 1048 1.41 -0.58 60.60
N ARG C 1049 1.28 -1.31 61.71
CA ARG C 1049 0.11 -1.15 62.57
C ARG C 1049 -0.01 0.28 63.08
N ASN C 1050 1.10 0.85 63.51
CA ASN C 1050 1.12 2.20 64.04
C ASN C 1050 0.80 3.23 62.97
N ILE C 1051 1.29 3.01 61.75
CA ILE C 1051 1.01 3.93 60.65
C ILE C 1051 -0.47 3.89 60.30
N ALA C 1052 -1.01 2.68 60.18
CA ALA C 1052 -2.41 2.49 59.82
C ALA C 1052 -3.32 3.17 60.83
N LEU C 1053 -2.97 3.05 62.11
CA LEU C 1053 -3.74 3.63 63.19
C LEU C 1053 -3.77 5.15 63.09
N GLY C 1054 -2.63 5.76 62.77
CA GLY C 1054 -2.58 7.20 62.62
C GLY C 1054 -3.39 7.68 61.43
N VAL C 1055 -3.24 7.01 60.29
CA VAL C 1055 -3.97 7.37 59.08
C VAL C 1055 -5.46 7.33 59.38
N ASP C 1056 -5.89 6.26 60.04
CA ASP C 1056 -7.29 6.09 60.37
C ASP C 1056 -7.78 7.25 61.25
N ILE C 1057 -7.00 7.61 62.26
CA ILE C 1057 -7.38 8.72 63.14
C ILE C 1057 -7.48 10.04 62.38
N ARG C 1058 -6.49 10.30 61.53
CA ARG C 1058 -6.45 11.52 60.76
C ARG C 1058 -7.69 11.69 59.89
N HIS C 1059 -8.07 10.63 59.20
CA HIS C 1059 -9.22 10.67 58.34
C HIS C 1059 -10.51 10.95 59.13
N LYS C 1060 -10.65 10.36 60.30
CA LYS C 1060 -11.86 10.61 61.10
C LYS C 1060 -11.88 12.06 61.59
N VAL C 1061 -10.72 12.54 62.05
CA VAL C 1061 -10.61 13.91 62.54
C VAL C 1061 -10.92 14.94 61.45
N LEU C 1062 -10.29 14.74 60.30
CA LEU C 1062 -10.47 15.63 59.17
C LEU C 1062 -11.95 15.69 58.76
N ASP C 1063 -12.65 14.57 58.91
CA ASP C 1063 -14.06 14.52 58.53
C ASP C 1063 -14.99 15.34 59.43
N LYS C 1064 -14.51 15.69 60.63
CA LYS C 1064 -15.30 16.48 61.57
C LYS C 1064 -15.20 17.96 61.27
N VAL C 1065 -14.21 18.32 60.47
CA VAL C 1065 -13.92 19.69 60.09
C VAL C 1065 -14.62 20.09 58.79
N ASN C 1066 -14.80 21.38 58.57
CA ASN C 1066 -15.44 21.86 57.34
C ASN C 1066 -14.39 21.89 56.24
N LEU C 1067 -14.61 21.05 55.22
CA LEU C 1067 -13.69 20.95 54.09
C LEU C 1067 -14.33 21.25 52.75
N SER C 1068 -13.52 21.74 51.82
CA SER C 1068 -13.94 22.02 50.46
C SER C 1068 -12.91 21.29 49.60
N ILE C 1069 -13.37 20.32 48.80
CA ILE C 1069 -12.45 19.53 47.98
C ILE C 1069 -12.57 19.85 46.48
N ASP C 1070 -11.47 20.26 45.86
CA ASP C 1070 -11.48 20.54 44.43
C ASP C 1070 -10.17 20.04 43.82
N GLN C 1071 -10.01 18.73 43.90
CA GLN C 1071 -8.85 18.04 43.35
C GLN C 1071 -9.07 17.79 41.85
N MET C 1072 -10.31 17.50 41.44
CA MET C 1072 -10.61 17.29 40.01
C MET C 1072 -11.02 18.64 39.43
N ALA C 1073 -10.06 19.56 39.42
CA ALA C 1073 -10.26 20.94 38.99
C ALA C 1073 -10.50 21.29 37.53
N ALA C 1074 -10.97 22.52 37.37
CA ALA C 1074 -11.27 23.20 36.09
C ALA C 1074 -12.57 23.98 36.19
N VAL C 1075 -13.64 23.26 36.45
CA VAL C 1075 -14.99 23.80 36.50
C VAL C 1075 -15.30 24.72 37.67
N GLY C 1076 -14.77 24.39 38.85
CA GLY C 1076 -15.00 25.19 40.03
C GLY C 1076 -16.26 24.77 40.78
N ALA C 1077 -16.45 23.46 40.92
CA ALA C 1077 -17.59 22.90 41.63
C ALA C 1077 -17.03 21.95 42.70
N PRO C 1078 -16.49 22.52 43.78
CA PRO C 1078 -15.92 21.73 44.88
C PRO C 1078 -16.96 20.96 45.68
N TYR C 1079 -16.54 19.83 46.25
CA TYR C 1079 -17.40 19.02 47.08
C TYR C 1079 -17.23 19.47 48.52
N GLN C 1080 -18.34 19.67 49.22
CA GLN C 1080 -18.33 20.08 50.63
C GLN C 1080 -18.71 18.89 51.52
N ASN C 1081 -17.88 18.57 52.52
CA ASN C 1081 -18.17 17.44 53.42
C ASN C 1081 -19.10 17.91 54.54
N ASN C 1082 -19.29 19.23 54.62
CA ASN C 1082 -20.15 19.80 55.64
C ASN C 1082 -19.80 19.36 57.06
N GLY C 1083 -18.50 19.28 57.36
CA GLY C 1083 -18.08 18.91 58.70
C GLY C 1083 -18.52 20.04 59.62
N LYS C 1084 -18.85 19.74 60.87
CA LYS C 1084 -19.33 20.77 61.79
C LYS C 1084 -18.30 21.69 62.43
N ILE C 1085 -17.15 21.14 62.79
CA ILE C 1085 -16.12 21.97 63.41
C ILE C 1085 -15.61 22.99 62.40
N ASP C 1086 -15.90 24.27 62.66
CA ASP C 1086 -15.49 25.36 61.77
C ASP C 1086 -14.07 25.83 62.03
N LEU C 1087 -13.22 25.71 61.01
CA LEU C 1087 -11.82 26.12 61.12
C LEU C 1087 -11.47 27.28 60.20
N SER C 1088 -12.47 28.07 59.83
CA SER C 1088 -12.22 29.22 58.98
C SER C 1088 -11.58 30.29 59.85
N ASN C 1089 -11.06 31.35 59.21
CA ASN C 1089 -10.41 32.43 59.93
C ASN C 1089 -9.30 31.89 60.84
N MET C 1090 -8.55 30.93 60.33
CA MET C 1090 -7.45 30.34 61.09
C MET C 1090 -6.24 30.11 60.20
N THR C 1091 -5.06 30.37 60.74
CA THR C 1091 -3.82 30.16 60.00
C THR C 1091 -3.57 28.65 59.97
N PRO C 1092 -2.67 28.19 59.08
CA PRO C 1092 -2.36 26.76 58.99
C PRO C 1092 -1.86 26.21 60.33
N GLU C 1093 -1.10 27.04 61.05
CA GLU C 1093 -0.57 26.65 62.35
C GLU C 1093 -1.72 26.44 63.34
N GLN C 1094 -2.70 27.33 63.30
CA GLN C 1094 -3.87 27.22 64.17
C GLN C 1094 -4.68 25.97 63.87
N GLN C 1095 -4.89 25.72 62.58
CA GLN C 1095 -5.65 24.55 62.18
C GLN C 1095 -4.93 23.26 62.58
N ALA C 1096 -3.61 23.24 62.45
CA ALA C 1096 -2.85 22.04 62.81
C ALA C 1096 -3.01 21.72 64.30
N ASP C 1097 -3.02 22.77 65.13
CA ASP C 1097 -3.18 22.59 66.57
C ASP C 1097 -4.56 22.04 66.92
N GLU C 1098 -5.60 22.63 66.33
CA GLU C 1098 -6.96 22.18 66.60
C GLU C 1098 -7.18 20.74 66.15
N LEU C 1099 -6.61 20.39 65.00
CA LEU C 1099 -6.74 19.05 64.47
C LEU C 1099 -6.00 18.04 65.35
N ASN C 1100 -4.84 18.43 65.86
CA ASN C 1100 -4.08 17.53 66.70
C ASN C 1100 -4.75 17.33 68.07
N LYS C 1101 -5.55 18.30 68.49
CA LYS C 1101 -6.27 18.18 69.74
C LYS C 1101 -7.34 17.10 69.53
N LEU C 1102 -7.97 17.13 68.36
CA LEU C 1102 -9.00 16.16 68.01
C LEU C 1102 -8.35 14.80 67.82
N PHE C 1103 -7.11 14.81 67.37
CA PHE C 1103 -6.36 13.58 67.15
C PHE C 1103 -6.11 12.91 68.50
N ARG C 1104 -5.55 13.68 69.43
CA ARG C 1104 -5.25 13.16 70.76
C ARG C 1104 -6.51 12.69 71.48
N GLU C 1105 -7.60 13.43 71.29
CA GLU C 1105 -8.87 13.06 71.92
C GLU C 1105 -9.28 11.66 71.47
N GLU C 1106 -9.25 11.43 70.16
CA GLU C 1106 -9.64 10.14 69.61
C GLU C 1106 -8.66 9.04 69.99
N LEU C 1107 -7.40 9.42 70.16
CA LEU C 1107 -6.37 8.46 70.53
C LEU C 1107 -6.73 7.88 71.90
N GLU C 1108 -7.16 8.74 72.81
CA GLU C 1108 -7.55 8.31 74.15
C GLU C 1108 -8.85 7.52 74.11
N ALA C 1109 -9.81 8.01 73.32
CA ALA C 1109 -11.11 7.35 73.19
C ALA C 1109 -10.93 5.94 72.64
N ARG C 1110 -10.27 5.84 71.50
CA ARG C 1110 -10.01 4.55 70.86
C ARG C 1110 -8.97 3.78 71.65
N LYS C 1111 -8.43 4.41 72.68
CA LYS C 1111 -7.44 3.78 73.53
C LYS C 1111 -8.22 2.99 74.57
N GLN C 1112 -8.07 3.39 75.84
CA GLN C 1112 -8.77 2.73 76.93
C GLN C 1112 -10.19 3.25 77.08
N LYS C 1113 -11.14 2.55 76.46
CA LYS C 1113 -12.56 2.89 76.51
C LYS C 1113 -13.38 2.21 75.42
N VAL C 1114 -12.72 1.65 74.42
CA VAL C 1114 -13.43 0.99 73.32
C VAL C 1114 -14.14 -0.27 73.85
N ALA C 1115 -13.88 -0.59 75.12
CA ALA C 1115 -14.47 -1.75 75.81
C ALA C 1115 -14.95 -2.84 74.85
N LEU D 20 23.44 -37.69 -26.92
CA LEU D 20 22.53 -36.61 -26.41
C LEU D 20 21.50 -37.22 -25.46
N LYS D 21 21.14 -38.47 -25.70
CA LYS D 21 20.17 -39.15 -24.85
C LYS D 21 20.85 -39.46 -23.53
N GLU D 22 22.07 -40.00 -23.63
CA GLU D 22 22.88 -40.36 -22.47
C GLU D 22 23.28 -39.08 -21.71
N GLY D 23 23.29 -37.96 -22.42
CA GLY D 23 23.66 -36.70 -21.82
C GLY D 23 22.60 -36.16 -20.87
N ILE D 24 21.37 -36.01 -21.36
CA ILE D 24 20.30 -35.50 -20.51
C ILE D 24 19.89 -36.50 -19.43
N ASP D 25 20.12 -37.79 -19.68
CA ASP D 25 19.78 -38.79 -18.69
C ASP D 25 20.75 -38.76 -17.52
N ALA D 26 21.96 -38.26 -17.77
CA ALA D 26 22.97 -38.17 -16.73
C ALA D 26 22.74 -36.96 -15.83
N VAL D 27 21.92 -36.02 -16.28
CA VAL D 27 21.64 -34.83 -15.48
C VAL D 27 20.42 -35.11 -14.64
N TYR D 28 19.50 -35.90 -15.18
CA TYR D 28 18.27 -36.25 -14.48
C TYR D 28 18.12 -37.77 -14.47
N PRO D 29 19.06 -38.47 -13.83
CA PRO D 29 19.03 -39.93 -13.77
C PRO D 29 17.87 -40.59 -13.03
N SER D 30 17.27 -39.87 -12.09
CA SER D 30 16.19 -40.44 -11.29
C SER D 30 14.73 -40.13 -11.64
N LEU D 31 14.45 -39.60 -12.83
CA LEU D 31 13.06 -39.32 -13.18
C LEU D 31 12.35 -40.64 -13.48
N VAL D 32 11.07 -40.72 -13.13
CA VAL D 32 10.30 -41.94 -13.35
C VAL D 32 10.15 -42.34 -14.82
N GLY D 33 10.22 -43.65 -15.08
CA GLY D 33 10.07 -44.13 -16.44
C GLY D 33 11.35 -44.25 -17.23
N THR D 34 11.26 -44.88 -18.39
CA THR D 34 12.41 -45.08 -19.26
C THR D 34 12.35 -44.11 -20.44
N ALA D 35 13.51 -43.63 -20.86
CA ALA D 35 13.60 -42.69 -21.97
C ALA D 35 13.55 -43.41 -23.32
N ASP D 36 12.53 -44.21 -23.52
CA ASP D 36 12.35 -44.96 -24.76
C ASP D 36 10.91 -44.77 -25.22
N SER D 37 10.72 -44.18 -26.39
CA SER D 37 9.40 -43.93 -26.91
C SER D 37 8.62 -45.21 -27.18
N LYS D 38 9.33 -46.29 -27.47
CA LYS D 38 8.70 -47.58 -27.76
C LYS D 38 8.60 -48.46 -26.53
N ALA D 39 9.39 -48.12 -25.51
CA ALA D 39 9.41 -48.88 -24.26
C ALA D 39 8.02 -49.23 -23.74
N GLU D 40 7.95 -50.34 -23.01
CA GLU D 40 6.70 -50.79 -22.42
C GLU D 40 6.71 -50.27 -20.98
N GLY D 41 5.56 -49.83 -20.49
CA GLY D 41 5.50 -49.31 -19.13
C GLY D 41 5.59 -47.80 -19.17
N ILE D 42 5.94 -47.19 -18.05
CA ILE D 42 6.04 -45.74 -17.99
C ILE D 42 7.24 -45.17 -18.76
N LYS D 43 6.94 -44.22 -19.64
CA LYS D 43 7.97 -43.58 -20.44
C LYS D 43 8.17 -42.16 -19.94
N ASN D 44 9.42 -41.71 -19.86
CA ASN D 44 9.66 -40.35 -19.39
C ASN D 44 9.80 -39.39 -20.56
N TYR D 45 8.74 -38.62 -20.80
CA TYR D 45 8.75 -37.67 -21.90
C TYR D 45 9.49 -36.37 -21.63
N PHE D 46 10.09 -36.23 -20.46
CA PHE D 46 10.86 -35.03 -20.22
C PHE D 46 12.18 -35.29 -20.94
N LYS D 47 12.78 -36.44 -20.66
CA LYS D 47 14.05 -36.83 -21.29
C LYS D 47 13.86 -37.10 -22.77
N LEU D 48 12.64 -37.43 -23.17
CA LEU D 48 12.33 -37.69 -24.57
C LEU D 48 12.13 -36.39 -25.34
N SER D 49 11.73 -35.34 -24.64
CA SER D 49 11.44 -34.07 -25.29
C SER D 49 12.54 -33.03 -25.25
N PHE D 50 13.47 -33.16 -24.30
CA PHE D 50 14.55 -32.18 -24.19
C PHE D 50 15.95 -32.77 -24.19
N THR D 51 16.93 -31.94 -24.54
CA THR D 51 18.33 -32.33 -24.59
C THR D 51 19.19 -31.17 -24.08
N LEU D 52 20.42 -31.46 -23.69
CA LEU D 52 21.31 -30.41 -23.23
C LEU D 52 21.68 -29.60 -24.46
N PRO D 53 21.81 -28.27 -24.31
CA PRO D 53 22.16 -27.42 -25.45
C PRO D 53 23.63 -27.54 -25.83
N GLU D 54 23.94 -27.11 -27.05
CA GLU D 54 25.30 -27.14 -27.57
C GLU D 54 26.19 -26.31 -26.65
N GLU D 55 25.67 -25.14 -26.25
CA GLU D 55 26.37 -24.22 -25.37
C GLU D 55 25.45 -23.95 -24.18
N GLN D 56 26.04 -23.84 -22.99
CA GLN D 56 25.26 -23.60 -21.77
C GLN D 56 24.37 -22.36 -21.87
N LYS D 57 23.09 -22.52 -21.51
CA LYS D 57 22.14 -21.43 -21.55
C LYS D 57 21.73 -20.99 -20.15
N SER D 58 21.73 -21.92 -19.20
CA SER D 58 21.35 -21.63 -17.84
C SER D 58 22.41 -22.10 -16.84
N ARG D 59 22.73 -21.25 -15.87
CA ARG D 59 23.74 -21.60 -14.88
C ARG D 59 23.20 -22.50 -13.77
N THR D 60 21.92 -22.84 -13.83
CA THR D 60 21.35 -23.71 -12.80
C THR D 60 21.36 -25.19 -13.24
N VAL D 61 21.64 -25.44 -14.52
CA VAL D 61 21.67 -26.81 -15.00
C VAL D 61 22.82 -27.55 -14.35
N GLY D 62 22.51 -28.65 -13.69
CA GLY D 62 23.53 -29.42 -13.00
C GLY D 62 23.53 -29.13 -11.52
N SER D 63 22.81 -28.09 -11.13
CA SER D 63 22.72 -27.71 -9.72
C SER D 63 21.67 -28.55 -8.99
N GLU D 64 22.07 -29.18 -7.88
CA GLU D 64 21.13 -29.99 -7.12
C GLU D 64 20.22 -29.15 -6.23
N ALA D 65 20.57 -27.88 -6.04
CA ALA D 65 19.77 -26.97 -5.23
C ALA D 65 19.79 -25.53 -5.76
N PRO D 66 19.16 -25.29 -6.92
CA PRO D 66 19.10 -23.97 -7.56
C PRO D 66 18.74 -22.80 -6.62
N LEU D 67 17.71 -22.98 -5.81
CA LEU D 67 17.27 -21.93 -4.89
C LEU D 67 18.37 -21.52 -3.91
N LYS D 68 19.05 -22.48 -3.33
CA LYS D 68 20.11 -22.13 -2.40
C LYS D 68 21.35 -21.61 -3.11
N ASP D 69 21.69 -22.19 -4.26
CA ASP D 69 22.85 -21.76 -5.02
C ASP D 69 22.69 -20.35 -5.59
N VAL D 70 21.49 -20.01 -6.05
CA VAL D 70 21.26 -18.67 -6.56
C VAL D 70 21.14 -17.68 -5.41
N ALA D 71 20.50 -18.11 -4.32
CA ALA D 71 20.36 -17.25 -3.15
C ALA D 71 21.76 -16.90 -2.69
N GLN D 72 22.64 -17.89 -2.70
CA GLN D 72 24.02 -17.73 -2.31
C GLN D 72 24.69 -16.67 -3.19
N ALA D 73 24.51 -16.82 -4.51
CA ALA D 73 25.10 -15.89 -5.47
C ALA D 73 24.63 -14.47 -5.24
N LEU D 74 23.38 -14.31 -4.83
CA LEU D 74 22.80 -13.00 -4.58
C LEU D 74 23.10 -12.45 -3.19
N SER D 75 23.86 -13.19 -2.39
CA SER D 75 24.17 -12.73 -1.04
C SER D 75 25.22 -11.63 -0.97
N SER D 76 26.00 -11.45 -2.03
CA SER D 76 27.03 -10.40 -2.06
C SER D 76 27.49 -10.11 -3.49
N ARG D 77 27.98 -8.90 -3.72
CA ARG D 77 28.45 -8.53 -5.05
C ARG D 77 29.57 -9.47 -5.45
N ALA D 78 30.42 -9.83 -4.49
CA ALA D 78 31.52 -10.73 -4.75
C ALA D 78 31.06 -12.08 -5.30
N ARG D 79 30.12 -12.71 -4.59
CA ARG D 79 29.62 -14.02 -5.02
C ARG D 79 28.87 -13.91 -6.33
N TYR D 80 28.15 -12.81 -6.51
CA TYR D 80 27.39 -12.58 -7.73
C TYR D 80 28.33 -12.54 -8.92
N GLU D 81 29.44 -11.84 -8.76
CA GLU D 81 30.40 -11.71 -9.84
C GLU D 81 31.08 -13.05 -10.14
N LEU D 82 31.35 -13.82 -9.10
CA LEU D 82 31.98 -15.13 -9.28
C LEU D 82 31.00 -16.09 -9.94
N PHE D 83 29.75 -16.08 -9.47
CA PHE D 83 28.73 -16.94 -10.02
C PHE D 83 28.44 -16.63 -11.48
N THR D 84 28.45 -15.35 -11.83
CA THR D 84 28.17 -14.93 -13.21
C THR D 84 29.43 -14.71 -14.03
N GLU D 85 30.59 -15.00 -13.45
CA GLU D 85 31.86 -14.84 -14.14
C GLU D 85 32.02 -13.44 -14.74
N LYS D 86 31.45 -12.45 -14.07
CA LYS D 86 31.55 -11.06 -14.53
C LYS D 86 32.45 -10.29 -13.58
N GLU D 87 33.39 -9.54 -14.14
CA GLU D 87 34.32 -8.75 -13.33
C GLU D 87 33.59 -7.79 -12.38
N THR D 88 32.62 -7.05 -12.91
CA THR D 88 31.88 -6.08 -12.09
C THR D 88 30.36 -6.20 -12.27
N ALA D 89 29.66 -6.39 -11.16
CA ALA D 89 28.21 -6.49 -11.19
C ALA D 89 27.58 -5.10 -11.26
N ASN D 90 26.40 -5.03 -11.87
CA ASN D 90 25.65 -3.78 -12.00
C ASN D 90 25.75 -3.03 -10.66
N PRO D 91 26.27 -1.80 -10.68
CA PRO D 91 26.40 -1.05 -9.42
C PRO D 91 25.10 -0.85 -8.65
N ALA D 92 23.95 -1.08 -9.29
CA ALA D 92 22.68 -0.93 -8.60
C ALA D 92 22.46 -2.07 -7.60
N PHE D 93 23.25 -3.14 -7.74
CA PHE D 93 23.16 -4.29 -6.85
C PHE D 93 23.96 -3.97 -5.61
N ASN D 94 23.37 -3.20 -4.71
CA ASN D 94 24.03 -2.78 -3.49
C ASN D 94 23.47 -3.45 -2.22
N GLY D 95 23.92 -2.97 -1.07
CA GLY D 95 23.49 -3.54 0.19
C GLY D 95 21.98 -3.61 0.41
N GLU D 96 21.26 -2.56 0.04
CA GLU D 96 19.82 -2.54 0.23
C GLU D 96 19.06 -3.46 -0.73
N VAL D 97 19.55 -3.63 -1.95
CA VAL D 97 18.89 -4.50 -2.91
C VAL D 97 19.20 -5.96 -2.58
N ILE D 98 20.41 -6.20 -2.08
CA ILE D 98 20.81 -7.56 -1.71
C ILE D 98 19.90 -8.04 -0.57
N LYS D 99 19.57 -7.12 0.32
CA LYS D 99 18.70 -7.42 1.46
C LYS D 99 17.29 -7.80 0.97
N ARG D 100 16.81 -7.12 -0.06
CA ARG D 100 15.50 -7.43 -0.61
C ARG D 100 15.50 -8.79 -1.29
N TYR D 101 16.55 -9.11 -2.03
CA TYR D 101 16.61 -10.41 -2.70
C TYR D 101 16.73 -11.56 -1.72
N LYS D 102 17.36 -11.32 -0.58
CA LYS D 102 17.50 -12.36 0.44
C LYS D 102 16.10 -12.74 0.88
N GLU D 103 15.27 -11.73 1.13
CA GLU D 103 13.91 -11.97 1.56
C GLU D 103 13.12 -12.66 0.45
N LEU D 104 13.33 -12.22 -0.80
CA LEU D 104 12.61 -12.83 -1.91
C LEU D 104 12.98 -14.30 -2.07
N MET D 105 14.24 -14.64 -1.85
CA MET D 105 14.69 -16.04 -1.96
C MET D 105 14.02 -16.89 -0.88
N GLU D 106 13.87 -16.32 0.31
CA GLU D 106 13.21 -17.01 1.41
C GLU D 106 11.78 -17.26 0.96
N HIS D 107 11.15 -16.24 0.36
CA HIS D 107 9.79 -16.37 -0.14
C HIS D 107 9.73 -17.50 -1.17
N GLY D 108 10.77 -17.61 -2.00
CA GLY D 108 10.82 -18.67 -2.99
C GLY D 108 10.80 -20.03 -2.33
N GLU D 109 11.25 -20.08 -1.08
CA GLU D 109 11.26 -21.31 -0.31
C GLU D 109 9.80 -21.66 0.02
N GLY D 110 9.00 -20.63 0.31
CA GLY D 110 7.60 -20.83 0.61
C GLY D 110 6.84 -21.39 -0.58
N ILE D 111 7.10 -20.79 -1.75
CA ILE D 111 6.46 -21.22 -3.00
C ILE D 111 6.76 -22.72 -3.19
N ALA D 112 8.03 -23.06 -3.06
CA ALA D 112 8.47 -24.44 -3.23
C ALA D 112 7.66 -25.36 -2.31
N ASP D 113 7.51 -24.97 -1.04
CA ASP D 113 6.77 -25.80 -0.09
C ASP D 113 5.31 -25.99 -0.49
N ILE D 114 4.68 -24.94 -1.01
CA ILE D 114 3.29 -25.04 -1.45
C ILE D 114 3.17 -26.05 -2.59
N LEU D 115 4.11 -25.97 -3.53
CA LEU D 115 4.13 -26.86 -4.69
C LEU D 115 4.33 -28.32 -4.27
N ARG D 116 5.28 -28.56 -3.37
CA ARG D 116 5.52 -29.94 -2.91
C ARG D 116 4.24 -30.51 -2.28
N SER D 117 3.48 -29.67 -1.58
CA SER D 117 2.24 -30.12 -0.94
C SER D 117 1.11 -30.35 -1.95
N ARG D 118 0.97 -29.48 -2.94
CA ARG D 118 -0.07 -29.64 -3.95
C ARG D 118 0.15 -30.96 -4.71
N LEU D 119 1.41 -31.30 -4.93
CA LEU D 119 1.73 -32.55 -5.63
C LEU D 119 1.36 -33.75 -4.76
N ALA D 120 1.67 -33.66 -3.46
CA ALA D 120 1.34 -34.74 -2.53
C ALA D 120 -0.17 -34.98 -2.54
N LYS D 121 -0.94 -33.90 -2.47
CA LYS D 121 -2.40 -34.00 -2.48
C LYS D 121 -2.89 -34.69 -3.76
N PHE D 122 -2.36 -34.23 -4.89
CA PHE D 122 -2.69 -34.77 -6.20
C PHE D 122 -2.42 -36.26 -6.29
N LEU D 123 -1.30 -36.69 -5.73
CA LEU D 123 -0.93 -38.10 -5.77
C LEU D 123 -1.84 -38.93 -4.88
N ASN D 124 -2.34 -38.32 -3.81
CA ASN D 124 -3.21 -39.00 -2.87
C ASN D 124 -4.69 -38.98 -3.27
N THR D 125 -5.08 -38.03 -4.10
CA THR D 125 -6.48 -37.93 -4.53
C THR D 125 -6.84 -38.98 -5.57
N LYS D 126 -7.88 -39.76 -5.26
CA LYS D 126 -8.35 -40.82 -6.15
C LYS D 126 -7.30 -41.88 -6.48
N ASP D 127 -6.35 -42.07 -5.56
CA ASP D 127 -5.29 -43.05 -5.71
C ASP D 127 -4.41 -42.88 -6.96
N VAL D 128 -4.32 -41.66 -7.47
CA VAL D 128 -3.51 -41.42 -8.66
C VAL D 128 -2.06 -41.86 -8.46
N GLY D 129 -1.50 -41.56 -7.30
CA GLY D 129 -0.13 -41.98 -7.04
C GLY D 129 0.02 -43.50 -7.12
N LYS D 130 -0.92 -44.22 -6.51
CA LYS D 130 -0.89 -45.68 -6.51
C LYS D 130 -1.08 -46.22 -7.93
N ARG D 131 -2.02 -45.64 -8.64
CA ARG D 131 -2.30 -46.07 -10.01
C ARG D 131 -1.15 -45.79 -10.97
N PHE D 132 -0.38 -44.75 -10.67
CA PHE D 132 0.77 -44.39 -11.50
C PHE D 132 1.89 -45.41 -11.25
N ALA D 133 2.10 -45.77 -9.99
CA ALA D 133 3.13 -46.74 -9.64
C ALA D 133 2.75 -48.12 -10.20
N GLN D 134 1.45 -48.34 -10.34
CA GLN D 134 0.92 -49.60 -10.87
C GLN D 134 1.04 -49.63 -12.38
N GLY D 135 1.39 -48.51 -13.00
CA GLY D 135 1.56 -48.51 -14.43
C GLY D 135 0.59 -47.70 -15.25
N THR D 136 -0.46 -47.15 -14.66
CA THR D 136 -1.35 -46.35 -15.47
C THR D 136 -0.49 -45.18 -15.93
N GLU D 137 -0.57 -44.83 -17.21
CA GLU D 137 0.26 -43.74 -17.74
C GLU D 137 -0.34 -42.36 -17.51
N ALA D 138 -0.41 -41.98 -16.24
CA ALA D 138 -0.95 -40.69 -15.85
C ALA D 138 -0.06 -39.55 -16.32
N ASN D 139 1.23 -39.83 -16.52
CA ASN D 139 2.15 -38.78 -16.99
C ASN D 139 1.85 -38.37 -18.41
N ARG D 140 0.81 -38.95 -18.99
CA ARG D 140 0.42 -38.63 -20.35
C ARG D 140 -0.97 -38.02 -20.40
N TRP D 141 -1.56 -37.79 -19.23
CA TRP D 141 -2.87 -37.15 -19.14
C TRP D 141 -2.62 -35.65 -19.26
N VAL D 142 -3.64 -34.90 -19.66
CA VAL D 142 -3.49 -33.45 -19.79
C VAL D 142 -3.19 -32.83 -18.43
N GLY D 143 -3.72 -33.43 -17.37
CA GLY D 143 -3.49 -32.90 -16.03
C GLY D 143 -2.35 -33.56 -15.28
N GLY D 144 -1.66 -34.51 -15.89
CA GLY D 144 -0.57 -35.17 -15.19
C GLY D 144 0.79 -35.08 -15.82
N LYS D 145 0.97 -34.19 -16.80
CA LYS D 145 2.25 -34.06 -17.49
C LYS D 145 3.40 -33.72 -16.58
N LEU D 146 3.12 -33.17 -15.40
CA LEU D 146 4.19 -32.85 -14.47
C LEU D 146 4.82 -34.13 -13.86
N LEU D 147 4.12 -35.25 -13.95
CA LEU D 147 4.64 -36.49 -13.40
C LEU D 147 5.92 -36.90 -14.13
N ASN D 148 6.21 -36.22 -15.24
CA ASN D 148 7.42 -36.49 -16.01
C ASN D 148 8.65 -35.90 -15.32
N ILE D 149 8.43 -35.07 -14.30
CA ILE D 149 9.57 -34.50 -13.59
C ILE D 149 9.61 -34.90 -12.13
N VAL D 150 8.97 -36.03 -11.80
CA VAL D 150 8.98 -36.54 -10.43
C VAL D 150 9.84 -37.80 -10.34
N GLU D 151 10.27 -38.12 -9.12
CA GLU D 151 11.10 -39.28 -8.84
C GLU D 151 10.37 -40.12 -7.80
N GLN D 152 10.52 -41.44 -7.85
CA GLN D 152 9.82 -42.29 -6.89
C GLN D 152 10.38 -42.09 -5.48
N ASP D 153 9.49 -42.05 -4.50
CA ASP D 153 9.86 -41.86 -3.09
C ASP D 153 9.03 -42.80 -2.21
N GLY D 154 9.64 -43.89 -1.78
CA GLY D 154 8.91 -44.84 -0.95
C GLY D 154 7.64 -45.26 -1.66
N ASP D 155 6.50 -45.11 -1.00
CA ASP D 155 5.24 -45.49 -1.62
C ASP D 155 4.56 -44.30 -2.32
N THR D 156 5.36 -43.30 -2.71
CA THR D 156 4.83 -42.14 -3.42
C THR D 156 5.88 -41.59 -4.39
N PHE D 157 5.72 -40.31 -4.74
CA PHE D 157 6.63 -39.64 -5.67
C PHE D 157 6.90 -38.22 -5.20
N LYS D 158 8.00 -37.65 -5.69
CA LYS D 158 8.37 -36.29 -5.31
C LYS D 158 9.04 -35.59 -6.48
N TYR D 159 8.95 -34.27 -6.50
CA TYR D 159 9.57 -33.46 -7.53
C TYR D 159 11.08 -33.66 -7.61
N ASN D 160 11.62 -33.54 -8.82
CA ASN D 160 13.06 -33.55 -8.98
C ASN D 160 13.35 -32.14 -8.44
N GLU D 161 14.12 -32.05 -7.38
CA GLU D 161 14.39 -30.75 -6.79
C GLU D 161 15.06 -29.72 -7.69
N GLN D 162 15.90 -30.16 -8.61
CA GLN D 162 16.57 -29.22 -9.51
C GLN D 162 15.57 -28.55 -10.45
N LEU D 163 14.67 -29.35 -11.02
CA LEU D 163 13.68 -28.79 -11.92
C LEU D 163 12.67 -27.92 -11.17
N LEU D 164 12.21 -28.41 -10.02
CA LEU D 164 11.24 -27.64 -9.24
C LEU D 164 11.76 -26.27 -8.85
N GLN D 165 12.96 -26.26 -8.27
CA GLN D 165 13.55 -25.01 -7.81
C GLN D 165 13.94 -24.05 -8.93
N THR D 166 14.36 -24.57 -10.06
CA THR D 166 14.70 -23.69 -11.18
C THR D 166 13.42 -23.03 -11.69
N ALA D 167 12.31 -23.76 -11.64
CA ALA D 167 11.04 -23.20 -12.10
C ALA D 167 10.55 -22.14 -11.11
N VAL D 168 10.83 -22.33 -9.82
CA VAL D 168 10.42 -21.32 -8.83
C VAL D 168 11.18 -20.02 -9.08
N LEU D 169 12.46 -20.12 -9.43
CA LEU D 169 13.26 -18.92 -9.72
C LEU D 169 12.62 -18.18 -10.90
N ALA D 170 12.20 -18.92 -11.91
CA ALA D 170 11.55 -18.31 -13.08
C ALA D 170 10.27 -17.61 -12.62
N GLY D 171 9.53 -18.26 -11.72
CA GLY D 171 8.31 -17.69 -11.21
C GLY D 171 8.54 -16.40 -10.44
N LEU D 172 9.63 -16.37 -9.67
CA LEU D 172 9.96 -15.18 -8.89
C LEU D 172 10.33 -14.02 -9.82
N GLN D 173 11.05 -14.31 -10.91
CA GLN D 173 11.41 -13.25 -11.83
C GLN D 173 10.13 -12.78 -12.51
N TRP D 174 9.30 -13.72 -12.92
CA TRP D 174 8.03 -13.43 -13.57
C TRP D 174 7.20 -12.46 -12.70
N ARG D 175 7.13 -12.78 -11.42
CA ARG D 175 6.37 -11.99 -10.46
C ARG D 175 6.87 -10.56 -10.37
N LEU D 176 8.18 -10.37 -10.48
CA LEU D 176 8.75 -9.04 -10.38
C LEU D 176 8.49 -8.14 -11.59
N THR D 177 8.67 -8.68 -12.79
CA THR D 177 8.54 -7.88 -13.99
C THR D 177 7.46 -8.21 -15.03
N ALA D 178 6.69 -9.27 -14.82
CA ALA D 178 5.67 -9.66 -15.80
C ALA D 178 4.76 -8.50 -16.18
N THR D 179 4.24 -7.81 -15.17
CA THR D 179 3.34 -6.70 -15.39
C THR D 179 3.88 -5.62 -16.32
N SER D 180 5.18 -5.32 -16.21
CA SER D 180 5.78 -4.29 -17.04
C SER D 180 5.98 -4.70 -18.49
N ASN D 181 5.79 -5.98 -18.80
CA ASN D 181 5.99 -6.45 -20.16
C ASN D 181 4.73 -6.93 -20.86
N THR D 182 3.60 -6.88 -20.17
CA THR D 182 2.34 -7.33 -20.75
C THR D 182 1.88 -6.38 -21.86
N ALA D 183 1.19 -6.95 -22.85
CA ALA D 183 0.68 -6.14 -23.95
C ALA D 183 -0.49 -5.28 -23.45
N ILE D 184 -0.85 -4.26 -24.21
CA ILE D 184 -1.98 -3.42 -23.82
C ILE D 184 -3.21 -3.92 -24.58
N LYS D 185 -4.33 -4.05 -23.86
CA LYS D 185 -5.56 -4.50 -24.46
C LYS D 185 -6.48 -3.34 -24.85
N ASP D 186 -6.98 -3.39 -26.08
CA ASP D 186 -7.88 -2.37 -26.58
C ASP D 186 -9.29 -2.96 -26.59
N ALA D 187 -10.29 -2.12 -26.81
CA ALA D 187 -11.69 -2.56 -26.82
C ALA D 187 -11.89 -3.81 -27.67
N LYS D 188 -11.21 -3.86 -28.82
CA LYS D 188 -11.30 -5.00 -29.71
C LYS D 188 -10.85 -6.27 -28.99
N ASP D 189 -9.75 -6.17 -28.25
CA ASP D 189 -9.21 -7.30 -27.50
C ASP D 189 -10.21 -7.77 -26.42
N VAL D 190 -10.73 -6.81 -25.66
CA VAL D 190 -11.67 -7.11 -24.60
C VAL D 190 -12.93 -7.76 -25.15
N ALA D 191 -13.40 -7.26 -26.29
CA ALA D 191 -14.59 -7.80 -26.93
C ALA D 191 -14.33 -9.27 -27.29
N ALA D 192 -13.15 -9.53 -27.86
CA ALA D 192 -12.76 -10.89 -28.25
C ALA D 192 -12.67 -11.81 -27.03
N ILE D 193 -12.09 -11.31 -25.94
CA ILE D 193 -11.95 -12.10 -24.73
C ILE D 193 -13.29 -12.37 -24.06
N THR D 194 -14.06 -11.31 -23.84
CA THR D 194 -15.36 -11.42 -23.18
C THR D 194 -16.45 -11.97 -24.09
N GLY D 195 -16.27 -11.82 -25.39
CA GLY D 195 -17.29 -12.28 -26.32
C GLY D 195 -18.41 -11.26 -26.34
N ILE D 196 -18.13 -10.05 -25.85
CA ILE D 196 -19.13 -8.99 -25.82
C ILE D 196 -18.90 -8.01 -26.98
N ASP D 197 -19.98 -7.70 -27.69
CA ASP D 197 -19.90 -6.76 -28.80
C ASP D 197 -19.04 -5.57 -28.39
N GLN D 198 -17.96 -5.33 -29.15
CA GLN D 198 -17.04 -4.24 -28.84
C GLN D 198 -17.73 -2.91 -28.62
N ALA D 199 -18.90 -2.75 -29.20
CA ALA D 199 -19.64 -1.51 -29.09
C ALA D 199 -20.49 -1.39 -27.82
N LEU D 200 -20.85 -2.54 -27.23
CA LEU D 200 -21.68 -2.54 -26.03
C LEU D 200 -20.95 -2.81 -24.71
N LEU D 201 -19.62 -2.75 -24.73
CA LEU D 201 -18.85 -3.00 -23.52
C LEU D 201 -19.16 -1.93 -22.47
N PRO D 202 -19.47 -2.35 -21.23
CA PRO D 202 -19.76 -1.40 -20.16
C PRO D 202 -18.50 -0.65 -19.72
N GLU D 203 -18.66 0.63 -19.37
CA GLU D 203 -17.53 1.43 -18.94
C GLU D 203 -16.80 0.73 -17.80
N GLY D 204 -15.48 0.74 -17.85
CA GLY D 204 -14.69 0.10 -16.81
C GLY D 204 -14.17 -1.28 -17.16
N LEU D 205 -14.97 -2.04 -17.92
CA LEU D 205 -14.59 -3.41 -18.30
C LEU D 205 -13.23 -3.51 -18.98
N VAL D 206 -12.91 -2.57 -19.88
CA VAL D 206 -11.64 -2.57 -20.57
C VAL D 206 -10.50 -2.31 -19.59
N GLU D 207 -10.76 -1.46 -18.61
CA GLU D 207 -9.76 -1.14 -17.59
C GLU D 207 -9.56 -2.32 -16.66
N GLN D 208 -10.62 -3.07 -16.41
CA GLN D 208 -10.56 -4.23 -15.55
C GLN D 208 -9.79 -5.31 -16.29
N PHE D 209 -10.01 -5.40 -17.59
CA PHE D 209 -9.34 -6.40 -18.41
C PHE D 209 -8.01 -5.97 -18.98
N ASP D 210 -7.50 -4.81 -18.55
CA ASP D 210 -6.21 -4.33 -19.01
C ASP D 210 -5.29 -4.26 -17.80
N THR D 211 -5.88 -4.38 -16.63
CA THR D 211 -5.14 -4.33 -15.37
C THR D 211 -4.79 -5.76 -14.94
N GLY D 212 -5.40 -6.75 -15.60
CA GLY D 212 -5.14 -8.13 -15.26
C GLY D 212 -4.76 -8.96 -16.48
N MET D 213 -4.35 -10.20 -16.24
CA MET D 213 -3.97 -11.10 -17.32
C MET D 213 -4.96 -12.24 -17.45
N THR D 214 -5.24 -12.65 -18.68
CA THR D 214 -6.14 -13.76 -18.92
C THR D 214 -5.33 -15.01 -18.54
N LEU D 215 -6.01 -16.15 -18.43
CA LEU D 215 -5.31 -17.39 -18.09
C LEU D 215 -4.20 -17.68 -19.09
N THR D 216 -4.55 -17.64 -20.36
CA THR D 216 -3.59 -17.90 -21.42
C THR D 216 -2.40 -16.95 -21.35
N GLU D 217 -2.68 -15.68 -21.14
CA GLU D 217 -1.63 -14.68 -21.04
C GLU D 217 -0.65 -14.97 -19.88
N ALA D 218 -1.19 -15.21 -18.70
CA ALA D 218 -0.37 -15.47 -17.53
C ALA D 218 0.49 -16.74 -17.63
N VAL D 219 -0.16 -17.87 -17.90
CA VAL D 219 0.56 -19.14 -17.98
C VAL D 219 1.54 -19.17 -19.13
N SER D 220 1.18 -18.57 -20.25
CA SER D 220 2.07 -18.56 -21.40
C SER D 220 3.39 -17.87 -21.04
N SER D 221 3.26 -16.67 -20.47
CA SER D 221 4.42 -15.88 -20.07
C SER D 221 5.30 -16.63 -19.07
N LEU D 222 4.68 -17.25 -18.08
CA LEU D 222 5.39 -18.02 -17.05
C LEU D 222 6.11 -19.22 -17.66
N ALA D 223 5.39 -19.97 -18.50
CA ALA D 223 5.94 -21.15 -19.16
C ALA D 223 7.18 -20.84 -19.99
N GLN D 224 7.18 -19.67 -20.64
CA GLN D 224 8.31 -19.27 -21.46
C GLN D 224 9.52 -19.05 -20.54
N LYS D 225 9.29 -18.43 -19.39
CA LYS D 225 10.36 -18.17 -18.42
C LYS D 225 10.91 -19.48 -17.86
N ILE D 226 10.00 -20.34 -17.41
CA ILE D 226 10.40 -21.62 -16.84
C ILE D 226 11.24 -22.43 -17.83
N GLU D 227 10.78 -22.53 -19.08
CA GLU D 227 11.53 -23.29 -20.07
C GLU D 227 12.88 -22.66 -20.30
N SER D 228 12.90 -21.33 -20.30
CA SER D 228 14.14 -20.59 -20.48
C SER D 228 15.16 -20.90 -19.37
N TYR D 229 14.71 -20.91 -18.13
CA TYR D 229 15.60 -21.17 -16.99
C TYR D 229 16.05 -22.63 -16.93
N TRP D 230 15.20 -23.56 -17.36
CA TRP D 230 15.59 -24.96 -17.36
C TRP D 230 16.76 -25.10 -18.34
N GLY D 231 16.85 -24.14 -19.26
CA GLY D 231 17.94 -24.09 -20.23
C GLY D 231 18.26 -25.29 -21.08
N LEU D 232 17.24 -26.01 -21.55
CA LEU D 232 17.45 -27.17 -22.39
C LEU D 232 17.00 -26.84 -23.81
N SER D 233 17.17 -27.78 -24.72
CA SER D 233 16.76 -27.59 -26.11
C SER D 233 15.67 -28.60 -26.45
N ARG D 234 14.63 -28.13 -27.12
CA ARG D 234 13.53 -28.99 -27.51
C ARG D 234 13.98 -29.99 -28.55
N ASN D 235 13.39 -31.18 -28.50
CA ASN D 235 13.69 -32.24 -29.46
C ASN D 235 12.65 -32.07 -30.56
N PRO D 236 13.10 -31.77 -31.79
CA PRO D 236 12.21 -31.59 -32.93
C PRO D 236 11.34 -32.80 -33.23
N ASN D 237 11.77 -33.96 -32.76
CA ASN D 237 11.04 -35.19 -33.00
C ASN D 237 10.20 -35.67 -31.82
N ALA D 238 10.06 -34.81 -30.81
CA ALA D 238 9.23 -35.14 -29.65
C ALA D 238 7.90 -34.43 -29.86
N PRO D 239 6.79 -35.00 -29.35
CA PRO D 239 5.46 -34.38 -29.53
C PRO D 239 5.32 -33.03 -28.80
N LEU D 240 4.54 -32.12 -29.37
CA LEU D 240 4.33 -30.80 -28.76
C LEU D 240 3.55 -30.87 -27.46
N GLY D 241 2.77 -31.93 -27.30
CA GLY D 241 2.02 -32.08 -26.07
C GLY D 241 2.95 -32.19 -24.87
N TYR D 242 4.23 -32.39 -25.12
CA TYR D 242 5.22 -32.52 -24.04
C TYR D 242 6.28 -31.42 -24.05
N THR D 243 6.83 -31.11 -25.22
CA THR D 243 7.85 -30.07 -25.29
C THR D 243 7.24 -28.75 -24.84
N LYS D 244 5.96 -28.60 -25.11
CA LYS D 244 5.22 -27.39 -24.74
C LYS D 244 4.39 -27.69 -23.50
N GLY D 245 3.91 -28.92 -23.38
CA GLY D 245 3.06 -29.30 -22.27
C GLY D 245 3.68 -29.37 -20.89
N ILE D 246 4.90 -29.88 -20.79
CA ILE D 246 5.56 -29.97 -19.51
C ILE D 246 5.85 -28.59 -18.93
N PRO D 247 6.45 -27.68 -19.71
CA PRO D 247 6.72 -26.35 -19.17
C PRO D 247 5.41 -25.64 -18.79
N THR D 248 4.38 -25.84 -19.60
CA THR D 248 3.09 -25.23 -19.35
C THR D 248 2.41 -25.80 -18.10
N ALA D 249 2.59 -27.09 -17.85
CA ALA D 249 2.00 -27.71 -16.66
C ALA D 249 2.65 -27.14 -15.41
N MET D 250 3.96 -26.92 -15.47
CA MET D 250 4.70 -26.37 -14.35
C MET D 250 4.23 -24.95 -14.09
N ALA D 251 4.12 -24.17 -15.16
CA ALA D 251 3.65 -22.78 -15.06
C ALA D 251 2.24 -22.72 -14.44
N ALA D 252 1.38 -23.66 -14.83
CA ALA D 252 0.02 -23.68 -14.28
C ALA D 252 0.11 -23.88 -12.76
N GLU D 253 0.97 -24.81 -12.34
CA GLU D 253 1.14 -25.07 -10.91
C GLU D 253 1.71 -23.86 -10.16
N ILE D 254 2.65 -23.15 -10.77
CA ILE D 254 3.22 -21.98 -10.10
C ILE D 254 2.19 -20.86 -10.04
N LEU D 255 1.36 -20.73 -11.08
CA LEU D 255 0.33 -19.70 -11.06
C LEU D 255 -0.61 -19.99 -9.88
N ALA D 256 -0.96 -21.26 -9.71
CA ALA D 256 -1.83 -21.66 -8.60
C ALA D 256 -1.18 -21.36 -7.25
N ALA D 257 0.10 -21.72 -7.11
CA ALA D 257 0.81 -21.47 -5.85
C ALA D 257 0.84 -19.97 -5.54
N PHE D 258 0.92 -19.14 -6.58
CA PHE D 258 0.95 -17.70 -6.38
C PHE D 258 -0.39 -17.19 -5.90
N VAL D 259 -1.46 -17.83 -6.35
CA VAL D 259 -2.77 -17.40 -5.87
C VAL D 259 -2.86 -17.80 -4.39
N GLU D 260 -2.26 -18.94 -4.04
CA GLU D 260 -2.27 -19.37 -2.64
C GLU D 260 -1.33 -18.54 -1.78
N SER D 261 -0.29 -17.98 -2.40
CA SER D 261 0.68 -17.15 -1.66
C SER D 261 0.27 -15.69 -1.64
N THR D 262 -0.78 -15.36 -2.37
CA THR D 262 -1.27 -13.99 -2.43
C THR D 262 -0.44 -13.06 -3.34
N ASP D 263 0.58 -13.60 -4.00
CA ASP D 263 1.39 -12.79 -4.91
C ASP D 263 0.53 -12.45 -6.12
N VAL D 264 -0.46 -13.30 -6.37
CA VAL D 264 -1.39 -13.12 -7.48
C VAL D 264 -2.82 -13.25 -6.97
N VAL D 265 -3.72 -12.46 -7.55
CA VAL D 265 -5.14 -12.46 -7.18
C VAL D 265 -5.93 -13.00 -8.36
N GLU D 266 -6.75 -14.02 -8.12
CA GLU D 266 -7.56 -14.61 -9.18
C GLU D 266 -8.99 -14.09 -9.06
N ASN D 267 -9.55 -13.71 -10.21
CA ASN D 267 -10.92 -13.21 -10.27
C ASN D 267 -11.62 -13.80 -11.49
N ILE D 268 -12.65 -14.60 -11.27
CA ILE D 268 -13.39 -15.19 -12.36
C ILE D 268 -14.63 -14.35 -12.62
N VAL D 269 -14.55 -13.55 -13.69
CA VAL D 269 -15.63 -12.65 -14.07
C VAL D 269 -16.77 -13.36 -14.80
N ASP D 270 -17.98 -13.20 -14.27
CA ASP D 270 -19.16 -13.81 -14.88
C ASP D 270 -19.82 -12.89 -15.90
N MET D 271 -19.68 -13.20 -17.18
CA MET D 271 -20.26 -12.39 -18.24
C MET D 271 -21.79 -12.38 -18.20
N SER D 272 -22.38 -13.42 -17.64
CA SER D 272 -23.85 -13.50 -17.56
C SER D 272 -24.36 -12.34 -16.72
N GLU D 273 -23.45 -11.69 -16.01
CA GLU D 273 -23.80 -10.54 -15.17
C GLU D 273 -23.90 -9.28 -16.02
N ILE D 274 -23.25 -9.30 -17.19
CA ILE D 274 -23.26 -8.16 -18.10
C ILE D 274 -24.20 -8.44 -19.27
N ASP D 275 -24.22 -9.69 -19.70
CA ASP D 275 -25.09 -10.10 -20.78
C ASP D 275 -25.69 -11.45 -20.41
N PRO D 276 -26.97 -11.46 -20.01
CA PRO D 276 -27.63 -12.71 -19.61
C PRO D 276 -27.49 -13.84 -20.64
N ASP D 277 -27.17 -13.50 -21.87
CA ASP D 277 -27.02 -14.51 -22.92
C ASP D 277 -25.61 -15.12 -22.97
N ASN D 278 -24.61 -14.38 -22.46
CA ASN D 278 -23.23 -14.84 -22.47
C ASN D 278 -22.93 -15.82 -21.33
N LYS D 279 -22.51 -17.02 -21.69
CA LYS D 279 -22.22 -18.06 -20.72
C LYS D 279 -20.74 -18.19 -20.36
N LYS D 280 -19.93 -17.18 -20.69
CA LYS D 280 -18.51 -17.25 -20.39
C LYS D 280 -18.18 -16.71 -19.00
N THR D 281 -17.32 -17.43 -18.29
CA THR D 281 -16.85 -17.02 -16.96
C THR D 281 -15.36 -16.92 -17.25
N ILE D 282 -14.82 -15.71 -17.13
CA ILE D 282 -13.43 -15.45 -17.47
C ILE D 282 -12.46 -15.12 -16.34
N GLY D 283 -11.38 -15.88 -16.27
CA GLY D 283 -10.39 -15.66 -15.24
C GLY D 283 -9.43 -14.53 -15.53
N LEU D 284 -9.20 -13.69 -14.52
CA LEU D 284 -8.28 -12.55 -14.61
C LEU D 284 -7.25 -12.69 -13.51
N TYR D 285 -5.98 -12.53 -13.84
CA TYR D 285 -4.93 -12.66 -12.86
C TYR D 285 -4.13 -11.36 -12.73
N THR D 286 -4.08 -10.84 -11.52
CA THR D 286 -3.38 -9.60 -11.27
C THR D 286 -2.25 -9.79 -10.28
N ILE D 287 -1.04 -9.48 -10.69
CA ILE D 287 0.10 -9.62 -9.80
C ILE D 287 0.10 -8.46 -8.82
N THR D 288 0.29 -8.77 -7.55
CA THR D 288 0.33 -7.75 -6.50
C THR D 288 1.53 -6.82 -6.73
N GLU D 289 1.28 -5.53 -6.79
CA GLU D 289 2.35 -4.56 -7.02
C GLU D 289 3.23 -4.37 -5.79
N LEU D 290 4.53 -4.20 -6.04
CA LEU D 290 5.48 -3.97 -4.96
C LEU D 290 5.38 -2.48 -4.66
N ASP D 291 5.70 -2.10 -3.43
CA ASP D 291 5.65 -0.69 -3.06
C ASP D 291 6.56 0.08 -4.01
N SER D 292 6.08 1.22 -4.48
CA SER D 292 6.84 2.06 -5.39
C SER D 292 8.24 2.39 -4.88
N PHE D 293 8.42 2.35 -3.55
CA PHE D 293 9.71 2.65 -2.96
C PHE D 293 10.55 1.41 -2.61
N ASP D 294 10.04 0.23 -2.94
CA ASP D 294 10.77 -1.01 -2.67
C ASP D 294 12.12 -0.95 -3.39
N PRO D 295 13.23 -1.06 -2.65
CA PRO D 295 14.57 -1.01 -3.24
C PRO D 295 14.78 -1.95 -4.43
N ILE D 296 14.09 -3.08 -4.41
CA ILE D 296 14.22 -4.05 -5.47
C ILE D 296 13.80 -3.47 -6.83
N ASN D 297 12.98 -2.41 -6.80
CA ASN D 297 12.53 -1.76 -8.03
C ASN D 297 13.72 -1.22 -8.84
N SER D 298 14.79 -0.85 -8.16
CA SER D 298 15.96 -0.29 -8.81
C SER D 298 16.85 -1.31 -9.52
N PHE D 299 16.56 -2.60 -9.36
CA PHE D 299 17.31 -3.67 -10.03
C PHE D 299 16.49 -4.94 -9.89
N PRO D 300 15.39 -5.03 -10.65
CA PRO D 300 14.46 -6.16 -10.64
C PRO D 300 14.81 -7.36 -11.52
N THR D 301 16.02 -7.39 -12.05
CA THR D 301 16.38 -8.49 -12.93
C THR D 301 17.64 -9.25 -12.51
N ALA D 302 18.00 -9.15 -11.23
CA ALA D 302 19.18 -9.83 -10.72
C ALA D 302 19.08 -11.34 -10.88
N ILE D 303 17.88 -11.89 -10.69
CA ILE D 303 17.70 -13.34 -10.84
C ILE D 303 17.97 -13.73 -12.29
N GLU D 304 17.25 -13.11 -13.20
CA GLU D 304 17.39 -13.36 -14.64
C GLU D 304 18.82 -13.24 -15.13
N GLU D 305 19.51 -12.18 -14.70
CA GLU D 305 20.89 -11.94 -15.14
C GLU D 305 21.88 -12.92 -14.51
N ALA D 306 21.49 -13.53 -13.40
CA ALA D 306 22.35 -14.50 -12.73
C ALA D 306 22.16 -15.88 -13.35
N VAL D 307 20.90 -16.22 -13.62
CA VAL D 307 20.55 -17.52 -14.19
C VAL D 307 20.86 -17.70 -15.67
N LEU D 308 20.43 -16.77 -16.51
CA LEU D 308 20.67 -16.88 -17.95
C LEU D 308 21.98 -16.26 -18.43
N VAL D 309 22.71 -17.00 -19.26
CA VAL D 309 23.97 -16.51 -19.82
C VAL D 309 23.64 -15.33 -20.73
N ASN D 310 22.49 -15.39 -21.37
CA ASN D 310 22.04 -14.32 -22.25
C ASN D 310 20.63 -13.88 -21.83
N PRO D 311 20.56 -13.05 -20.79
CA PRO D 311 19.30 -12.53 -20.25
C PRO D 311 18.61 -11.66 -21.27
N THR D 312 17.28 -11.71 -21.29
CA THR D 312 16.52 -10.90 -22.22
C THR D 312 15.98 -9.72 -21.43
N GLU D 313 15.77 -9.93 -20.12
CA GLU D 313 15.25 -8.89 -19.25
C GLU D 313 16.38 -8.16 -18.54
N LYS D 314 16.64 -6.93 -18.97
CA LYS D 314 17.71 -6.13 -18.40
C LYS D 314 17.72 -4.78 -19.08
N MET D 315 18.45 -3.83 -18.51
CA MET D 315 18.58 -2.52 -19.11
C MET D 315 19.91 -2.60 -19.86
N PHE D 316 20.06 -1.83 -20.92
CA PHE D 316 21.27 -1.82 -21.73
C PHE D 316 21.99 -0.48 -21.62
N PHE D 317 23.07 -0.44 -20.83
CA PHE D 317 23.84 0.79 -20.62
C PHE D 317 25.15 0.82 -21.40
N GLY D 318 25.53 2.02 -21.83
CA GLY D 318 26.77 2.20 -22.56
C GLY D 318 27.08 1.21 -23.67
N ASP D 319 28.25 0.57 -23.55
CA ASP D 319 28.70 -0.40 -24.55
C ASP D 319 27.85 -1.67 -24.67
N ASP D 320 27.03 -1.95 -23.65
CA ASP D 320 26.19 -3.15 -23.66
C ASP D 320 24.98 -2.90 -24.54
N ILE D 321 25.03 -3.37 -25.78
CA ILE D 321 23.92 -3.14 -26.71
C ILE D 321 23.03 -4.37 -26.92
N PRO D 322 21.73 -4.14 -27.11
CA PRO D 322 20.76 -5.22 -27.33
C PRO D 322 21.09 -6.04 -28.59
N PRO D 323 20.72 -7.34 -28.59
CA PRO D 323 21.02 -8.12 -29.79
C PRO D 323 19.90 -7.86 -30.82
N VAL D 324 20.18 -8.08 -32.10
CA VAL D 324 19.17 -7.86 -33.13
C VAL D 324 18.34 -9.14 -33.34
N ALA D 325 17.03 -9.00 -33.23
CA ALA D 325 16.11 -10.12 -33.40
C ALA D 325 16.13 -10.66 -34.81
N ASN D 326 16.04 -11.99 -34.94
CA ASN D 326 16.05 -12.64 -36.25
C ASN D 326 14.68 -12.82 -36.87
N THR D 327 13.67 -12.99 -36.03
CA THR D 327 12.33 -13.19 -36.55
C THR D 327 11.35 -12.10 -36.17
N GLN D 328 10.38 -11.90 -37.05
CA GLN D 328 9.34 -10.91 -36.87
C GLN D 328 8.64 -11.24 -35.55
N LEU D 329 8.21 -10.20 -34.84
CA LEU D 329 7.55 -10.39 -33.55
C LEU D 329 6.31 -11.30 -33.63
N ARG D 330 6.42 -12.47 -32.98
CA ARG D 330 5.34 -13.44 -32.94
C ARG D 330 4.95 -14.00 -34.30
N ASN D 331 5.95 -14.14 -35.17
CA ASN D 331 5.74 -14.68 -36.51
C ASN D 331 6.99 -15.50 -36.81
N PRO D 332 7.17 -16.60 -36.07
CA PRO D 332 8.28 -17.56 -36.16
C PRO D 332 8.72 -17.92 -37.58
N ALA D 333 7.77 -18.05 -38.48
CA ALA D 333 8.09 -18.42 -39.85
C ALA D 333 8.56 -17.25 -40.69
N VAL D 334 8.61 -16.07 -40.08
CA VAL D 334 9.02 -14.87 -40.80
C VAL D 334 10.32 -14.27 -40.29
N ARG D 335 11.36 -14.34 -41.11
CA ARG D 335 12.64 -13.75 -40.74
C ARG D 335 12.67 -12.27 -41.08
N ASN D 336 13.29 -11.48 -40.23
CA ASN D 336 13.44 -10.06 -40.50
C ASN D 336 14.41 -10.04 -41.67
N THR D 337 14.09 -9.25 -42.69
CA THR D 337 14.96 -9.16 -43.86
C THR D 337 16.25 -8.45 -43.45
N PRO D 338 17.29 -8.52 -44.29
CA PRO D 338 18.56 -7.86 -43.96
C PRO D 338 18.36 -6.37 -43.67
N GLU D 339 17.59 -5.68 -44.52
CA GLU D 339 17.36 -4.25 -44.31
C GLU D 339 16.61 -3.99 -43.02
N GLN D 340 15.66 -4.84 -42.66
CA GLN D 340 14.93 -4.66 -41.42
C GLN D 340 15.89 -4.86 -40.24
N LYS D 341 16.80 -5.82 -40.34
CA LYS D 341 17.75 -6.05 -39.25
C LYS D 341 18.75 -4.89 -39.14
N ALA D 342 19.08 -4.27 -40.26
CA ALA D 342 19.99 -3.13 -40.24
C ALA D 342 19.25 -1.95 -39.58
N ALA D 343 17.95 -1.84 -39.86
CA ALA D 343 17.13 -0.77 -39.28
C ALA D 343 17.06 -0.97 -37.77
N LEU D 344 16.78 -2.20 -37.35
CA LEU D 344 16.71 -2.52 -35.92
C LEU D 344 18.03 -2.18 -35.24
N LYS D 345 19.13 -2.57 -35.89
CA LYS D 345 20.45 -2.30 -35.34
C LYS D 345 20.67 -0.79 -35.12
N ALA D 346 20.31 0.02 -36.11
CA ALA D 346 20.47 1.48 -36.00
C ALA D 346 19.68 2.08 -34.84
N GLU D 347 18.43 1.65 -34.69
CA GLU D 347 17.59 2.15 -33.62
C GLU D 347 18.10 1.72 -32.24
N GLN D 348 18.63 0.51 -32.15
CA GLN D 348 19.14 0.04 -30.87
C GLN D 348 20.49 0.66 -30.53
N ALA D 349 21.17 1.22 -31.54
CA ALA D 349 22.47 1.84 -31.30
C ALA D 349 22.32 3.25 -30.74
N THR D 350 21.12 3.81 -30.88
CA THR D 350 20.85 5.16 -30.40
C THR D 350 21.00 5.26 -28.88
N GLU D 351 21.67 6.31 -28.42
CA GLU D 351 21.87 6.52 -26.99
C GLU D 351 20.82 7.47 -26.42
N PHE D 352 20.13 7.04 -25.36
CA PHE D 352 19.13 7.87 -24.71
C PHE D 352 19.69 8.37 -23.39
N TYR D 353 19.40 9.62 -23.05
CA TYR D 353 19.91 10.21 -21.81
C TYR D 353 18.84 10.85 -20.96
N VAL D 354 19.00 10.75 -19.64
CA VAL D 354 18.06 11.35 -18.72
C VAL D 354 18.21 12.88 -18.72
N HIS D 355 17.09 13.58 -18.78
CA HIS D 355 17.11 15.04 -18.74
C HIS D 355 16.79 15.38 -17.29
N THR D 356 17.84 15.63 -16.52
CA THR D 356 17.73 15.92 -15.11
C THR D 356 16.68 16.97 -14.71
N PRO D 357 16.63 18.12 -15.41
CA PRO D 357 15.63 19.11 -15.02
C PRO D 357 14.19 18.59 -14.97
N MET D 358 13.81 17.76 -15.94
CA MET D 358 12.45 17.24 -15.94
C MET D 358 12.24 16.22 -14.82
N VAL D 359 13.24 15.41 -14.54
CA VAL D 359 13.11 14.43 -13.47
C VAL D 359 12.86 15.20 -12.17
N GLN D 360 13.63 16.26 -11.98
CA GLN D 360 13.52 17.10 -10.81
C GLN D 360 12.14 17.77 -10.73
N PHE D 361 11.63 18.22 -11.88
CA PHE D 361 10.33 18.86 -11.90
C PHE D 361 9.27 17.83 -11.49
N TYR D 362 9.33 16.66 -12.09
CA TYR D 362 8.38 15.59 -11.77
C TYR D 362 8.44 15.28 -10.27
N GLU D 363 9.66 15.11 -9.76
CA GLU D 363 9.86 14.78 -8.35
C GLU D 363 9.27 15.81 -7.41
N THR D 364 9.60 17.08 -7.68
CA THR D 364 9.14 18.19 -6.86
C THR D 364 7.63 18.31 -6.85
N LEU D 365 7.00 18.12 -8.01
CA LEU D 365 5.54 18.17 -8.06
C LEU D 365 5.02 17.01 -7.23
N GLY D 366 5.62 15.84 -7.40
CA GLY D 366 5.20 14.66 -6.67
C GLY D 366 4.11 13.94 -7.43
N LYS D 367 3.98 12.64 -7.20
CA LYS D 367 3.00 11.81 -7.88
C LYS D 367 1.57 12.32 -7.76
N ASP D 368 1.16 12.70 -6.55
CA ASP D 368 -0.19 13.19 -6.30
C ASP D 368 -0.55 14.42 -7.14
N ARG D 369 0.38 15.36 -7.25
CA ARG D 369 0.12 16.56 -8.04
C ARG D 369 0.17 16.24 -9.52
N ILE D 370 1.02 15.28 -9.89
CA ILE D 370 1.13 14.87 -11.29
C ILE D 370 -0.22 14.28 -11.67
N LEU D 371 -0.82 13.50 -10.77
CA LEU D 371 -2.11 12.89 -11.04
C LEU D 371 -3.20 13.95 -11.08
N GLU D 372 -3.03 14.98 -10.27
CA GLU D 372 -4.00 16.06 -10.23
C GLU D 372 -3.93 16.89 -11.52
N LEU D 373 -2.71 17.06 -12.03
CA LEU D 373 -2.49 17.84 -13.24
C LEU D 373 -2.73 17.09 -14.55
N MET D 374 -2.16 15.90 -14.66
CA MET D 374 -2.28 15.11 -15.88
C MET D 374 -3.24 13.93 -15.78
N GLY D 375 -3.77 13.69 -14.58
CA GLY D 375 -4.70 12.60 -14.39
C GLY D 375 -6.05 13.13 -13.97
N ALA D 376 -6.71 12.43 -13.06
CA ALA D 376 -8.01 12.84 -12.57
C ALA D 376 -7.92 13.28 -11.10
N GLY D 377 -6.71 13.34 -10.57
CA GLY D 377 -6.54 13.75 -9.19
C GLY D 377 -7.19 12.80 -8.21
N THR D 378 -7.64 13.32 -7.08
CA THR D 378 -8.29 12.48 -6.06
C THR D 378 -9.76 12.27 -6.41
N LEU D 379 -10.21 11.03 -6.35
CA LEU D 379 -11.59 10.69 -6.68
C LEU D 379 -12.56 10.63 -5.49
N ASN D 380 -13.56 11.49 -5.52
CA ASN D 380 -14.58 11.54 -4.49
C ASN D 380 -15.74 10.70 -5.02
N LYS D 381 -15.64 9.39 -4.88
CA LYS D 381 -16.64 8.45 -5.36
C LYS D 381 -18.10 8.84 -5.08
N GLU D 382 -18.36 9.35 -3.88
CA GLU D 382 -19.72 9.73 -3.51
C GLU D 382 -20.28 10.93 -4.27
N LEU D 383 -19.50 11.46 -5.21
CA LEU D 383 -19.93 12.58 -6.03
C LEU D 383 -19.52 12.35 -7.47
N LEU D 384 -19.54 11.09 -7.87
CA LEU D 384 -19.20 10.70 -9.22
C LEU D 384 -20.15 9.65 -9.74
N ASN D 385 -20.58 9.82 -10.99
CA ASN D 385 -21.46 8.86 -11.62
C ASN D 385 -20.66 7.56 -11.66
N ASP D 386 -21.29 6.45 -11.29
CA ASP D 386 -20.62 5.15 -11.26
C ASP D 386 -19.76 4.82 -12.47
N ASN D 387 -20.18 5.21 -13.67
CA ASN D 387 -19.41 4.90 -14.87
C ASN D 387 -18.26 5.88 -15.10
N HIS D 388 -18.49 7.13 -14.73
CA HIS D 388 -17.48 8.18 -14.86
C HIS D 388 -16.30 7.82 -13.96
N ALA D 389 -16.60 7.33 -12.76
CA ALA D 389 -15.57 6.94 -11.81
C ALA D 389 -14.65 5.89 -12.42
N LYS D 390 -15.23 4.92 -13.12
CA LYS D 390 -14.44 3.86 -13.76
C LYS D 390 -13.46 4.43 -14.77
N SER D 391 -13.90 5.43 -15.54
CA SER D 391 -13.04 6.05 -16.54
C SER D 391 -11.90 6.79 -15.84
N LEU D 392 -12.25 7.63 -14.87
CA LEU D 392 -11.27 8.41 -14.13
C LEU D 392 -10.20 7.54 -13.49
N GLU D 393 -10.61 6.54 -12.71
CA GLU D 393 -9.66 5.64 -12.06
C GLU D 393 -8.70 5.04 -13.08
N GLY D 394 -9.20 4.77 -14.28
CA GLY D 394 -8.37 4.20 -15.32
C GLY D 394 -7.30 5.17 -15.79
N LYS D 395 -7.70 6.41 -16.06
CA LYS D 395 -6.78 7.44 -16.51
C LYS D 395 -5.71 7.68 -15.46
N ASN D 396 -6.10 7.58 -14.18
CA ASN D 396 -5.15 7.79 -13.09
C ASN D 396 -4.09 6.70 -13.07
N ARG D 397 -4.52 5.45 -13.03
CA ARG D 397 -3.57 4.34 -12.99
C ARG D 397 -2.60 4.39 -14.18
N SER D 398 -3.08 4.88 -15.33
CA SER D 398 -2.23 4.99 -16.51
C SER D 398 -1.03 5.89 -16.24
N VAL D 399 -1.28 7.07 -15.69
CA VAL D 399 -0.23 8.02 -15.40
C VAL D 399 0.60 7.58 -14.20
N GLU D 400 -0.05 7.02 -13.19
CA GLU D 400 0.65 6.58 -12.00
C GLU D 400 1.64 5.47 -12.34
N ASP D 401 1.25 4.56 -13.23
CA ASP D 401 2.14 3.47 -13.62
C ASP D 401 3.35 3.96 -14.42
N SER D 402 3.15 4.91 -15.33
CA SER D 402 4.30 5.40 -16.09
C SER D 402 5.19 6.23 -15.17
N TYR D 403 4.57 6.93 -14.22
CA TYR D 403 5.34 7.73 -13.26
C TYR D 403 6.20 6.77 -12.46
N ASN D 404 5.59 5.73 -11.91
CA ASN D 404 6.34 4.76 -11.12
C ASN D 404 7.43 4.06 -11.92
N GLN D 405 7.12 3.68 -13.15
CA GLN D 405 8.08 3.00 -14.01
C GLN D 405 9.26 3.92 -14.33
N LEU D 406 8.97 5.18 -14.62
CA LEU D 406 10.03 6.13 -14.91
C LEU D 406 11.02 6.21 -13.76
N PHE D 407 10.51 6.29 -12.53
CA PHE D 407 11.42 6.41 -11.40
C PHE D 407 12.18 5.16 -11.00
N SER D 408 11.64 3.97 -11.27
CA SER D 408 12.40 2.79 -10.91
C SER D 408 13.57 2.71 -11.90
N VAL D 409 13.34 3.19 -13.13
CA VAL D 409 14.40 3.19 -14.14
C VAL D 409 15.50 4.17 -13.73
N ILE D 410 15.09 5.37 -13.34
CA ILE D 410 16.04 6.40 -12.92
C ILE D 410 16.90 5.92 -11.76
N GLU D 411 16.31 5.15 -10.86
CA GLU D 411 17.06 4.64 -9.71
C GLU D 411 18.20 3.74 -10.18
N GLN D 412 17.93 2.88 -11.16
CA GLN D 412 18.98 2.00 -11.65
C GLN D 412 20.00 2.82 -12.43
N VAL D 413 19.53 3.84 -13.15
CA VAL D 413 20.42 4.72 -13.92
C VAL D 413 21.33 5.50 -12.99
N ARG D 414 20.76 6.08 -11.94
CA ARG D 414 21.53 6.86 -10.98
C ARG D 414 22.73 6.11 -10.43
N ALA D 415 22.63 4.79 -10.34
CA ALA D 415 23.71 3.98 -9.78
C ALA D 415 24.87 3.71 -10.72
N GLN D 416 24.67 3.93 -12.02
CA GLN D 416 25.73 3.65 -12.99
C GLN D 416 26.92 4.60 -12.92
N SER D 417 26.69 5.86 -12.55
CA SER D 417 27.79 6.82 -12.45
C SER D 417 27.37 8.03 -11.61
N GLU D 418 28.30 8.95 -11.41
CA GLU D 418 28.00 10.13 -10.61
C GLU D 418 27.10 11.11 -11.35
N ASP D 419 27.38 11.33 -12.65
CA ASP D 419 26.59 12.25 -13.47
C ASP D 419 25.54 11.42 -14.21
N ILE D 420 24.33 11.39 -13.67
CA ILE D 420 23.25 10.62 -14.25
C ILE D 420 22.94 10.96 -15.71
N SER D 421 23.09 12.24 -16.07
CA SER D 421 22.79 12.66 -17.44
C SER D 421 23.80 12.19 -18.47
N THR D 422 24.83 11.45 -18.05
CA THR D 422 25.82 10.95 -19.01
C THR D 422 25.79 9.42 -19.13
N VAL D 423 24.82 8.79 -18.48
CA VAL D 423 24.71 7.33 -18.55
C VAL D 423 23.94 7.03 -19.83
N PRO D 424 24.59 6.39 -20.82
CA PRO D 424 23.93 6.08 -22.08
C PRO D 424 22.97 4.89 -21.93
N ILE D 425 21.72 5.06 -22.37
CA ILE D 425 20.72 3.99 -22.29
C ILE D 425 20.29 3.54 -23.69
N HIS D 426 20.23 2.23 -23.89
CA HIS D 426 19.81 1.67 -25.18
C HIS D 426 18.52 0.87 -25.00
N TYR D 427 17.66 0.91 -26.01
CA TYR D 427 16.40 0.17 -25.97
C TYR D 427 16.35 -0.91 -27.04
N ALA D 428 15.80 -2.06 -26.67
CA ALA D 428 15.65 -3.14 -27.63
C ALA D 428 14.37 -2.88 -28.43
N TYR D 429 14.40 -3.20 -29.73
CA TYR D 429 13.26 -3.04 -30.62
C TYR D 429 13.07 -4.34 -31.40
N ASN D 430 11.90 -4.51 -32.00
CA ASN D 430 11.66 -5.65 -32.89
C ASN D 430 10.66 -5.20 -33.93
N MET D 431 10.64 -5.91 -35.04
CA MET D 431 9.73 -5.61 -36.13
C MET D 431 8.42 -6.34 -35.84
N THR D 432 7.30 -5.63 -35.94
CA THR D 432 6.01 -6.25 -35.72
C THR D 432 5.47 -6.81 -37.03
N ARG D 433 4.32 -7.47 -36.94
CA ARG D 433 3.62 -8.07 -38.09
C ARG D 433 3.38 -7.10 -39.24
N VAL D 434 3.11 -5.84 -38.90
CA VAL D 434 2.83 -4.85 -39.93
C VAL D 434 4.03 -3.99 -40.31
N GLY D 435 5.22 -4.44 -39.94
CA GLY D 435 6.43 -3.72 -40.32
C GLY D 435 6.87 -2.50 -39.53
N ARG D 436 6.34 -2.33 -38.33
CA ARG D 436 6.72 -1.18 -37.50
C ARG D 436 7.79 -1.60 -36.50
N MET D 437 8.71 -0.69 -36.20
CA MET D 437 9.77 -0.98 -35.25
C MET D 437 9.28 -0.52 -33.88
N GLN D 438 8.87 -1.49 -33.08
CA GLN D 438 8.33 -1.23 -31.75
C GLN D 438 9.32 -1.42 -30.61
N MET D 439 9.37 -0.43 -29.73
CA MET D 439 10.26 -0.45 -28.58
C MET D 439 9.68 -1.45 -27.58
N LEU D 440 10.51 -2.39 -27.11
CA LEU D 440 10.03 -3.40 -26.17
C LEU D 440 9.63 -2.75 -24.84
N GLY D 441 8.65 -3.35 -24.16
CA GLY D 441 8.22 -2.80 -22.89
C GLY D 441 6.98 -1.93 -22.95
N LYS D 442 6.19 -1.98 -21.88
CA LYS D 442 4.94 -1.24 -21.76
C LYS D 442 5.14 0.28 -21.71
N TYR D 443 6.02 0.73 -20.81
CA TYR D 443 6.27 2.15 -20.63
C TYR D 443 7.70 2.58 -20.99
N ASN D 444 7.87 3.10 -22.20
CA ASN D 444 9.19 3.55 -22.67
C ASN D 444 9.04 4.90 -23.38
N PRO D 445 10.15 5.51 -23.85
CA PRO D 445 10.03 6.80 -24.54
C PRO D 445 9.07 6.78 -25.72
N GLN D 446 9.08 5.69 -26.48
CA GLN D 446 8.23 5.57 -27.66
C GLN D 446 6.76 5.43 -27.28
N SER D 447 6.47 4.73 -26.19
CA SER D 447 5.08 4.50 -25.81
C SER D 447 4.42 5.41 -24.76
N ALA D 448 5.20 5.94 -23.82
CA ALA D 448 4.64 6.78 -22.76
C ALA D 448 5.10 8.23 -22.81
N LYS D 449 4.15 9.15 -22.94
CA LYS D 449 4.45 10.57 -23.02
C LYS D 449 5.18 11.10 -21.79
N LEU D 450 4.83 10.58 -20.61
CA LEU D 450 5.49 11.03 -19.38
C LEU D 450 6.99 10.71 -19.45
N VAL D 451 7.30 9.50 -19.85
CA VAL D 451 8.67 9.02 -19.95
C VAL D 451 9.44 9.73 -21.07
N ARG D 452 8.73 9.99 -22.17
CA ARG D 452 9.30 10.64 -23.33
C ARG D 452 9.94 12.00 -23.04
N GLU D 453 9.47 12.68 -22.00
CA GLU D 453 10.03 13.99 -21.69
C GLU D 453 11.14 13.95 -20.66
N ALA D 454 11.50 12.75 -20.21
CA ALA D 454 12.55 12.60 -19.21
C ALA D 454 13.74 11.81 -19.74
N ILE D 455 13.50 10.97 -20.74
CA ILE D 455 14.56 10.15 -21.32
C ILE D 455 14.50 10.36 -22.84
N LEU D 456 15.49 11.07 -23.37
CA LEU D 456 15.55 11.45 -24.78
C LEU D 456 16.88 11.17 -25.46
N PRO D 457 16.86 11.01 -26.80
CA PRO D 457 18.07 10.75 -27.58
C PRO D 457 18.47 12.07 -28.28
N THR D 458 17.58 13.06 -28.23
CA THR D 458 17.80 14.35 -28.88
C THR D 458 18.65 15.32 -28.05
N LYS D 459 19.56 16.03 -28.70
CA LYS D 459 20.44 16.98 -28.02
C LYS D 459 20.89 18.08 -28.98
N ALA D 460 21.03 19.29 -28.47
CA ALA D 460 21.49 20.40 -29.28
C ALA D 460 22.19 21.48 -28.45
N THR D 461 23.11 22.18 -29.10
CA THR D 461 23.81 23.29 -28.47
C THR D 461 23.41 24.49 -29.32
N LEU D 462 22.76 25.46 -28.68
CA LEU D 462 22.25 26.64 -29.38
C LEU D 462 22.75 27.98 -28.86
N ASP D 463 23.01 28.88 -29.79
CA ASP D 463 23.45 30.24 -29.46
C ASP D 463 22.15 31.05 -29.41
N LEU D 464 21.57 31.20 -28.23
CA LEU D 464 20.33 31.94 -28.09
C LEU D 464 20.57 33.36 -27.64
N SER D 465 21.79 33.84 -27.82
CA SER D 465 22.15 35.20 -27.41
C SER D 465 21.51 36.26 -28.31
N ASN D 466 21.22 35.92 -29.56
CA ASN D 466 20.59 36.84 -30.50
C ASN D 466 19.29 36.21 -30.99
N GLN D 467 18.16 36.84 -30.67
CA GLN D 467 16.87 36.29 -31.06
C GLN D 467 16.60 36.28 -32.57
N ASN D 468 17.49 36.89 -33.35
CA ASN D 468 17.33 36.92 -34.80
C ASN D 468 18.07 35.75 -35.46
N ASN D 469 18.82 35.00 -34.67
CA ASN D 469 19.59 33.84 -35.12
C ASN D 469 18.66 32.71 -35.57
N GLU D 470 19.17 31.79 -36.39
CA GLU D 470 18.33 30.67 -36.79
C GLU D 470 18.31 29.64 -35.66
N ASP D 471 19.29 29.70 -34.77
CA ASP D 471 19.33 28.79 -33.61
C ASP D 471 18.12 29.18 -32.75
N PHE D 472 17.90 30.48 -32.58
CA PHE D 472 16.78 30.91 -31.78
C PHE D 472 15.46 30.57 -32.46
N SER D 473 15.46 30.60 -33.79
CA SER D 473 14.26 30.28 -34.56
C SER D 473 13.90 28.80 -34.41
N ALA D 474 14.94 27.96 -34.30
CA ALA D 474 14.74 26.51 -34.13
C ALA D 474 14.19 26.28 -32.73
N PHE D 475 14.73 27.03 -31.77
CA PHE D 475 14.30 26.91 -30.37
C PHE D 475 12.79 27.25 -30.35
N GLN D 476 12.41 28.35 -31.00
CA GLN D 476 11.02 28.76 -31.06
C GLN D 476 10.12 27.68 -31.68
N LEU D 477 10.55 27.07 -32.79
CA LEU D 477 9.75 26.03 -33.44
C LEU D 477 9.44 24.89 -32.49
N GLY D 478 10.47 24.45 -31.75
CA GLY D 478 10.31 23.37 -30.79
C GLY D 478 9.35 23.77 -29.68
N LEU D 479 9.50 25.02 -29.20
CA LEU D 479 8.64 25.53 -28.13
C LEU D 479 7.21 25.68 -28.62
N ALA D 480 7.06 26.22 -29.82
CA ALA D 480 5.74 26.43 -30.41
C ALA D 480 4.98 25.12 -30.63
N GLN D 481 5.69 24.12 -31.13
CA GLN D 481 5.04 22.83 -31.40
C GLN D 481 4.64 22.16 -30.09
N ALA D 482 5.51 22.21 -29.09
CA ALA D 482 5.20 21.60 -27.80
C ALA D 482 4.01 22.28 -27.12
N LEU D 483 3.81 23.56 -27.44
CA LEU D 483 2.74 24.37 -26.86
C LEU D 483 1.47 24.34 -27.73
N ASP D 484 1.39 23.34 -28.59
CA ASP D 484 0.25 23.13 -29.48
C ASP D 484 -0.06 24.19 -30.53
N ILE D 485 0.92 25.00 -30.90
CA ILE D 485 0.71 25.98 -31.96
C ILE D 485 0.93 25.10 -33.19
N LYS D 486 0.12 25.25 -34.23
CA LYS D 486 0.25 24.39 -35.42
C LYS D 486 1.32 24.90 -36.37
N VAL D 487 2.57 24.65 -36.00
CA VAL D 487 3.74 25.11 -36.74
C VAL D 487 3.87 24.69 -38.20
N HIS D 488 3.23 23.59 -38.59
CA HIS D 488 3.36 23.14 -39.98
C HIS D 488 2.36 23.83 -40.91
N THR D 489 1.57 24.74 -40.38
CA THR D 489 0.58 25.44 -41.17
C THR D 489 0.93 26.92 -41.36
N MET D 490 2.08 27.33 -40.85
CA MET D 490 2.50 28.73 -40.97
C MET D 490 4.03 28.86 -41.09
N THR D 491 4.48 30.00 -41.63
CA THR D 491 5.91 30.26 -41.77
C THR D 491 6.53 30.52 -40.39
N ARG D 492 7.85 30.55 -40.30
CA ARG D 492 8.57 30.78 -39.04
C ARG D 492 8.24 32.16 -38.49
N GLU D 493 8.18 33.13 -39.39
CA GLU D 493 7.91 34.52 -39.01
C GLU D 493 6.54 34.60 -38.32
N VAL D 494 5.54 33.94 -38.90
CA VAL D 494 4.21 33.95 -38.32
C VAL D 494 4.14 33.19 -37.00
N MET D 495 4.77 32.01 -36.93
CA MET D 495 4.73 31.26 -35.67
C MET D 495 5.53 31.98 -34.60
N SER D 496 6.57 32.70 -35.00
CA SER D 496 7.40 33.46 -34.05
C SER D 496 6.52 34.50 -33.36
N ASP D 497 5.72 35.22 -34.14
CA ASP D 497 4.83 36.23 -33.58
C ASP D 497 3.77 35.61 -32.68
N GLU D 498 3.23 34.47 -33.07
CA GLU D 498 2.22 33.79 -32.26
C GLU D 498 2.79 33.25 -30.95
N LEU D 499 4.00 32.70 -31.01
CA LEU D 499 4.63 32.14 -29.82
C LEU D 499 4.91 33.26 -28.83
N THR D 500 5.52 34.34 -29.32
CA THR D 500 5.84 35.49 -28.47
C THR D 500 4.60 35.99 -27.75
N LYS D 501 3.49 36.13 -28.46
CA LYS D 501 2.26 36.61 -27.83
C LYS D 501 1.84 35.65 -26.71
N LEU D 502 1.95 34.35 -26.96
CA LEU D 502 1.57 33.34 -25.99
C LEU D 502 2.49 33.35 -24.76
N LEU D 503 3.79 33.47 -24.97
CA LEU D 503 4.73 33.49 -23.86
C LEU D 503 4.57 34.74 -22.99
N GLU D 504 4.22 35.87 -23.61
CA GLU D 504 4.05 37.13 -22.86
C GLU D 504 2.63 37.25 -22.32
N GLY D 505 1.73 36.41 -22.82
CA GLY D 505 0.35 36.46 -22.37
C GLY D 505 -0.02 35.44 -21.33
N ASN D 506 -0.87 34.52 -21.75
CA ASN D 506 -1.38 33.47 -20.87
C ASN D 506 -0.33 32.60 -20.17
N LEU D 507 0.78 32.31 -20.82
CA LEU D 507 1.81 31.47 -20.19
C LEU D 507 2.69 32.20 -19.17
N LYS D 508 2.82 33.52 -19.33
CA LYS D 508 3.63 34.35 -18.45
C LYS D 508 3.68 33.89 -16.97
N PRO D 509 2.51 33.76 -16.31
CA PRO D 509 2.49 33.34 -14.90
C PRO D 509 3.17 32.00 -14.66
N ALA D 510 2.99 31.05 -15.58
CA ALA D 510 3.61 29.74 -15.45
C ALA D 510 5.11 29.86 -15.73
N ILE D 511 5.47 30.70 -16.70
CA ILE D 511 6.88 30.90 -17.03
C ILE D 511 7.58 31.48 -15.80
N ASP D 512 6.97 32.50 -15.19
CA ASP D 512 7.56 33.10 -14.01
C ASP D 512 7.72 32.09 -12.88
N MET D 513 6.77 31.16 -12.76
CA MET D 513 6.86 30.15 -11.71
C MET D 513 8.02 29.19 -11.97
N MET D 514 8.22 28.83 -13.24
CA MET D 514 9.29 27.92 -13.62
C MET D 514 10.65 28.58 -13.55
N VAL D 515 10.68 29.90 -13.71
CA VAL D 515 11.94 30.64 -13.62
C VAL D 515 12.42 30.55 -12.17
N GLU D 516 11.47 30.73 -11.25
CA GLU D 516 11.75 30.66 -9.83
C GLU D 516 12.15 29.22 -9.49
N PHE D 517 11.46 28.25 -10.08
CA PHE D 517 11.80 26.85 -9.80
C PHE D 517 13.24 26.55 -10.22
N ASN D 518 13.63 27.02 -11.40
CA ASN D 518 14.98 26.80 -11.90
C ASN D 518 16.01 27.65 -11.18
N THR D 519 15.54 28.57 -10.33
CA THR D 519 16.42 29.43 -9.57
C THR D 519 16.57 28.94 -8.13
N THR D 520 15.47 28.57 -7.49
CA THR D 520 15.52 28.08 -6.11
C THR D 520 15.30 26.57 -5.97
N GLY D 521 14.62 25.97 -6.93
CA GLY D 521 14.38 24.55 -6.85
C GLY D 521 13.08 24.22 -6.15
N SER D 522 12.29 25.24 -5.83
CA SER D 522 11.02 25.01 -5.16
C SER D 522 9.80 25.46 -6.00
N LEU D 523 8.65 24.89 -5.68
CA LEU D 523 7.39 25.21 -6.38
C LEU D 523 6.35 25.70 -5.36
N PRO D 524 5.54 26.71 -5.75
CA PRO D 524 4.52 27.21 -4.82
C PRO D 524 3.49 26.12 -4.57
N GLU D 525 2.75 26.24 -3.48
CA GLU D 525 1.74 25.25 -3.16
C GLU D 525 0.59 25.24 -4.16
N ASN D 526 0.45 26.30 -4.96
CA ASN D 526 -0.62 26.34 -5.94
C ASN D 526 -0.11 26.04 -7.34
N ALA D 527 1.01 25.31 -7.40
CA ALA D 527 1.65 24.96 -8.67
C ALA D 527 0.71 24.38 -9.74
N VAL D 528 -0.15 23.44 -9.35
CA VAL D 528 -1.07 22.83 -10.30
C VAL D 528 -2.05 23.84 -10.91
N ASP D 529 -2.61 24.72 -10.09
CA ASP D 529 -3.55 25.71 -10.62
C ASP D 529 -2.84 26.69 -11.55
N VAL D 530 -1.63 27.09 -11.19
CA VAL D 530 -0.88 28.01 -12.03
C VAL D 530 -0.69 27.38 -13.41
N LEU D 531 -0.32 26.10 -13.43
CA LEU D 531 -0.12 25.38 -14.67
C LEU D 531 -1.40 25.20 -15.49
N ASN D 532 -2.48 24.82 -14.81
CA ASN D 532 -3.77 24.61 -15.47
C ASN D 532 -4.31 25.88 -16.11
N THR D 533 -4.33 26.96 -15.34
CA THR D 533 -4.84 28.21 -15.83
C THR D 533 -4.03 28.76 -17.00
N ALA D 534 -2.71 28.67 -16.90
CA ALA D 534 -1.84 29.17 -17.96
C ALA D 534 -1.91 28.30 -19.23
N LEU D 535 -1.85 26.99 -19.07
CA LEU D 535 -1.89 26.09 -20.22
C LEU D 535 -3.25 25.83 -20.83
N GLY D 536 -4.27 25.68 -19.99
CA GLY D 536 -5.60 25.42 -20.51
C GLY D 536 -5.61 24.12 -21.29
N ASP D 537 -6.06 24.16 -22.54
CA ASP D 537 -6.12 22.95 -23.37
C ASP D 537 -4.82 22.59 -24.06
N ARG D 538 -3.78 23.39 -23.84
CA ARG D 538 -2.49 23.13 -24.44
C ARG D 538 -1.70 22.22 -23.50
N LYS D 539 -2.30 21.89 -22.35
CA LYS D 539 -1.64 21.04 -21.37
C LYS D 539 -1.25 19.67 -21.91
N SER D 540 0.00 19.29 -21.70
CA SER D 540 0.52 17.99 -22.13
C SER D 540 1.92 17.88 -21.57
N PHE D 541 2.45 16.68 -21.48
CA PHE D 541 3.80 16.53 -20.94
C PHE D 541 4.82 17.29 -21.78
N VAL D 542 4.74 17.20 -23.11
CA VAL D 542 5.69 17.92 -23.93
C VAL D 542 5.55 19.42 -23.64
N ALA D 543 4.35 19.86 -23.26
CA ALA D 543 4.12 21.28 -22.95
C ALA D 543 4.88 21.70 -21.68
N LEU D 544 4.95 20.80 -20.70
CA LEU D 544 5.68 21.09 -19.46
C LEU D 544 7.18 21.17 -19.76
N MET D 545 7.61 20.37 -20.73
CA MET D 545 9.01 20.36 -21.16
C MET D 545 9.34 21.74 -21.77
N ALA D 546 8.39 22.27 -22.53
CA ALA D 546 8.57 23.59 -23.15
C ALA D 546 8.70 24.68 -22.09
N LEU D 547 7.81 24.67 -21.10
CA LEU D 547 7.86 25.66 -20.03
C LEU D 547 9.20 25.54 -19.31
N MET D 548 9.57 24.31 -19.02
CA MET D 548 10.83 24.01 -18.35
C MET D 548 12.02 24.59 -19.10
N GLU D 549 12.14 24.24 -20.38
CA GLU D 549 13.26 24.69 -21.19
C GLU D 549 13.32 26.20 -21.41
N TYR D 550 12.16 26.80 -21.68
CA TYR D 550 12.13 28.24 -21.88
C TYR D 550 12.59 28.93 -20.59
N SER D 551 12.06 28.51 -19.46
CA SER D 551 12.46 29.11 -18.19
C SER D 551 13.95 28.85 -17.94
N ARG D 552 14.42 27.64 -18.25
CA ARG D 552 15.83 27.28 -18.08
C ARG D 552 16.70 28.28 -18.83
N TYR D 553 16.32 28.57 -20.07
CA TYR D 553 17.03 29.51 -20.92
C TYR D 553 17.02 30.94 -20.34
N LEU D 554 15.89 31.34 -19.78
CA LEU D 554 15.80 32.67 -19.20
C LEU D 554 16.78 32.86 -18.04
N VAL D 555 17.03 31.79 -17.29
CA VAL D 555 17.95 31.90 -16.16
C VAL D 555 19.37 31.48 -16.50
N ALA D 556 19.56 30.83 -17.64
CA ALA D 556 20.88 30.36 -18.07
C ALA D 556 21.96 31.45 -18.06
N GLU D 557 23.10 31.11 -17.49
CA GLU D 557 24.22 32.05 -17.43
C GLU D 557 24.88 32.14 -18.80
N ASP D 558 24.85 31.04 -19.55
CA ASP D 558 25.46 31.02 -20.87
C ASP D 558 24.41 30.78 -21.95
N LYS D 559 23.69 31.85 -22.32
CA LYS D 559 22.67 31.74 -23.35
C LYS D 559 23.32 31.54 -24.71
N SER D 560 24.62 31.85 -24.79
CA SER D 560 25.34 31.72 -26.04
C SER D 560 25.63 30.29 -26.47
N ALA D 561 25.43 29.35 -25.56
CA ALA D 561 25.66 27.93 -25.84
C ALA D 561 24.74 27.14 -24.92
N PHE D 562 23.44 27.30 -25.13
CA PHE D 562 22.43 26.63 -24.34
C PHE D 562 22.27 25.19 -24.83
N VAL D 563 22.38 24.23 -23.91
CA VAL D 563 22.26 22.83 -24.30
C VAL D 563 20.87 22.32 -23.92
N THR D 564 20.15 21.75 -24.87
CA THR D 564 18.81 21.29 -24.57
C THR D 564 18.38 20.08 -25.39
N PRO D 565 17.51 19.23 -24.82
CA PRO D 565 17.02 18.03 -25.50
C PRO D 565 15.68 18.32 -26.18
N LEU D 566 15.23 19.58 -26.08
CA LEU D 566 13.98 20.01 -26.71
C LEU D 566 14.06 19.58 -28.18
N TYR D 567 13.00 18.97 -28.68
CA TYR D 567 12.98 18.48 -30.04
C TYR D 567 11.85 19.04 -30.87
N VAL D 568 11.93 18.80 -32.18
CA VAL D 568 10.87 19.18 -33.08
C VAL D 568 10.50 17.86 -33.74
N GLU D 569 9.22 17.53 -33.74
CA GLU D 569 8.81 16.30 -34.38
C GLU D 569 8.49 16.55 -35.84
N ALA D 570 9.19 15.87 -36.74
CA ALA D 570 8.89 15.97 -38.17
C ALA D 570 7.71 15.01 -38.19
N ASP D 571 6.51 15.56 -38.29
CA ASP D 571 5.29 14.77 -38.21
C ASP D 571 4.46 14.65 -39.48
N GLY D 572 4.15 13.43 -39.86
CA GLY D 572 3.35 13.21 -41.05
C GLY D 572 1.94 13.79 -40.99
N VAL D 573 1.53 14.42 -42.07
CA VAL D 573 0.19 15.01 -42.17
C VAL D 573 -0.76 13.95 -42.74
N THR D 574 -1.75 13.55 -41.94
CA THR D 574 -2.71 12.51 -42.31
C THR D 574 -1.93 11.44 -43.06
N ASN D 575 -0.89 10.93 -42.41
CA ASN D 575 0.00 9.95 -42.96
C ASN D 575 -0.63 8.67 -43.55
N GLY D 576 -1.42 7.96 -42.76
CA GLY D 576 -2.07 6.74 -43.24
C GLY D 576 -2.85 6.92 -44.53
N PRO D 577 -3.86 7.81 -44.54
CA PRO D 577 -4.68 8.06 -45.73
C PRO D 577 -3.83 8.48 -46.96
N ILE D 578 -2.89 9.39 -46.76
CA ILE D 578 -2.05 9.85 -47.86
C ILE D 578 -1.23 8.71 -48.44
N ASN D 579 -0.58 7.92 -47.57
CA ASN D 579 0.21 6.79 -48.06
C ASN D 579 -0.68 5.88 -48.89
N ALA D 580 -1.87 5.59 -48.39
CA ALA D 580 -2.78 4.72 -49.12
C ALA D 580 -3.14 5.32 -50.48
N MET D 581 -3.37 6.62 -50.53
CA MET D 581 -3.73 7.28 -51.77
C MET D 581 -2.61 7.27 -52.80
N MET D 582 -1.37 7.37 -52.33
CA MET D 582 -0.24 7.35 -53.24
C MET D 582 0.10 5.92 -53.65
N LEU D 583 0.08 5.01 -52.67
CA LEU D 583 0.42 3.61 -52.87
C LEU D 583 -0.59 2.74 -53.63
N MET D 584 -1.88 3.04 -53.48
CA MET D 584 -2.90 2.23 -54.12
C MET D 584 -3.97 2.86 -55.01
N THR D 585 -3.77 4.09 -55.46
CA THR D 585 -4.72 4.67 -56.38
C THR D 585 -4.17 4.16 -57.71
N GLY D 586 -4.99 3.47 -58.50
CA GLY D 586 -4.48 2.93 -59.74
C GLY D 586 -4.99 3.34 -61.12
N GLY D 587 -5.63 4.49 -61.27
CA GLY D 587 -6.11 4.84 -62.60
C GLY D 587 -5.37 6.00 -63.24
N LEU D 588 -6.07 6.74 -64.12
CA LEU D 588 -5.46 7.92 -64.75
C LEU D 588 -5.48 9.00 -63.68
N PHE D 589 -4.67 10.04 -63.86
CA PHE D 589 -4.65 11.12 -62.89
C PHE D 589 -5.88 11.99 -63.05
N THR D 590 -6.32 12.55 -61.94
CA THR D 590 -7.50 13.40 -61.92
C THR D 590 -7.15 14.67 -61.16
N PRO D 591 -7.71 15.81 -61.58
CA PRO D 591 -7.39 17.06 -60.87
C PRO D 591 -7.71 16.95 -59.37
N ASP D 592 -8.85 16.34 -59.03
CA ASP D 592 -9.23 16.20 -57.63
C ASP D 592 -8.17 15.49 -56.81
N TRP D 593 -7.60 14.42 -57.36
CA TRP D 593 -6.57 13.65 -56.66
C TRP D 593 -5.35 14.54 -56.46
N ILE D 594 -5.00 15.30 -57.48
CA ILE D 594 -3.86 16.20 -57.38
C ILE D 594 -4.09 17.19 -56.24
N ARG D 595 -5.31 17.69 -56.12
CA ARG D 595 -5.62 18.63 -55.05
C ARG D 595 -5.56 17.97 -53.67
N ASN D 596 -6.21 16.81 -53.51
CA ASN D 596 -6.24 16.13 -52.22
C ASN D 596 -4.89 15.59 -51.76
N ILE D 597 -4.08 15.05 -52.68
CA ILE D 597 -2.79 14.51 -52.27
C ILE D 597 -1.86 15.65 -51.85
N ALA D 598 -2.07 16.82 -52.43
CA ALA D 598 -1.27 18.00 -52.06
C ALA D 598 -1.50 18.33 -50.58
N LYS D 599 -2.68 17.96 -50.07
CA LYS D 599 -3.00 18.18 -48.67
C LYS D 599 -2.08 17.30 -47.82
N GLY D 600 -1.39 16.37 -48.47
CA GLY D 600 -0.47 15.48 -47.76
C GLY D 600 1.00 15.76 -48.02
N GLY D 601 1.31 16.88 -48.68
CA GLY D 601 2.70 17.21 -48.92
C GLY D 601 3.32 16.80 -50.24
N LEU D 602 2.51 16.32 -51.18
CA LEU D 602 3.03 15.95 -52.50
C LEU D 602 2.69 17.12 -53.42
N PHE D 603 3.68 17.96 -53.72
CA PHE D 603 3.47 19.13 -54.56
C PHE D 603 4.06 18.99 -55.96
N ILE D 604 3.22 19.22 -56.97
CA ILE D 604 3.66 19.12 -58.35
C ILE D 604 3.79 20.49 -58.98
N GLY D 605 4.92 20.71 -59.64
CA GLY D 605 5.15 21.98 -60.30
C GLY D 605 5.28 23.15 -59.35
N SER D 606 5.97 22.94 -58.23
CA SER D 606 6.18 23.97 -57.22
C SER D 606 7.50 23.63 -56.53
N PRO D 607 8.62 24.01 -57.15
CA PRO D 607 9.94 23.73 -56.57
C PRO D 607 10.14 24.36 -55.19
N ASN D 608 10.57 23.55 -54.23
CA ASN D 608 10.83 24.02 -52.88
C ASN D 608 9.62 24.35 -52.03
N LYS D 609 8.44 24.01 -52.53
CA LYS D 609 7.22 24.29 -51.77
C LYS D 609 7.18 23.47 -50.47
N THR D 610 6.81 24.13 -49.38
CA THR D 610 6.72 23.49 -48.07
C THR D 610 5.24 23.36 -47.65
N MET D 611 5.01 22.60 -46.60
CA MET D 611 3.66 22.42 -46.09
C MET D 611 3.20 23.73 -45.48
N ASN D 612 4.15 24.47 -44.91
CA ASN D 612 3.85 25.75 -44.26
C ASN D 612 3.28 26.72 -45.27
N GLU D 613 3.88 26.76 -46.45
CA GLU D 613 3.42 27.65 -47.51
C GLU D 613 2.11 27.13 -48.07
N HIS D 614 2.00 25.82 -48.27
CA HIS D 614 0.77 25.29 -48.82
C HIS D 614 -0.41 25.61 -47.92
N ARG D 615 -0.25 25.37 -46.62
CA ARG D 615 -1.32 25.63 -45.67
C ARG D 615 -1.66 27.10 -45.49
N SER D 616 -0.69 27.98 -45.72
CA SER D 616 -0.96 29.40 -45.52
C SER D 616 -1.35 30.18 -46.77
N THR D 617 -1.10 29.63 -47.94
CA THR D 617 -1.43 30.33 -49.18
C THR D 617 -2.23 29.55 -50.22
N ALA D 618 -2.23 28.23 -50.14
CA ALA D 618 -2.94 27.44 -51.13
C ALA D 618 -4.18 26.69 -50.65
N ASP D 619 -4.08 26.00 -49.53
CA ASP D 619 -5.20 25.21 -49.02
C ASP D 619 -5.04 24.95 -47.53
N ASN D 620 -5.90 25.55 -46.72
CA ASN D 620 -5.80 25.37 -45.27
C ASN D 620 -6.60 24.20 -44.72
N ASN D 621 -7.12 23.36 -45.60
CA ASN D 621 -7.90 22.20 -45.19
C ASN D 621 -7.17 20.89 -45.36
N ASP D 622 -6.86 20.21 -44.26
CA ASP D 622 -6.20 18.92 -44.38
C ASP D 622 -7.26 17.90 -44.80
N LEU D 623 -6.83 16.65 -44.99
CA LEU D 623 -7.74 15.58 -45.40
C LEU D 623 -8.94 15.41 -44.45
N TYR D 624 -8.73 15.69 -43.17
CA TYR D 624 -9.80 15.58 -42.17
C TYR D 624 -10.90 16.59 -42.46
N GLN D 625 -10.51 17.85 -42.62
CA GLN D 625 -11.44 18.94 -42.93
C GLN D 625 -12.18 18.62 -44.23
N ALA D 626 -11.44 18.14 -45.22
CA ALA D 626 -12.06 17.80 -46.50
C ALA D 626 -13.14 16.75 -46.29
N SER D 627 -12.84 15.74 -45.44
CA SER D 627 -13.80 14.68 -45.17
C SER D 627 -15.01 15.21 -44.44
N THR D 628 -14.77 16.09 -43.47
CA THR D 628 -15.82 16.70 -42.67
C THR D 628 -16.74 17.52 -43.56
N ASN D 629 -16.15 18.23 -44.51
CA ASN D 629 -16.92 19.04 -45.45
C ASN D 629 -17.77 18.14 -46.34
N ALA D 630 -17.21 16.99 -46.72
CA ALA D 630 -17.92 16.05 -47.58
C ALA D 630 -19.05 15.38 -46.78
N LEU D 631 -18.84 15.24 -45.47
CA LEU D 631 -19.86 14.64 -44.60
C LEU D 631 -21.10 15.54 -44.57
N MET D 632 -20.87 16.83 -44.42
CA MET D 632 -21.96 17.79 -44.41
C MET D 632 -22.69 17.84 -45.75
N GLU D 633 -21.97 17.53 -46.82
CA GLU D 633 -22.55 17.52 -48.15
C GLU D 633 -23.46 16.30 -48.31
N SER D 634 -22.97 15.15 -47.84
CA SER D 634 -23.72 13.90 -47.92
C SER D 634 -24.89 13.88 -46.94
N LEU D 635 -24.71 14.53 -45.79
CA LEU D 635 -25.75 14.59 -44.78
C LEU D 635 -26.91 15.42 -45.33
N GLY D 636 -26.57 16.56 -45.92
CA GLY D 636 -27.59 17.41 -46.50
C GLY D 636 -28.36 16.66 -47.56
N LYS D 637 -27.63 15.91 -48.38
CA LYS D 637 -28.22 15.13 -49.46
C LYS D 637 -29.17 14.08 -48.88
N LEU D 638 -28.79 13.47 -47.76
CA LEU D 638 -29.64 12.48 -47.13
C LEU D 638 -30.89 13.15 -46.60
N ARG D 639 -30.71 14.26 -45.88
CA ARG D 639 -31.83 15.01 -45.32
C ARG D 639 -32.82 15.36 -46.42
N SER D 640 -32.29 15.96 -47.48
CA SER D 640 -33.09 16.36 -48.63
C SER D 640 -33.99 15.20 -49.05
N ASN D 641 -33.36 14.10 -49.46
CA ASN D 641 -34.09 12.92 -49.90
C ASN D 641 -35.32 12.65 -49.04
N TYR D 642 -35.16 12.67 -47.73
CA TYR D 642 -36.25 12.40 -46.81
C TYR D 642 -36.91 13.67 -46.25
N ALA D 643 -36.86 14.75 -47.01
CA ALA D 643 -37.44 16.02 -46.58
C ALA D 643 -38.92 15.87 -46.18
N SER D 644 -39.63 15.03 -46.91
CA SER D 644 -41.04 14.79 -46.65
C SER D 644 -41.29 13.80 -45.51
N ASN D 645 -40.31 12.96 -45.21
CA ASN D 645 -40.43 11.98 -44.13
C ASN D 645 -40.11 12.68 -42.82
N MET D 646 -41.13 13.20 -42.15
CA MET D 646 -40.94 13.91 -40.90
C MET D 646 -40.38 13.08 -39.75
N PRO D 647 -40.72 11.79 -39.67
CA PRO D 647 -40.16 11.01 -38.55
C PRO D 647 -38.66 10.83 -38.73
N ILE D 648 -38.24 10.61 -39.99
CA ILE D 648 -36.82 10.45 -40.29
C ILE D 648 -36.10 11.75 -39.97
N GLN D 649 -36.71 12.88 -40.32
CA GLN D 649 -36.14 14.20 -40.05
C GLN D 649 -35.99 14.42 -38.55
N SER D 650 -36.99 14.00 -37.79
CA SER D 650 -36.98 14.15 -36.35
C SER D 650 -35.88 13.31 -35.70
N GLN D 651 -35.65 12.10 -36.22
CA GLN D 651 -34.59 11.24 -35.68
C GLN D 651 -33.24 11.89 -35.94
N ILE D 652 -33.04 12.36 -37.17
CA ILE D 652 -31.79 13.00 -37.53
C ILE D 652 -31.60 14.23 -36.66
N ASP D 653 -32.64 15.05 -36.54
CA ASP D 653 -32.53 16.26 -35.73
C ASP D 653 -32.14 15.94 -34.29
N SER D 654 -32.75 14.90 -33.74
CA SER D 654 -32.47 14.49 -32.35
C SER D 654 -31.05 13.97 -32.18
N LEU D 655 -30.56 13.22 -33.16
CA LEU D 655 -29.20 12.69 -33.06
C LEU D 655 -28.22 13.86 -33.08
N LEU D 656 -28.44 14.81 -33.98
CA LEU D 656 -27.56 15.98 -34.09
C LEU D 656 -27.66 16.82 -32.81
N SER D 657 -28.87 16.91 -32.26
CA SER D 657 -29.10 17.65 -31.03
C SER D 657 -28.34 17.02 -29.87
N LEU D 658 -28.36 15.69 -29.78
CA LEU D 658 -27.66 15.01 -28.70
C LEU D 658 -26.15 15.20 -28.78
N MET D 659 -25.60 15.12 -29.99
CA MET D 659 -24.17 15.29 -30.20
C MET D 659 -23.78 16.74 -29.88
N ASP D 660 -24.56 17.69 -30.38
CA ASP D 660 -24.31 19.11 -30.15
C ASP D 660 -24.34 19.41 -28.65
N LEU D 661 -25.15 18.64 -27.93
CA LEU D 661 -25.31 18.82 -26.50
C LEU D 661 -24.04 18.46 -25.70
N PHE D 662 -23.36 17.38 -26.10
CA PHE D 662 -22.16 16.93 -25.39
C PHE D 662 -20.85 16.83 -26.18
N LEU D 663 -20.84 17.28 -27.43
CA LEU D 663 -19.62 17.20 -28.23
C LEU D 663 -19.18 18.54 -28.86
N PRO D 664 -17.89 18.88 -28.72
CA PRO D 664 -17.28 20.11 -29.23
C PRO D 664 -17.28 20.25 -30.76
N ASP D 665 -17.01 19.15 -31.45
CA ASP D 665 -16.95 19.15 -32.91
C ASP D 665 -18.31 19.28 -33.59
N ILE D 666 -19.38 19.19 -32.81
CA ILE D 666 -20.73 19.27 -33.36
C ILE D 666 -21.46 20.54 -32.90
N ASN D 667 -21.67 21.47 -33.82
CA ASN D 667 -22.35 22.71 -33.49
C ASN D 667 -23.65 22.94 -34.27
N LEU D 668 -24.76 22.94 -33.55
CA LEU D 668 -26.07 23.18 -34.14
C LEU D 668 -26.44 24.63 -33.83
N GLY D 669 -26.48 25.46 -34.87
CA GLY D 669 -26.83 26.85 -34.68
C GLY D 669 -28.32 27.02 -34.49
N GLU D 670 -28.78 28.27 -34.43
CA GLU D 670 -30.20 28.57 -34.25
C GLU D 670 -30.99 28.35 -35.54
N ASN D 671 -30.36 28.64 -36.67
CA ASN D 671 -31.00 28.45 -37.98
C ASN D 671 -31.28 26.96 -38.11
N GLY D 672 -30.59 26.18 -37.28
CA GLY D 672 -30.70 24.74 -37.33
C GLY D 672 -29.44 24.37 -38.10
N ALA D 673 -28.73 25.42 -38.52
CA ALA D 673 -27.49 25.27 -39.27
C ALA D 673 -26.56 24.33 -38.53
N LEU D 674 -25.81 23.55 -39.30
CA LEU D 674 -24.89 22.58 -38.72
C LEU D 674 -23.44 22.96 -38.99
N GLU D 675 -22.62 22.91 -37.95
CA GLU D 675 -21.21 23.20 -38.07
C GLU D 675 -20.47 21.98 -37.54
N LEU D 676 -19.67 21.36 -38.40
CA LEU D 676 -18.91 20.19 -38.01
C LEU D 676 -17.43 20.56 -38.07
N LYS D 677 -16.67 20.16 -37.05
CA LYS D 677 -15.25 20.44 -37.01
C LYS D 677 -14.46 19.20 -37.44
N ARG D 678 -13.33 19.42 -38.09
CA ARG D 678 -12.48 18.32 -38.56
C ARG D 678 -12.21 17.24 -37.53
N GLY D 679 -12.29 17.59 -36.26
CA GLY D 679 -12.04 16.61 -35.21
C GLY D 679 -12.87 15.34 -35.28
N ILE D 680 -14.14 15.43 -35.68
CA ILE D 680 -14.98 14.22 -35.73
C ILE D 680 -14.57 13.22 -36.80
N ALA D 681 -13.87 13.70 -37.83
CA ALA D 681 -13.46 12.83 -38.93
C ALA D 681 -12.05 12.25 -38.78
N LYS D 682 -11.32 12.70 -37.77
CA LYS D 682 -9.95 12.24 -37.56
C LYS D 682 -9.83 10.73 -37.39
N ASN D 683 -10.44 10.20 -36.34
CA ASN D 683 -10.38 8.77 -36.07
C ASN D 683 -11.08 7.95 -37.15
N PRO D 684 -12.33 8.30 -37.49
CA PRO D 684 -13.05 7.55 -38.52
C PRO D 684 -12.27 7.39 -39.81
N LEU D 685 -11.62 8.46 -40.26
CA LEU D 685 -10.84 8.39 -41.50
C LEU D 685 -9.64 7.48 -41.25
N THR D 686 -8.94 7.73 -40.15
CA THR D 686 -7.77 6.92 -39.84
C THR D 686 -8.09 5.44 -39.84
N ILE D 687 -9.03 5.04 -39.00
CA ILE D 687 -9.39 3.63 -38.92
C ILE D 687 -10.00 3.08 -40.20
N THR D 688 -10.61 3.94 -41.00
CA THR D 688 -11.18 3.50 -42.27
C THR D 688 -10.03 2.97 -43.12
N ILE D 689 -8.89 3.66 -43.08
CA ILE D 689 -7.72 3.24 -43.84
C ILE D 689 -7.23 1.90 -43.29
N TYR D 690 -7.50 1.66 -42.01
CA TYR D 690 -7.08 0.41 -41.38
C TYR D 690 -8.12 -0.71 -41.59
N GLY D 691 -9.03 -0.50 -42.53
CA GLY D 691 -10.04 -1.50 -42.84
C GLY D 691 -11.26 -1.59 -41.94
N SER D 692 -11.51 -0.56 -41.13
CA SER D 692 -12.66 -0.58 -40.22
C SER D 692 -14.02 -0.61 -40.90
N GLY D 693 -14.98 -1.28 -40.28
CA GLY D 693 -16.32 -1.34 -40.82
C GLY D 693 -17.08 -0.12 -40.29
N ALA D 694 -18.20 0.24 -40.91
CA ALA D 694 -18.99 1.39 -40.47
C ALA D 694 -19.53 1.21 -39.05
N ARG D 695 -19.99 0.01 -38.75
CA ARG D 695 -20.54 -0.32 -37.45
C ARG D 695 -19.57 0.05 -36.33
N GLY D 696 -18.29 -0.25 -36.54
CA GLY D 696 -17.25 0.06 -35.57
C GLY D 696 -17.13 1.54 -35.26
N ILE D 697 -17.14 2.36 -36.32
CA ILE D 697 -17.04 3.80 -36.16
C ILE D 697 -18.26 4.30 -35.39
N ALA D 698 -19.44 3.81 -35.77
CA ALA D 698 -20.68 4.19 -35.11
C ALA D 698 -20.58 4.00 -33.58
N GLY D 699 -20.11 2.82 -33.17
CA GLY D 699 -19.99 2.54 -31.75
C GLY D 699 -19.01 3.48 -31.06
N LYS D 700 -17.97 3.88 -31.77
CA LYS D 700 -16.95 4.78 -31.21
C LYS D 700 -17.59 6.14 -30.91
N LEU D 701 -18.24 6.70 -31.94
CA LEU D 701 -18.92 7.98 -31.83
C LEU D 701 -19.90 7.97 -30.66
N VAL D 702 -20.61 6.86 -30.48
CA VAL D 702 -21.57 6.73 -29.38
C VAL D 702 -20.84 6.73 -28.03
N SER D 703 -19.71 6.03 -27.96
CA SER D 703 -18.96 5.98 -26.71
C SER D 703 -18.50 7.36 -26.33
N SER D 704 -18.21 8.19 -27.32
CA SER D 704 -17.78 9.56 -27.08
C SER D 704 -18.94 10.31 -26.45
N VAL D 705 -20.15 10.00 -26.90
CA VAL D 705 -21.34 10.65 -26.38
C VAL D 705 -21.63 10.17 -24.96
N THR D 706 -21.66 8.86 -24.75
CA THR D 706 -21.96 8.35 -23.42
C THR D 706 -20.91 8.75 -22.39
N ASP D 707 -19.69 9.04 -22.85
CA ASP D 707 -18.65 9.46 -21.93
C ASP D 707 -18.97 10.83 -21.37
N ALA D 708 -19.32 11.75 -22.26
CA ALA D 708 -19.65 13.11 -21.86
C ALA D 708 -20.92 13.11 -21.02
N ILE D 709 -21.86 12.25 -21.38
CA ILE D 709 -23.10 12.18 -20.62
C ILE D 709 -22.79 11.77 -19.17
N TYR D 710 -22.02 10.71 -19.00
CA TYR D 710 -21.64 10.26 -17.66
C TYR D 710 -20.90 11.35 -16.89
N GLU D 711 -20.01 12.08 -17.56
CA GLU D 711 -19.30 13.13 -16.88
C GLU D 711 -20.29 14.16 -16.33
N ARG D 712 -21.39 14.36 -17.05
CA ARG D 712 -22.41 15.30 -16.61
C ARG D 712 -23.14 14.83 -15.38
N MET D 713 -23.32 13.52 -15.26
CA MET D 713 -24.00 12.95 -14.10
C MET D 713 -23.19 13.18 -12.83
N SER D 714 -21.88 13.28 -12.98
CA SER D 714 -21.03 13.50 -11.81
C SER D 714 -21.09 14.98 -11.47
N ASP D 715 -21.22 15.83 -12.49
CA ASP D 715 -21.29 17.27 -12.29
C ASP D 715 -22.60 17.68 -11.64
N VAL D 716 -23.66 16.94 -11.90
CA VAL D 716 -24.97 17.25 -11.32
C VAL D 716 -24.99 16.92 -9.84
N LEU D 717 -24.28 15.86 -9.45
CA LEU D 717 -24.23 15.47 -8.05
C LEU D 717 -23.36 16.48 -7.31
N LYS D 718 -22.42 17.05 -8.06
CA LYS D 718 -21.49 18.05 -7.52
C LYS D 718 -22.21 19.34 -7.18
N ALA D 719 -22.99 19.84 -8.13
CA ALA D 719 -23.73 21.09 -7.94
C ALA D 719 -24.88 20.95 -6.95
N ARG D 720 -25.52 19.78 -6.90
CA ARG D 720 -26.63 19.57 -5.98
C ARG D 720 -26.14 19.22 -4.57
N ALA D 721 -24.91 18.73 -4.48
CA ALA D 721 -24.33 18.38 -3.19
C ALA D 721 -23.92 19.70 -2.54
N LYS D 722 -23.73 20.70 -3.38
CA LYS D 722 -23.35 22.03 -2.93
C LYS D 722 -24.64 22.77 -2.55
N ASP D 723 -25.48 23.02 -3.56
CA ASP D 723 -26.76 23.69 -3.37
C ASP D 723 -27.86 22.67 -3.58
N PRO D 724 -28.18 21.87 -2.53
CA PRO D 724 -29.22 20.83 -2.58
C PRO D 724 -30.53 21.24 -3.24
N ASN D 725 -30.87 22.52 -3.17
CA ASN D 725 -32.11 23.03 -3.77
C ASN D 725 -31.88 23.45 -5.22
N ILE D 726 -30.74 23.07 -5.78
CA ILE D 726 -30.43 23.44 -7.16
C ILE D 726 -31.55 23.04 -8.11
N SER D 727 -31.67 23.78 -9.22
CA SER D 727 -32.71 23.58 -10.21
C SER D 727 -32.84 22.21 -10.89
N ALA D 728 -31.81 21.37 -10.79
CA ALA D 728 -31.83 20.05 -11.41
C ALA D 728 -31.58 20.18 -12.92
N ALA D 729 -32.13 21.22 -13.52
CA ALA D 729 -31.94 21.48 -14.94
C ALA D 729 -30.73 22.39 -15.04
N MET D 730 -30.43 23.04 -13.92
CA MET D 730 -29.30 23.95 -13.83
C MET D 730 -28.13 23.14 -13.28
N ALA D 731 -28.47 22.00 -12.69
CA ALA D 731 -27.49 21.09 -12.12
C ALA D 731 -26.79 20.25 -13.18
N MET D 732 -27.48 20.02 -14.30
CA MET D 732 -26.92 19.24 -15.39
C MET D 732 -26.55 20.16 -16.54
N PHE D 733 -27.14 21.36 -16.55
CA PHE D 733 -26.87 22.31 -17.61
C PHE D 733 -26.63 23.74 -17.18
N GLY D 734 -25.69 23.93 -16.27
CA GLY D 734 -25.35 25.28 -15.85
C GLY D 734 -24.18 25.62 -16.75
N LYS D 735 -23.78 24.58 -17.48
CA LYS D 735 -22.68 24.58 -18.43
C LYS D 735 -22.26 25.92 -19.08
N GLN D 736 -23.22 26.77 -19.41
CA GLN D 736 -22.92 28.05 -20.05
C GLN D 736 -24.18 28.57 -20.73
N ALA D 737 -25.21 27.71 -20.79
CA ALA D 737 -26.48 28.07 -21.44
C ALA D 737 -26.94 29.52 -21.21
N ALA D 738 -27.29 29.85 -19.97
CA ALA D 738 -27.78 31.19 -19.56
C ALA D 738 -29.29 31.14 -19.24
N SER D 739 -29.67 31.72 -18.11
CA SER D 739 -31.06 31.75 -17.65
C SER D 739 -31.69 30.36 -17.44
N GLU D 740 -32.60 30.28 -16.48
CA GLU D 740 -33.31 29.06 -16.15
C GLU D 740 -34.20 28.61 -17.31
N ALA D 741 -34.45 29.53 -18.23
CA ALA D 741 -35.29 29.24 -19.39
C ALA D 741 -34.50 28.48 -20.46
N HIS D 742 -33.33 28.99 -20.81
CA HIS D 742 -32.49 28.35 -21.84
C HIS D 742 -31.82 27.08 -21.34
N ALA D 743 -31.65 26.97 -20.03
CA ALA D 743 -31.03 25.80 -19.44
C ALA D 743 -32.10 24.74 -19.22
N GLU D 744 -33.35 25.20 -19.12
CA GLU D 744 -34.48 24.30 -18.92
C GLU D 744 -34.79 23.58 -20.23
N GLU D 745 -34.59 24.28 -21.35
CA GLU D 745 -34.87 23.67 -22.64
C GLU D 745 -33.79 22.69 -23.05
N LEU D 746 -32.57 22.91 -22.55
CA LEU D 746 -31.48 22.01 -22.87
C LEU D 746 -31.79 20.64 -22.26
N LEU D 747 -32.28 20.65 -21.02
CA LEU D 747 -32.64 19.41 -20.36
C LEU D 747 -33.80 18.75 -21.10
N ALA D 748 -34.74 19.56 -21.56
CA ALA D 748 -35.90 19.07 -22.31
C ALA D 748 -35.44 18.41 -23.60
N ARG D 749 -34.42 19.01 -24.22
CA ARG D 749 -33.84 18.47 -25.45
C ARG D 749 -33.17 17.13 -25.15
N PHE D 750 -32.40 17.10 -24.07
CA PHE D 750 -31.69 15.89 -23.67
C PHE D 750 -32.66 14.74 -23.50
N LEU D 751 -33.63 14.90 -22.60
CA LEU D 751 -34.61 13.84 -22.35
C LEU D 751 -35.35 13.44 -23.63
N LYS D 752 -35.72 14.43 -24.44
CA LYS D 752 -36.43 14.16 -25.69
C LYS D 752 -35.56 13.39 -26.67
N ASP D 753 -34.31 13.79 -26.80
CA ASP D 753 -33.40 13.11 -27.71
C ASP D 753 -33.16 11.66 -27.31
N MET D 754 -32.80 11.43 -26.05
CA MET D 754 -32.55 10.07 -25.58
C MET D 754 -33.75 9.16 -25.78
N GLU D 755 -34.95 9.72 -25.63
CA GLU D 755 -36.19 8.96 -25.79
C GLU D 755 -36.36 8.55 -27.25
N THR D 756 -36.25 9.55 -28.11
CA THR D 756 -36.39 9.37 -29.54
C THR D 756 -35.37 8.39 -30.11
N LEU D 757 -34.13 8.49 -29.60
CA LEU D 757 -33.05 7.65 -30.09
C LEU D 757 -32.96 6.23 -29.52
N THR D 758 -33.62 5.97 -28.40
CA THR D 758 -33.59 4.62 -27.81
C THR D 758 -34.88 3.84 -28.11
N SER D 759 -35.96 4.55 -28.40
CA SER D 759 -37.22 3.86 -28.68
C SER D 759 -37.40 3.56 -30.17
N THR D 760 -36.69 4.30 -31.02
CA THR D 760 -36.78 4.13 -32.46
C THR D 760 -35.40 4.02 -33.10
N VAL D 761 -35.28 3.12 -34.07
CA VAL D 761 -34.02 2.92 -34.79
C VAL D 761 -34.28 2.70 -36.28
N PRO D 762 -33.40 3.23 -37.13
CA PRO D 762 -33.60 3.05 -38.56
C PRO D 762 -33.01 1.73 -39.05
N VAL D 763 -33.60 1.18 -40.10
CA VAL D 763 -33.12 -0.05 -40.71
C VAL D 763 -33.13 0.24 -42.20
N LYS D 764 -32.54 -0.65 -42.99
CA LYS D 764 -32.47 -0.46 -44.43
C LYS D 764 -33.26 -1.55 -45.14
N ARG D 765 -34.24 -1.13 -45.96
CA ARG D 765 -35.08 -2.05 -46.72
C ARG D 765 -35.22 -1.56 -48.15
N LYS D 766 -34.69 -2.33 -49.09
CA LYS D 766 -34.74 -1.98 -50.51
C LYS D 766 -33.96 -0.70 -50.78
N GLY D 767 -32.88 -0.48 -50.02
CA GLY D 767 -32.08 0.71 -50.18
C GLY D 767 -32.68 1.90 -49.46
N VAL D 768 -33.95 1.78 -49.09
CA VAL D 768 -34.65 2.84 -48.38
C VAL D 768 -34.48 2.68 -46.87
N LEU D 769 -34.41 3.80 -46.17
CA LEU D 769 -34.27 3.78 -44.72
C LEU D 769 -35.67 3.83 -44.12
N GLU D 770 -35.90 3.06 -43.07
CA GLU D 770 -37.22 3.02 -42.43
C GLU D 770 -37.07 2.92 -40.92
N LEU D 771 -37.95 3.58 -40.18
CA LEU D 771 -37.90 3.55 -38.72
C LEU D 771 -38.62 2.35 -38.16
N GLN D 772 -38.10 1.82 -37.06
CA GLN D 772 -38.68 0.65 -36.41
C GLN D 772 -38.59 0.83 -34.90
N SER D 773 -39.58 0.36 -34.16
CA SER D 773 -39.56 0.49 -32.71
C SER D 773 -38.61 -0.53 -32.10
N THR D 774 -38.16 -0.24 -30.89
CA THR D 774 -37.24 -1.13 -30.19
C THR D 774 -37.93 -1.71 -28.96
N GLY D 775 -38.92 -0.99 -28.44
CA GLY D 775 -39.61 -1.44 -27.25
C GLY D 775 -38.73 -1.26 -26.04
N THR D 776 -37.73 -0.37 -26.15
CA THR D 776 -36.81 -0.10 -25.05
C THR D 776 -36.46 1.38 -25.02
N GLY D 777 -37.47 2.23 -24.94
CA GLY D 777 -37.24 3.66 -24.91
C GLY D 777 -36.71 4.13 -23.56
N ALA D 778 -35.89 5.17 -23.56
CA ALA D 778 -35.32 5.71 -22.33
C ALA D 778 -36.37 5.92 -21.25
N LYS D 779 -36.07 5.43 -20.06
CA LYS D 779 -36.95 5.53 -18.89
C LYS D 779 -37.47 6.94 -18.62
N GLY D 780 -37.86 7.18 -17.37
CA GLY D 780 -38.37 8.48 -16.99
C GLY D 780 -37.36 9.26 -16.16
N LYS D 781 -37.18 8.85 -14.90
CA LYS D 781 -36.24 9.52 -14.01
C LYS D 781 -34.78 9.13 -14.22
N ILE D 782 -33.89 9.91 -13.61
CA ILE D 782 -32.47 9.69 -13.72
C ILE D 782 -31.75 9.79 -12.38
N ASN D 783 -31.02 8.74 -12.02
CA ASN D 783 -30.24 8.74 -10.80
C ASN D 783 -28.80 8.95 -11.26
N PRO D 784 -28.35 10.21 -11.30
CA PRO D 784 -26.99 10.56 -11.73
C PRO D 784 -25.87 9.71 -11.16
N LYS D 785 -26.03 9.25 -9.93
CA LYS D 785 -25.00 8.43 -9.29
C LYS D 785 -24.85 7.10 -10.02
N THR D 786 -25.98 6.45 -10.29
CA THR D 786 -25.97 5.15 -10.96
C THR D 786 -26.38 5.19 -12.44
N TYR D 787 -26.83 6.35 -12.91
CA TYR D 787 -27.25 6.49 -14.30
C TYR D 787 -26.40 5.67 -15.26
N THR D 788 -27.07 4.86 -16.08
CA THR D 788 -26.37 4.00 -17.02
C THR D 788 -27.21 3.68 -18.25
N ILE D 789 -26.61 3.86 -19.43
CA ILE D 789 -27.28 3.56 -20.68
C ILE D 789 -26.98 2.11 -21.03
N LYS D 790 -27.88 1.21 -20.62
CA LYS D 790 -27.70 -0.21 -20.86
C LYS D 790 -27.56 -0.65 -22.31
N GLY D 791 -27.13 -1.89 -22.49
CA GLY D 791 -26.92 -2.46 -23.82
C GLY D 791 -27.98 -2.20 -24.88
N GLU D 792 -29.22 -2.57 -24.60
CA GLU D 792 -30.29 -2.37 -25.57
C GLU D 792 -30.35 -0.94 -26.09
N GLN D 793 -30.22 0.01 -25.17
CA GLN D 793 -30.26 1.43 -25.53
C GLN D 793 -28.99 1.87 -26.27
N LEU D 794 -27.83 1.34 -25.88
CA LEU D 794 -26.58 1.70 -26.55
C LEU D 794 -26.66 1.21 -28.00
N LYS D 795 -27.25 0.03 -28.15
CA LYS D 795 -27.41 -0.57 -29.46
C LYS D 795 -28.28 0.35 -30.32
N ALA D 796 -29.36 0.85 -29.73
CA ALA D 796 -30.25 1.74 -30.45
C ALA D 796 -29.53 3.01 -30.87
N LEU D 797 -28.68 3.54 -29.99
CA LEU D 797 -27.92 4.74 -30.31
C LEU D 797 -27.01 4.50 -31.50
N GLN D 798 -26.34 3.36 -31.49
CA GLN D 798 -25.43 2.97 -32.56
C GLN D 798 -26.16 2.85 -33.90
N GLU D 799 -27.38 2.32 -33.84
CA GLU D 799 -28.20 2.14 -35.03
C GLU D 799 -28.47 3.50 -35.67
N ASN D 800 -28.86 4.45 -34.84
CA ASN D 800 -29.16 5.80 -35.33
C ASN D 800 -27.90 6.50 -35.82
N MET D 801 -26.80 6.36 -35.07
CA MET D 801 -25.52 6.99 -35.43
C MET D 801 -24.98 6.43 -36.74
N LEU D 802 -25.21 5.13 -36.95
CA LEU D 802 -24.76 4.45 -38.16
C LEU D 802 -25.38 4.98 -39.45
N HIS D 803 -26.69 4.85 -39.57
CA HIS D 803 -27.37 5.28 -40.79
C HIS D 803 -27.57 6.78 -40.94
N PHE D 804 -27.58 7.51 -39.85
CA PHE D 804 -27.81 8.95 -39.93
C PHE D 804 -26.57 9.81 -39.83
N PHE D 805 -25.42 9.21 -39.57
CA PHE D 805 -24.19 10.00 -39.44
C PHE D 805 -22.96 9.32 -40.03
N VAL D 806 -22.72 8.10 -39.61
CA VAL D 806 -21.56 7.35 -40.09
C VAL D 806 -21.61 7.06 -41.59
N GLU D 807 -22.76 6.62 -42.10
CA GLU D 807 -22.88 6.33 -43.53
C GLU D 807 -22.53 7.55 -44.39
N PRO D 808 -23.10 8.72 -44.06
CA PRO D 808 -22.71 9.84 -44.93
C PRO D 808 -21.22 10.20 -44.79
N LEU D 809 -20.67 9.98 -43.60
CA LEU D 809 -19.25 10.24 -43.35
C LEU D 809 -18.39 9.35 -44.22
N ARG D 810 -18.74 8.07 -44.28
CA ARG D 810 -18.01 7.10 -45.08
C ARG D 810 -18.07 7.50 -46.55
N ASN D 811 -19.23 8.00 -46.98
CA ASN D 811 -19.38 8.44 -48.36
C ASN D 811 -18.51 9.66 -48.61
N GLY D 812 -18.44 10.54 -47.62
CA GLY D 812 -17.61 11.72 -47.72
C GLY D 812 -16.15 11.32 -47.82
N ILE D 813 -15.76 10.34 -47.01
CA ILE D 813 -14.38 9.84 -47.02
C ILE D 813 -14.02 9.27 -48.39
N THR D 814 -14.89 8.42 -48.92
CA THR D 814 -14.67 7.79 -50.22
C THR D 814 -14.44 8.86 -51.27
N GLN D 815 -15.24 9.93 -51.20
CA GLN D 815 -15.11 11.02 -52.14
C GLN D 815 -13.79 11.77 -51.94
N THR D 816 -13.30 11.78 -50.71
CA THR D 816 -12.08 12.50 -50.41
C THR D 816 -10.83 11.71 -50.79
N VAL D 817 -10.78 10.42 -50.43
CA VAL D 817 -9.61 9.62 -50.75
C VAL D 817 -9.66 9.04 -52.16
N GLY D 818 -10.85 9.03 -52.76
CA GLY D 818 -10.98 8.52 -54.11
C GLY D 818 -11.56 7.12 -54.28
N GLU D 819 -12.53 7.00 -55.18
CA GLU D 819 -13.16 5.73 -55.48
C GLU D 819 -12.14 4.69 -55.90
N SER D 820 -11.13 5.14 -56.66
CA SER D 820 -10.09 4.24 -57.13
C SER D 820 -9.40 3.55 -55.96
N LEU D 821 -9.02 4.33 -54.95
CA LEU D 821 -8.36 3.77 -53.78
C LEU D 821 -9.27 2.74 -53.10
N VAL D 822 -10.55 3.08 -52.97
CA VAL D 822 -11.51 2.18 -52.34
C VAL D 822 -11.56 0.84 -53.08
N TYR D 823 -11.58 0.90 -54.40
CA TYR D 823 -11.60 -0.30 -55.23
C TYR D 823 -10.34 -1.15 -54.99
N SER D 824 -9.18 -0.50 -54.93
CA SER D 824 -7.93 -1.23 -54.69
C SER D 824 -7.99 -1.96 -53.35
N THR D 825 -8.45 -1.27 -52.32
CA THR D 825 -8.53 -1.89 -51.00
C THR D 825 -9.49 -3.08 -51.02
N GLU D 826 -10.57 -2.96 -51.78
CA GLU D 826 -11.56 -4.04 -51.90
C GLU D 826 -10.93 -5.28 -52.53
N GLN D 827 -10.22 -5.09 -53.64
CA GLN D 827 -9.58 -6.21 -54.31
C GLN D 827 -8.49 -6.82 -53.43
N LEU D 828 -7.76 -5.95 -52.73
CA LEU D 828 -6.68 -6.38 -51.82
C LEU D 828 -7.22 -7.25 -50.70
N GLN D 829 -8.39 -6.86 -50.17
CA GLN D 829 -9.04 -7.59 -49.09
C GLN D 829 -9.57 -8.94 -49.59
N LYS D 830 -10.17 -8.95 -50.77
CA LYS D 830 -10.69 -10.19 -51.33
C LYS D 830 -9.58 -11.18 -51.56
N ALA D 831 -8.56 -10.74 -52.28
CA ALA D 831 -7.41 -11.57 -52.60
C ALA D 831 -6.77 -12.19 -51.37
N THR D 832 -6.44 -11.37 -50.39
CA THR D 832 -5.79 -11.90 -49.20
C THR D 832 -6.71 -12.76 -48.35
N GLN D 833 -8.00 -12.44 -48.34
CA GLN D 833 -8.95 -13.24 -47.58
C GLN D 833 -9.08 -14.60 -48.24
N ILE D 834 -9.25 -14.59 -49.56
CA ILE D 834 -9.40 -15.82 -50.32
C ILE D 834 -8.22 -16.76 -50.11
N GLN D 835 -7.01 -16.23 -50.24
CA GLN D 835 -5.81 -17.03 -50.07
C GLN D 835 -5.70 -17.59 -48.65
N SER D 836 -6.07 -16.77 -47.66
CA SER D 836 -6.00 -17.18 -46.26
C SER D 836 -6.98 -18.31 -45.95
N VAL D 837 -8.12 -18.31 -46.63
CA VAL D 837 -9.12 -19.36 -46.43
C VAL D 837 -8.52 -20.71 -46.82
N VAL D 838 -7.84 -20.73 -47.96
CA VAL D 838 -7.21 -21.95 -48.44
C VAL D 838 -6.07 -22.40 -47.53
N LEU D 839 -5.21 -21.46 -47.12
CA LEU D 839 -4.09 -21.79 -46.26
C LEU D 839 -4.54 -22.44 -44.96
N GLU D 840 -5.57 -21.86 -44.36
CA GLU D 840 -6.14 -22.36 -43.12
C GLU D 840 -6.74 -23.75 -43.33
N ASP D 841 -7.48 -23.90 -44.41
CA ASP D 841 -8.14 -25.18 -44.70
C ASP D 841 -7.16 -26.29 -45.04
N MET D 842 -6.14 -25.98 -45.83
CA MET D 842 -5.14 -26.96 -46.20
C MET D 842 -4.31 -27.39 -44.99
N PHE D 843 -3.93 -26.42 -44.17
CA PHE D 843 -3.13 -26.70 -42.99
C PHE D 843 -3.91 -27.63 -42.05
N LYS D 844 -5.20 -27.34 -41.89
CA LYS D 844 -6.06 -28.13 -41.03
C LYS D 844 -6.28 -29.56 -41.54
N GLN D 845 -6.53 -29.71 -42.84
CA GLN D 845 -6.73 -31.04 -43.42
C GLN D 845 -5.46 -31.88 -43.27
N ARG D 846 -4.31 -31.23 -43.46
CA ARG D 846 -3.02 -31.90 -43.36
C ARG D 846 -2.71 -32.28 -41.92
N VAL D 847 -3.20 -31.47 -40.97
CA VAL D 847 -3.00 -31.77 -39.57
C VAL D 847 -3.82 -33.02 -39.24
N GLN D 848 -5.08 -33.04 -39.66
CA GLN D 848 -5.95 -34.17 -39.37
C GLN D 848 -5.49 -35.47 -40.05
N GLU D 849 -4.92 -35.34 -41.24
CA GLU D 849 -4.42 -36.52 -41.96
C GLU D 849 -3.21 -37.10 -41.24
N LYS D 850 -2.37 -36.22 -40.70
CA LYS D 850 -1.19 -36.67 -39.98
C LYS D 850 -1.63 -37.34 -38.69
N LEU D 851 -2.70 -36.80 -38.09
CA LEU D 851 -3.23 -37.35 -36.85
C LEU D 851 -3.87 -38.72 -37.04
N ALA D 852 -4.62 -38.89 -38.13
CA ALA D 852 -5.27 -40.17 -38.41
C ALA D 852 -4.18 -41.22 -38.61
N GLU D 853 -3.04 -40.77 -39.11
CA GLU D 853 -1.88 -41.60 -39.38
C GLU D 853 -1.24 -42.03 -38.06
N LYS D 854 -0.95 -41.03 -37.22
CA LYS D 854 -0.33 -41.26 -35.91
C LYS D 854 -1.24 -42.10 -35.01
N ALA D 855 -2.53 -42.15 -35.36
CA ALA D 855 -3.49 -42.92 -34.58
C ALA D 855 -3.20 -44.41 -34.71
N LYS D 856 -2.43 -44.76 -35.74
CA LYS D 856 -2.05 -46.16 -35.99
C LYS D 856 -0.76 -46.50 -35.21
N ASP D 857 0.00 -45.46 -34.86
CA ASP D 857 1.26 -45.63 -34.14
C ASP D 857 1.05 -46.04 -32.68
N PRO D 858 1.55 -47.24 -32.29
CA PRO D 858 1.41 -47.74 -30.93
C PRO D 858 2.11 -46.90 -29.86
N THR D 859 3.14 -46.16 -30.26
CA THR D 859 3.88 -45.32 -29.32
C THR D 859 3.22 -43.96 -29.13
N TRP D 860 2.22 -43.67 -29.96
CA TRP D 860 1.52 -42.39 -29.91
C TRP D 860 0.22 -42.47 -29.12
N LYS D 861 -0.12 -41.37 -28.46
CA LYS D 861 -1.34 -41.27 -27.67
C LYS D 861 -2.06 -39.97 -27.99
N LYS D 862 -3.38 -40.02 -28.04
CA LYS D 862 -4.22 -38.87 -28.34
C LYS D 862 -3.60 -37.49 -28.09
N GLY D 863 -3.77 -36.98 -26.88
CA GLY D 863 -3.24 -35.67 -26.53
C GLY D 863 -1.83 -35.28 -26.92
N ASP D 864 -1.02 -36.23 -27.39
CA ASP D 864 0.36 -35.93 -27.76
C ASP D 864 0.49 -34.93 -28.92
N PHE D 865 -0.50 -34.91 -29.80
CA PHE D 865 -0.47 -34.03 -30.97
C PHE D 865 0.78 -34.34 -31.82
N LEU D 866 1.23 -33.38 -32.63
CA LEU D 866 2.38 -33.59 -33.51
C LEU D 866 3.71 -33.07 -32.97
N THR D 867 4.81 -33.49 -33.59
CA THR D 867 6.14 -33.03 -33.21
C THR D 867 6.38 -31.74 -33.99
N GLN D 868 7.42 -31.01 -33.61
CA GLN D 868 7.74 -29.76 -34.29
C GLN D 868 8.09 -30.02 -35.75
N LYS D 869 8.94 -31.03 -35.98
CA LYS D 869 9.35 -31.40 -37.33
C LYS D 869 8.14 -31.65 -38.23
N GLU D 870 7.15 -32.37 -37.70
CA GLU D 870 5.93 -32.67 -38.44
C GLU D 870 5.13 -31.42 -38.73
N LEU D 871 5.09 -30.50 -37.78
CA LEU D 871 4.34 -29.27 -37.99
C LEU D 871 5.09 -28.42 -39.01
N ASN D 872 6.42 -28.44 -38.94
CA ASN D 872 7.21 -27.67 -39.90
C ASN D 872 6.97 -28.16 -41.33
N ASP D 873 6.87 -29.49 -41.51
CA ASP D 873 6.64 -30.07 -42.83
C ASP D 873 5.30 -29.65 -43.40
N ILE D 874 4.28 -29.57 -42.54
CA ILE D 874 2.96 -29.16 -42.98
C ILE D 874 2.99 -27.68 -43.38
N GLN D 875 3.75 -26.88 -42.64
CA GLN D 875 3.88 -25.47 -42.93
C GLN D 875 4.58 -25.30 -44.28
N ALA D 876 5.66 -26.05 -44.49
CA ALA D 876 6.43 -26.01 -45.73
C ALA D 876 5.62 -26.46 -46.95
N SER D 877 4.62 -27.30 -46.73
CA SER D 877 3.79 -27.78 -47.82
C SER D 877 2.87 -26.67 -48.34
N LEU D 878 2.87 -25.53 -47.65
CA LEU D 878 2.04 -24.41 -48.06
C LEU D 878 2.83 -23.35 -48.82
N ASN D 879 4.15 -23.47 -48.81
CA ASN D 879 4.98 -22.50 -49.50
C ASN D 879 4.64 -22.34 -50.98
N ASN D 880 4.15 -23.41 -51.61
CA ASN D 880 3.79 -23.33 -53.02
C ASN D 880 2.54 -22.49 -53.25
N LEU D 881 1.81 -22.16 -52.17
CA LEU D 881 0.61 -21.33 -52.29
C LEU D 881 1.00 -19.86 -52.05
N ALA D 882 2.29 -19.62 -51.88
CA ALA D 882 2.86 -18.29 -51.64
C ALA D 882 2.20 -17.51 -50.50
N PRO D 883 2.32 -18.03 -49.27
CA PRO D 883 1.75 -17.40 -48.07
C PRO D 883 2.42 -16.07 -47.71
N MET D 884 3.67 -15.90 -48.10
CA MET D 884 4.42 -14.68 -47.79
C MET D 884 4.38 -13.63 -48.91
N ILE D 885 4.18 -12.38 -48.54
CA ILE D 885 4.18 -11.29 -49.51
C ILE D 885 5.56 -10.67 -49.39
N GLU D 886 6.33 -10.71 -50.47
CA GLU D 886 7.69 -10.16 -50.47
C GLU D 886 7.73 -8.85 -51.25
N THR D 887 8.35 -7.83 -50.67
CA THR D 887 8.44 -6.55 -51.35
C THR D 887 9.87 -6.33 -51.83
N GLY D 888 10.78 -7.17 -51.35
CA GLY D 888 12.17 -7.02 -51.72
C GLY D 888 12.96 -6.47 -50.54
N SER D 889 12.26 -5.87 -49.57
CA SER D 889 12.89 -5.32 -48.37
C SER D 889 12.09 -5.60 -47.11
N GLN D 890 10.88 -6.12 -47.29
CA GLN D 890 9.99 -6.47 -46.18
C GLN D 890 9.26 -7.76 -46.53
N THR D 891 8.77 -8.45 -45.51
CA THR D 891 8.03 -9.69 -45.70
C THR D 891 6.79 -9.64 -44.84
N PHE D 892 5.64 -10.01 -45.39
CA PHE D 892 4.39 -9.99 -44.66
C PHE D 892 3.68 -11.34 -44.74
N TYR D 893 3.15 -11.77 -43.61
CA TYR D 893 2.42 -13.04 -43.52
C TYR D 893 1.05 -12.71 -42.95
N ILE D 894 0.15 -12.28 -43.83
CA ILE D 894 -1.19 -11.88 -43.43
C ILE D 894 -1.99 -12.94 -42.66
N ALA D 895 -1.90 -14.19 -43.08
CA ALA D 895 -2.66 -15.26 -42.43
C ALA D 895 -2.04 -15.80 -41.13
N GLY D 896 -0.78 -15.50 -40.89
CA GLY D 896 -0.11 -15.99 -39.70
C GLY D 896 -0.83 -15.74 -38.39
N SER D 897 -0.85 -16.74 -37.52
CA SER D 897 -1.51 -16.61 -36.22
C SER D 897 -1.22 -17.77 -35.26
N GLU D 898 -1.57 -17.54 -34.01
CA GLU D 898 -1.42 -18.51 -32.94
C GLU D 898 -2.84 -18.76 -32.45
N ASN D 899 -3.48 -19.84 -32.90
CA ASN D 899 -4.84 -20.10 -32.47
C ASN D 899 -5.03 -21.47 -31.83
N ALA D 900 -6.16 -21.63 -31.14
CA ALA D 900 -6.50 -22.88 -30.46
C ALA D 900 -7.37 -23.83 -31.27
N GLU D 901 -7.90 -23.36 -32.40
CA GLU D 901 -8.78 -24.21 -33.22
C GLU D 901 -8.10 -25.36 -33.93
N VAL D 902 -6.83 -25.18 -34.30
CA VAL D 902 -6.10 -26.24 -35.01
C VAL D 902 -5.96 -27.54 -34.22
N ALA D 903 -5.60 -27.45 -32.94
CA ALA D 903 -5.45 -28.66 -32.14
C ALA D 903 -6.75 -29.02 -31.40
N ASN D 904 -7.55 -28.01 -31.09
CA ASN D 904 -8.83 -28.22 -30.40
C ASN D 904 -8.70 -29.15 -29.17
N GLN D 905 -7.75 -28.85 -28.30
CA GLN D 905 -7.54 -29.67 -27.11
C GLN D 905 -6.81 -28.88 -26.04
N VAL D 906 -6.84 -29.39 -24.83
CA VAL D 906 -6.17 -28.75 -23.72
C VAL D 906 -4.71 -29.14 -23.76
N LEU D 907 -3.81 -28.20 -23.46
CA LEU D 907 -2.40 -28.50 -23.46
C LEU D 907 -1.99 -29.05 -22.09
N ALA D 908 -2.46 -28.41 -21.03
CA ALA D 908 -2.14 -28.84 -19.67
C ALA D 908 -3.04 -28.15 -18.66
N THR D 909 -3.01 -28.63 -17.42
CA THR D 909 -3.83 -28.07 -16.34
C THR D 909 -2.99 -28.05 -15.08
N ASN D 910 -3.48 -27.41 -14.03
CA ASN D 910 -2.73 -27.44 -12.78
C ASN D 910 -3.22 -28.71 -12.09
N LEU D 911 -2.68 -28.99 -10.91
CA LEU D 911 -3.04 -30.20 -10.18
C LEU D 911 -4.41 -30.20 -9.50
N ASP D 912 -5.20 -29.16 -9.70
CA ASP D 912 -6.54 -29.10 -9.12
C ASP D 912 -7.54 -29.33 -10.24
N ASP D 913 -7.02 -29.68 -11.41
CA ASP D 913 -7.83 -29.90 -12.59
C ASP D 913 -8.44 -28.59 -13.10
N ARG D 914 -7.74 -27.48 -12.85
CA ARG D 914 -8.20 -26.17 -13.30
C ARG D 914 -7.08 -25.48 -14.07
N MET D 915 -7.32 -24.24 -14.49
CA MET D 915 -6.32 -23.50 -15.28
C MET D 915 -5.96 -24.37 -16.50
N ARG D 916 -6.99 -24.78 -17.22
CA ARG D 916 -6.84 -25.62 -18.41
C ARG D 916 -6.50 -24.78 -19.63
N VAL D 917 -5.21 -24.66 -19.88
CA VAL D 917 -4.69 -23.87 -20.99
C VAL D 917 -4.90 -24.56 -22.32
N PRO D 918 -5.59 -23.90 -23.26
CA PRO D 918 -5.81 -24.54 -24.55
C PRO D 918 -4.50 -24.63 -25.34
N MET D 919 -4.33 -25.70 -26.11
CA MET D 919 -3.14 -25.84 -26.90
C MET D 919 -3.28 -25.00 -28.17
N SER D 920 -2.45 -23.98 -28.29
CA SER D 920 -2.46 -23.11 -29.44
C SER D 920 -1.21 -23.40 -30.23
N ILE D 921 -1.30 -23.29 -31.55
CA ILE D 921 -0.13 -23.52 -32.39
C ILE D 921 -0.10 -22.46 -33.48
N TYR D 922 1.11 -22.24 -34.01
CA TYR D 922 1.33 -21.27 -35.06
C TYR D 922 0.76 -21.85 -36.36
N ALA D 923 -0.25 -21.20 -36.92
CA ALA D 923 -0.88 -21.66 -38.16
C ALA D 923 -1.66 -20.55 -38.84
N PRO D 924 -1.94 -20.72 -40.13
CA PRO D 924 -2.70 -19.71 -40.88
C PRO D 924 -4.19 -19.73 -40.50
N ALA D 925 -4.77 -18.55 -40.37
CA ALA D 925 -6.19 -18.40 -40.06
C ALA D 925 -6.70 -17.39 -41.06
N GLN D 926 -8.02 -17.25 -41.19
CA GLN D 926 -8.58 -16.31 -42.14
C GLN D 926 -8.13 -14.89 -41.83
N ALA D 927 -7.79 -14.15 -42.88
CA ALA D 927 -7.31 -12.79 -42.75
C ALA D 927 -8.41 -11.76 -42.43
N GLY D 928 -9.63 -12.06 -42.83
CA GLY D 928 -10.71 -11.11 -42.61
C GLY D 928 -10.39 -9.87 -43.43
N VAL D 929 -10.16 -8.75 -42.75
CA VAL D 929 -9.85 -7.49 -43.43
C VAL D 929 -8.39 -7.07 -43.21
N ALA D 930 -7.65 -7.90 -42.46
CA ALA D 930 -6.26 -7.62 -42.10
C ALA D 930 -5.32 -7.23 -43.24
N GLY D 931 -5.58 -7.77 -44.42
CA GLY D 931 -4.73 -7.45 -45.56
C GLY D 931 -4.59 -5.95 -45.77
N ILE D 932 -5.67 -5.20 -45.55
CA ILE D 932 -5.65 -3.75 -45.73
C ILE D 932 -4.65 -3.05 -44.80
N PRO D 933 -4.76 -3.27 -43.48
CA PRO D 933 -3.83 -2.64 -42.53
C PRO D 933 -2.39 -3.11 -42.74
N PHE D 934 -2.21 -4.42 -42.92
CA PHE D 934 -0.88 -4.97 -43.11
C PHE D 934 -0.12 -4.27 -44.23
N MET D 935 -0.74 -4.17 -45.39
CA MET D 935 -0.07 -3.53 -46.52
C MET D 935 0.00 -2.00 -46.43
N THR D 936 -1.07 -1.35 -45.97
CA THR D 936 -1.07 0.11 -45.87
C THR D 936 -0.05 0.58 -44.84
N ILE D 937 -0.07 -0.04 -43.66
CA ILE D 937 0.87 0.32 -42.61
C ILE D 937 2.27 -0.15 -43.04
N GLY D 938 2.35 -1.42 -43.40
CA GLY D 938 3.62 -1.99 -43.81
C GLY D 938 4.40 -1.25 -44.89
N THR D 939 3.81 -1.04 -46.06
CA THR D 939 4.53 -0.37 -47.14
C THR D 939 4.45 1.16 -47.06
N GLY D 940 3.66 1.65 -46.12
CA GLY D 940 3.51 3.08 -45.91
C GLY D 940 4.51 3.56 -44.86
N ASP D 941 4.05 3.81 -43.63
CA ASP D 941 4.96 4.28 -42.59
C ASP D 941 6.03 3.26 -42.21
N GLY D 942 5.72 1.97 -42.31
CA GLY D 942 6.70 0.96 -41.95
C GLY D 942 7.94 1.03 -42.83
N MET D 943 7.74 1.04 -44.15
CA MET D 943 8.83 1.11 -45.11
C MET D 943 9.58 2.43 -44.97
N MET D 944 8.84 3.51 -44.80
CA MET D 944 9.46 4.83 -44.67
C MET D 944 10.45 4.89 -43.51
N MET D 945 10.03 4.47 -42.31
CA MET D 945 10.89 4.49 -41.14
C MET D 945 12.09 3.54 -41.28
N GLN D 946 11.83 2.38 -41.84
CA GLN D 946 12.89 1.39 -42.04
C GLN D 946 13.92 2.01 -42.98
N THR D 947 13.44 2.74 -43.97
CA THR D 947 14.30 3.40 -44.95
C THR D 947 15.06 4.54 -44.29
N LEU D 948 14.33 5.33 -43.50
CA LEU D 948 14.91 6.48 -42.80
C LEU D 948 16.04 6.05 -41.86
N SER D 949 15.98 4.81 -41.38
CA SER D 949 17.00 4.29 -40.46
C SER D 949 18.25 3.77 -41.17
N THR D 950 18.13 3.43 -42.45
CA THR D 950 19.27 2.83 -43.16
C THR D 950 19.75 3.54 -44.41
N MET D 951 19.00 4.55 -44.85
CA MET D 951 19.35 5.27 -46.07
C MET D 951 20.65 6.02 -45.94
N LYS D 952 21.18 6.44 -47.09
CA LYS D 952 22.40 7.23 -47.12
C LYS D 952 22.10 8.48 -46.31
N GLY D 953 22.99 8.82 -45.38
CA GLY D 953 22.80 10.00 -44.56
C GLY D 953 21.65 9.89 -43.56
N ALA D 954 21.31 8.66 -43.17
CA ALA D 954 20.23 8.43 -42.21
C ALA D 954 20.47 9.25 -40.95
N PRO D 955 19.43 9.96 -40.45
CA PRO D 955 19.53 10.78 -39.25
C PRO D 955 19.74 9.99 -37.97
N LYS D 956 20.71 10.39 -37.15
CA LYS D 956 20.98 9.70 -35.89
C LYS D 956 20.38 10.49 -34.74
N ASN D 957 20.39 9.89 -33.54
CA ASN D 957 19.87 10.51 -32.33
C ASN D 957 18.42 10.99 -32.41
N THR D 958 17.55 10.19 -32.99
CA THR D 958 16.13 10.54 -33.11
C THR D 958 15.29 9.48 -32.42
N LEU D 959 14.01 9.79 -32.22
CA LEU D 959 13.09 8.82 -31.65
C LEU D 959 11.98 8.72 -32.70
N LYS D 960 11.86 7.55 -33.31
CA LYS D 960 10.82 7.35 -34.32
C LYS D 960 9.56 6.81 -33.67
N ILE D 961 8.43 7.38 -34.05
CA ILE D 961 7.18 6.95 -33.47
C ILE D 961 6.15 6.61 -34.55
N PHE D 962 6.59 5.77 -35.49
CA PHE D 962 5.74 5.28 -36.56
C PHE D 962 5.44 6.28 -37.69
N ASP D 963 4.69 7.34 -37.39
CA ASP D 963 4.38 8.32 -38.44
C ASP D 963 4.89 9.71 -38.07
N GLY D 964 5.94 9.74 -37.26
CA GLY D 964 6.53 10.98 -36.82
C GLY D 964 7.89 10.68 -36.21
N MET D 965 8.80 11.65 -36.25
CA MET D 965 10.13 11.46 -35.69
C MET D 965 10.65 12.70 -34.94
N ASN D 966 11.03 12.51 -33.68
CA ASN D 966 11.55 13.61 -32.84
C ASN D 966 13.03 13.88 -33.20
N ILE D 967 13.35 15.14 -33.44
CA ILE D 967 14.68 15.53 -33.88
C ILE D 967 15.35 16.59 -33.02
N GLY D 968 16.67 16.46 -32.84
CA GLY D 968 17.43 17.45 -32.09
C GLY D 968 17.39 18.78 -32.84
N LEU D 969 17.45 19.90 -32.13
CA LEU D 969 17.35 21.20 -32.79
C LEU D 969 18.45 21.59 -33.79
N ASN D 970 19.64 21.01 -33.69
CA ASN D 970 20.69 21.34 -34.65
C ASN D 970 20.51 20.58 -35.96
N ASP D 971 19.66 19.56 -35.95
CA ASP D 971 19.46 18.74 -37.16
C ASP D 971 18.07 18.79 -37.79
N ILE D 972 17.21 19.70 -37.36
CA ILE D 972 15.85 19.76 -37.90
C ILE D 972 15.73 19.86 -39.42
N THR D 973 16.61 20.59 -40.07
CA THR D 973 16.55 20.72 -41.52
C THR D 973 16.96 19.44 -42.27
N ASP D 974 18.18 18.98 -42.03
CA ASP D 974 18.64 17.78 -42.73
C ASP D 974 17.83 16.54 -42.38
N ALA D 975 17.47 16.39 -41.11
CA ALA D 975 16.70 15.22 -40.69
C ALA D 975 15.30 15.23 -41.29
N SER D 976 14.70 16.41 -41.42
CA SER D 976 13.36 16.48 -42.00
C SER D 976 13.43 16.23 -43.50
N ARG D 977 14.47 16.75 -44.16
CA ARG D 977 14.63 16.55 -45.58
C ARG D 977 14.81 15.05 -45.88
N LYS D 978 15.59 14.37 -45.04
CA LYS D 978 15.82 12.93 -45.21
C LYS D 978 14.51 12.18 -44.96
N ALA D 979 13.74 12.64 -43.98
CA ALA D 979 12.45 12.01 -43.68
C ALA D 979 11.55 12.12 -44.92
N ASN D 980 11.56 13.26 -45.57
CA ASN D 980 10.75 13.47 -46.76
C ASN D 980 11.25 12.67 -47.96
N GLU D 981 12.55 12.36 -47.95
CA GLU D 981 13.16 11.56 -49.02
C GLU D 981 12.74 10.10 -48.79
N ALA D 982 12.68 9.71 -47.52
CA ALA D 982 12.30 8.36 -47.13
C ALA D 982 10.83 8.12 -47.50
N VAL D 983 10.01 9.17 -47.36
CA VAL D 983 8.59 9.08 -47.71
C VAL D 983 8.51 8.85 -49.22
N TYR D 984 9.29 9.62 -49.98
CA TYR D 984 9.26 9.49 -51.42
C TYR D 984 9.69 8.08 -51.88
N THR D 985 10.71 7.52 -51.25
CA THR D 985 11.16 6.19 -51.65
C THR D 985 10.09 5.16 -51.34
N SER D 986 9.39 5.32 -50.23
CA SER D 986 8.33 4.38 -49.86
C SER D 986 7.19 4.52 -50.85
N TRP D 987 7.01 5.74 -51.37
CA TRP D 987 5.95 6.00 -52.34
C TRP D 987 6.27 5.41 -53.70
N GLN D 988 7.44 4.77 -53.80
CA GLN D 988 7.85 4.12 -55.04
C GLN D 988 7.44 2.65 -54.96
N GLY D 989 6.85 2.27 -53.83
CA GLY D 989 6.41 0.90 -53.63
C GLY D 989 5.14 0.57 -54.40
N ASN D 990 4.75 -0.70 -54.37
CA ASN D 990 3.56 -1.14 -55.07
C ASN D 990 3.00 -2.35 -54.32
N PRO D 991 2.32 -2.11 -53.18
CA PRO D 991 1.75 -3.20 -52.40
C PRO D 991 0.84 -4.10 -53.25
N ILE D 992 -0.02 -3.49 -54.07
CA ILE D 992 -0.92 -4.28 -54.89
C ILE D 992 -0.14 -5.24 -55.79
N LYS D 993 1.02 -4.80 -56.30
CA LYS D 993 1.85 -5.65 -57.13
C LYS D 993 2.40 -6.82 -56.32
N ASN D 994 2.82 -6.56 -55.09
CA ASN D 994 3.35 -7.62 -54.23
C ASN D 994 2.25 -8.65 -53.94
N VAL D 995 1.04 -8.17 -53.70
CA VAL D 995 -0.07 -9.08 -53.44
C VAL D 995 -0.42 -9.82 -54.71
N TYR D 996 -0.30 -9.14 -55.85
CA TYR D 996 -0.59 -9.79 -57.13
C TYR D 996 0.36 -10.96 -57.37
N GLU D 997 1.66 -10.73 -57.15
CA GLU D 997 2.64 -11.78 -57.37
C GLU D 997 2.37 -12.98 -56.48
N SER D 998 2.00 -12.73 -55.24
CA SER D 998 1.70 -13.80 -54.30
C SER D 998 0.42 -14.53 -54.75
N TYR D 999 -0.62 -13.78 -55.04
CA TYR D 999 -1.90 -14.35 -55.47
C TYR D 999 -1.77 -15.13 -56.78
N ALA D 1000 -0.93 -14.67 -57.71
CA ALA D 1000 -0.78 -15.38 -58.97
C ALA D 1000 -0.14 -16.74 -58.76
N LYS D 1001 0.87 -16.80 -57.90
CA LYS D 1001 1.52 -18.06 -57.62
C LYS D 1001 0.49 -18.96 -56.95
N PHE D 1002 -0.30 -18.38 -56.06
CA PHE D 1002 -1.37 -19.08 -55.33
C PHE D 1002 -2.34 -19.77 -56.29
N MET D 1003 -2.77 -19.05 -57.31
CA MET D 1003 -3.75 -19.59 -58.28
C MET D 1003 -3.21 -20.74 -59.11
N LYS D 1004 -1.89 -20.81 -59.26
CA LYS D 1004 -1.29 -21.89 -60.04
C LYS D 1004 -1.08 -23.15 -59.20
N ASN D 1005 -1.24 -23.03 -57.89
CA ASN D 1005 -1.02 -24.18 -57.02
C ASN D 1005 -2.21 -24.61 -56.19
N VAL D 1006 -3.25 -23.80 -56.19
CA VAL D 1006 -4.45 -24.10 -55.41
C VAL D 1006 -5.26 -25.25 -56.03
N ASP D 1007 -5.81 -26.09 -55.16
CA ASP D 1007 -6.63 -27.21 -55.59
C ASP D 1007 -8.01 -27.01 -54.98
N PHE D 1008 -8.90 -26.34 -55.72
CA PHE D 1008 -10.24 -26.08 -55.21
C PHE D 1008 -11.03 -27.35 -54.91
N SER D 1009 -10.70 -28.42 -55.62
CA SER D 1009 -11.43 -29.68 -55.42
C SER D 1009 -11.11 -30.35 -54.09
N LYS D 1010 -10.04 -29.92 -53.42
CA LYS D 1010 -9.68 -30.53 -52.13
C LYS D 1010 -10.30 -29.79 -50.97
N LEU D 1011 -10.71 -28.55 -51.22
CA LEU D 1011 -11.31 -27.70 -50.19
C LEU D 1011 -12.58 -28.25 -49.57
N SER D 1012 -12.74 -28.04 -48.27
CA SER D 1012 -13.94 -28.47 -47.56
C SER D 1012 -15.05 -27.53 -48.03
N PRO D 1013 -16.32 -27.96 -47.92
CA PRO D 1013 -17.42 -27.12 -48.35
C PRO D 1013 -17.52 -25.77 -47.59
N GLU D 1014 -17.06 -25.74 -46.35
CA GLU D 1014 -17.09 -24.50 -45.57
C GLU D 1014 -16.12 -23.48 -46.15
N ALA D 1015 -14.99 -23.97 -46.66
CA ALA D 1015 -13.98 -23.10 -47.24
C ALA D 1015 -14.42 -22.59 -48.61
N LEU D 1016 -15.06 -23.45 -49.40
CA LEU D 1016 -15.54 -23.04 -50.71
C LEU D 1016 -16.55 -21.91 -50.55
N GLU D 1017 -17.39 -22.04 -49.54
CA GLU D 1017 -18.40 -21.03 -49.26
C GLU D 1017 -17.75 -19.70 -48.86
N ALA D 1018 -16.71 -19.76 -48.04
CA ALA D 1018 -16.02 -18.56 -47.60
C ALA D 1018 -15.43 -17.82 -48.80
N ILE D 1019 -14.90 -18.57 -49.76
CA ILE D 1019 -14.30 -17.98 -50.95
C ILE D 1019 -15.40 -17.39 -51.82
N GLY D 1020 -16.50 -18.13 -51.93
CA GLY D 1020 -17.62 -17.66 -52.71
C GLY D 1020 -18.14 -16.35 -52.18
N LYS D 1021 -18.00 -16.13 -50.87
CA LYS D 1021 -18.46 -14.89 -50.24
C LYS D 1021 -17.62 -13.68 -50.63
N SER D 1022 -16.35 -13.91 -50.93
CA SER D 1022 -15.46 -12.83 -51.33
C SER D 1022 -15.34 -12.71 -52.84
N ALA D 1023 -15.40 -13.84 -53.53
CA ALA D 1023 -15.26 -13.86 -54.99
C ALA D 1023 -16.53 -13.68 -55.82
N LEU D 1024 -17.70 -13.95 -55.24
CA LEU D 1024 -18.94 -13.83 -56.00
C LEU D 1024 -19.96 -12.87 -55.43
N GLU D 1025 -20.90 -12.46 -56.28
CA GLU D 1025 -21.97 -11.57 -55.86
C GLU D 1025 -22.91 -12.37 -54.98
N TYR D 1026 -23.67 -11.69 -54.15
CA TYR D 1026 -24.61 -12.34 -53.24
C TYR D 1026 -25.52 -13.36 -53.95
N ASP D 1027 -25.99 -13.01 -55.14
CA ASP D 1027 -26.88 -13.88 -55.92
C ASP D 1027 -26.29 -15.20 -56.36
N GLN D 1028 -25.07 -15.15 -56.87
CA GLN D 1028 -24.36 -16.31 -57.40
C GLN D 1028 -23.88 -17.35 -56.39
N ARG D 1029 -23.87 -17.00 -55.12
CA ARG D 1029 -23.37 -17.93 -54.10
C ARG D 1029 -24.13 -19.24 -53.94
N GLU D 1030 -25.31 -19.18 -53.32
CA GLU D 1030 -26.13 -20.37 -53.09
C GLU D 1030 -26.05 -21.45 -54.17
N ASN D 1031 -26.05 -21.03 -55.44
CA ASN D 1031 -26.03 -21.99 -56.54
C ASN D 1031 -24.69 -22.19 -57.25
N ALA D 1032 -23.65 -21.49 -56.80
CA ALA D 1032 -22.33 -21.60 -57.43
C ALA D 1032 -21.70 -22.98 -57.30
N THR D 1033 -20.99 -23.39 -58.35
CA THR D 1033 -20.32 -24.69 -58.36
C THR D 1033 -18.85 -24.41 -58.06
N VAL D 1034 -18.07 -25.47 -57.80
CA VAL D 1034 -16.66 -25.30 -57.53
C VAL D 1034 -16.01 -24.51 -58.67
N ASP D 1035 -16.30 -24.92 -59.89
CA ASP D 1035 -15.75 -24.22 -61.05
C ASP D 1035 -16.17 -22.74 -61.09
N ASP D 1036 -17.39 -22.43 -60.63
CA ASP D 1036 -17.86 -21.04 -60.60
C ASP D 1036 -16.99 -20.24 -59.64
N ILE D 1037 -16.68 -20.87 -58.51
CA ILE D 1037 -15.86 -20.24 -57.48
C ILE D 1037 -14.41 -20.12 -57.92
N ALA D 1038 -13.91 -21.12 -58.64
CA ALA D 1038 -12.54 -21.09 -59.11
C ALA D 1038 -12.39 -19.97 -60.13
N ASN D 1039 -13.28 -19.93 -61.10
CA ASN D 1039 -13.23 -18.88 -62.12
C ASN D 1039 -13.38 -17.50 -61.48
N ALA D 1040 -14.21 -17.39 -60.45
CA ALA D 1040 -14.40 -16.11 -59.77
C ALA D 1040 -13.09 -15.66 -59.14
N ALA D 1041 -12.45 -16.57 -58.39
CA ALA D 1041 -11.18 -16.24 -57.76
C ALA D 1041 -10.16 -15.87 -58.83
N SER D 1042 -10.22 -16.56 -59.96
CA SER D 1042 -9.27 -16.29 -61.03
C SER D 1042 -9.40 -14.87 -61.56
N LEU D 1043 -10.63 -14.37 -61.61
CA LEU D 1043 -10.88 -13.01 -62.10
C LEU D 1043 -10.24 -11.96 -61.18
N ILE D 1044 -10.22 -12.26 -59.88
CA ILE D 1044 -9.63 -11.33 -58.93
C ILE D 1044 -8.15 -11.14 -59.24
N GLU D 1045 -7.50 -12.17 -59.77
CA GLU D 1045 -6.10 -12.03 -60.16
C GLU D 1045 -5.95 -10.98 -61.26
N ARG D 1046 -6.84 -11.01 -62.25
CA ARG D 1046 -6.78 -10.04 -63.34
C ARG D 1046 -6.99 -8.61 -62.83
N ASN D 1047 -7.89 -8.46 -61.86
CA ASN D 1047 -8.17 -7.16 -61.28
C ASN D 1047 -6.88 -6.61 -60.67
N LEU D 1048 -6.25 -7.44 -59.85
CA LEU D 1048 -5.01 -7.08 -59.18
C LEU D 1048 -3.92 -6.70 -60.18
N ARG D 1049 -3.74 -7.50 -61.22
CA ARG D 1049 -2.73 -7.22 -62.22
C ARG D 1049 -2.92 -5.83 -62.84
N ASN D 1050 -4.15 -5.49 -63.18
CA ASN D 1050 -4.40 -4.20 -63.79
C ASN D 1050 -4.13 -3.02 -62.86
N ILE D 1051 -4.44 -3.16 -61.58
CA ILE D 1051 -4.19 -2.08 -60.63
C ILE D 1051 -2.68 -1.92 -60.47
N ALA D 1052 -1.99 -3.04 -60.36
CA ALA D 1052 -0.54 -3.04 -60.19
C ALA D 1052 0.14 -2.31 -61.34
N LEU D 1053 -0.36 -2.56 -62.55
CA LEU D 1053 0.19 -1.93 -63.74
C LEU D 1053 -0.09 -0.43 -63.64
N GLY D 1054 -1.31 -0.09 -63.24
CA GLY D 1054 -1.67 1.30 -63.13
C GLY D 1054 -0.78 2.05 -62.14
N VAL D 1055 -0.57 1.44 -60.98
CA VAL D 1055 0.27 2.04 -59.94
C VAL D 1055 1.69 2.24 -60.43
N ASP D 1056 2.25 1.19 -61.03
CA ASP D 1056 3.62 1.24 -61.54
C ASP D 1056 3.87 2.40 -62.50
N ILE D 1057 2.95 2.58 -63.44
CA ILE D 1057 3.08 3.66 -64.41
C ILE D 1057 2.94 5.03 -63.75
N ARG D 1058 1.92 5.19 -62.92
CA ARG D 1058 1.73 6.45 -62.22
C ARG D 1058 3.01 6.88 -61.50
N HIS D 1059 3.65 5.97 -60.79
CA HIS D 1059 4.87 6.30 -60.07
C HIS D 1059 6.00 6.72 -61.00
N LYS D 1060 6.17 6.00 -62.11
CA LYS D 1060 7.22 6.33 -63.06
C LYS D 1060 6.99 7.73 -63.63
N VAL D 1061 5.72 8.02 -63.93
CA VAL D 1061 5.32 9.31 -64.48
C VAL D 1061 5.62 10.45 -63.52
N LEU D 1062 5.23 10.31 -62.25
CA LEU D 1062 5.50 11.36 -61.27
C LEU D 1062 7.00 11.60 -61.11
N ASP D 1063 7.78 10.53 -61.20
CA ASP D 1063 9.23 10.67 -61.04
C ASP D 1063 9.88 11.45 -62.18
N LYS D 1064 9.15 11.70 -63.26
CA LYS D 1064 9.69 12.45 -64.39
C LYS D 1064 9.36 13.92 -64.24
N VAL D 1065 8.42 14.22 -63.36
CA VAL D 1065 7.96 15.58 -63.12
C VAL D 1065 8.63 16.19 -61.89
N ASN D 1066 8.63 17.52 -61.81
CA ASN D 1066 9.24 18.21 -60.69
C ASN D 1066 8.31 18.15 -59.48
N LEU D 1067 8.81 17.56 -58.40
CA LEU D 1067 8.01 17.41 -57.19
C LEU D 1067 8.74 17.89 -55.95
N SER D 1068 7.98 18.37 -54.98
CA SER D 1068 8.53 18.80 -53.70
C SER D 1068 7.69 18.03 -52.69
N ILE D 1069 8.33 17.26 -51.82
CA ILE D 1069 7.62 16.45 -50.83
C ILE D 1069 7.83 16.94 -49.40
N ASP D 1070 6.73 17.27 -48.71
CA ASP D 1070 6.83 17.72 -47.32
C ASP D 1070 5.69 17.07 -46.53
N GLN D 1071 5.72 15.75 -46.47
CA GLN D 1071 4.72 14.98 -45.75
C GLN D 1071 5.05 14.96 -44.26
N MET D 1072 6.34 14.90 -43.92
CA MET D 1072 6.80 14.91 -42.54
C MET D 1072 7.05 16.38 -42.21
N ALA D 1073 5.97 17.15 -42.18
CA ALA D 1073 6.06 18.59 -41.98
C ALA D 1073 6.28 19.15 -40.59
N ALA D 1074 6.71 20.43 -40.62
CA ALA D 1074 6.97 21.27 -39.45
C ALA D 1074 8.08 22.27 -39.75
N VAL D 1075 9.25 21.72 -40.09
CA VAL D 1075 10.46 22.48 -40.33
C VAL D 1075 10.46 23.27 -41.64
N GLY D 1076 9.81 22.72 -42.66
CA GLY D 1076 9.81 23.38 -43.94
C GLY D 1076 11.08 23.00 -44.68
N ALA D 1077 11.39 21.70 -44.68
CA ALA D 1077 12.56 21.15 -45.35
C ALA D 1077 12.08 20.06 -46.31
N PRO D 1078 11.48 20.45 -47.43
CA PRO D 1078 10.95 19.52 -48.44
C PRO D 1078 12.03 18.83 -49.27
N TYR D 1079 11.71 17.62 -49.73
CA TYR D 1079 12.63 16.85 -50.55
C TYR D 1079 12.26 17.14 -52.01
N GLN D 1080 13.27 17.41 -52.84
CA GLN D 1080 13.05 17.67 -54.27
C GLN D 1080 13.44 16.43 -55.06
N ASN D 1081 12.54 15.91 -55.88
CA ASN D 1081 12.84 14.71 -56.67
C ASN D 1081 13.65 15.06 -57.92
N ASN D 1082 13.70 16.35 -58.23
CA ASN D 1082 14.43 16.83 -59.39
C ASN D 1082 14.03 16.13 -60.70
N GLY D 1083 12.73 16.10 -60.96
CA GLY D 1083 12.23 15.52 -62.19
C GLY D 1083 12.39 16.64 -63.19
N LYS D 1084 12.72 16.31 -64.44
CA LYS D 1084 12.93 17.35 -65.44
C LYS D 1084 11.69 17.99 -66.06
N ILE D 1085 10.60 17.24 -66.21
CA ILE D 1085 9.39 17.81 -66.78
C ILE D 1085 8.78 18.81 -65.81
N ASP D 1086 8.76 20.08 -66.22
CA ASP D 1086 8.24 21.15 -65.40
C ASP D 1086 6.74 21.34 -65.56
N LEU D 1087 5.99 21.23 -64.46
CA LEU D 1087 4.55 21.42 -64.51
C LEU D 1087 4.10 22.64 -63.72
N SER D 1088 5.02 23.58 -63.51
CA SER D 1088 4.68 24.80 -62.79
C SER D 1088 3.83 25.68 -63.70
N ASN D 1089 3.12 26.64 -63.11
CA ASN D 1089 2.26 27.56 -63.86
C ASN D 1089 1.08 26.86 -64.53
N MET D 1090 0.66 25.73 -63.98
CA MET D 1090 -0.47 24.98 -64.54
C MET D 1090 -1.51 24.71 -63.47
N THR D 1091 -2.77 24.59 -63.88
CA THR D 1091 -3.84 24.30 -62.94
C THR D 1091 -3.88 22.78 -62.73
N PRO D 1092 -4.62 22.31 -61.73
CA PRO D 1092 -4.68 20.86 -61.49
C PRO D 1092 -5.22 20.13 -62.73
N GLU D 1093 -6.14 20.77 -63.44
CA GLU D 1093 -6.72 20.17 -64.64
C GLU D 1093 -5.66 19.97 -65.72
N GLN D 1094 -4.83 20.99 -65.89
CA GLN D 1094 -3.76 20.96 -66.89
C GLN D 1094 -2.65 19.98 -66.54
N GLN D 1095 -2.33 19.86 -65.27
CA GLN D 1095 -1.29 18.92 -64.87
C GLN D 1095 -1.79 17.50 -65.12
N ALA D 1096 -3.05 17.25 -64.76
CA ALA D 1096 -3.64 15.93 -64.97
C ALA D 1096 -3.53 15.56 -66.44
N ASP D 1097 -3.98 16.47 -67.30
CA ASP D 1097 -3.93 16.24 -68.73
C ASP D 1097 -2.50 15.91 -69.16
N GLU D 1098 -1.53 16.65 -68.61
CA GLU D 1098 -0.13 16.40 -68.96
C GLU D 1098 0.42 15.09 -68.38
N LEU D 1099 -0.03 14.76 -67.17
CA LEU D 1099 0.41 13.54 -66.50
C LEU D 1099 -0.17 12.35 -67.24
N ASN D 1100 -1.41 12.48 -67.70
CA ASN D 1100 -2.04 11.40 -68.42
C ASN D 1100 -1.44 11.21 -69.79
N LYS D 1101 -0.92 12.29 -70.38
CA LYS D 1101 -0.30 12.19 -71.68
C LYS D 1101 0.95 11.35 -71.45
N LEU D 1102 1.63 11.62 -70.34
CA LEU D 1102 2.83 10.88 -69.97
C LEU D 1102 2.45 9.44 -69.67
N PHE D 1103 1.26 9.27 -69.10
CA PHE D 1103 0.77 7.93 -68.78
C PHE D 1103 0.63 7.14 -70.09
N ARG D 1104 -0.22 7.64 -70.98
CA ARG D 1104 -0.45 6.99 -72.28
C ARG D 1104 0.86 6.66 -72.98
N GLU D 1105 1.79 7.60 -72.93
CA GLU D 1105 3.08 7.41 -73.55
C GLU D 1105 3.86 6.28 -72.88
N GLU D 1106 3.80 6.25 -71.55
CA GLU D 1106 4.49 5.24 -70.76
C GLU D 1106 4.12 3.81 -71.17
N LEU D 1107 2.82 3.53 -71.16
CA LEU D 1107 2.36 2.19 -71.51
C LEU D 1107 2.46 1.85 -73.00
N GLU D 1108 3.04 2.74 -73.79
CA GLU D 1108 3.20 2.46 -75.20
C GLU D 1108 4.61 1.93 -75.42
N ALA D 1109 5.41 2.04 -74.38
CA ALA D 1109 6.78 1.51 -74.42
C ALA D 1109 6.57 0.08 -73.93
N ARG D 1110 5.29 -0.24 -73.70
CA ARG D 1110 4.86 -1.54 -73.23
C ARG D 1110 4.56 -2.46 -74.41
N LYS D 1111 5.10 -2.11 -75.57
CA LYS D 1111 4.92 -2.91 -76.78
C LYS D 1111 6.31 -3.29 -77.32
N GLN D 1112 7.22 -2.32 -77.30
CA GLN D 1112 8.58 -2.54 -77.77
C GLN D 1112 9.54 -2.71 -76.60
#